data_2TPK
# 
_entry.id   2TPK 
# 
_audit_conform.dict_name       mmcif_pdbx.dic 
_audit_conform.dict_version    5.383 
_audit_conform.dict_location   http://mmcif.pdb.org/dictionaries/ascii/mmcif_pdbx.dic 
# 
loop_
_database_2.database_id 
_database_2.database_code 
_database_2.pdbx_database_accession 
_database_2.pdbx_DOI 
PDB   2TPK         pdb_00002tpk 10.2210/pdb2tpk/pdb 
RCSB  RCSB008047   ?            ?                   
WWPDB D_1000008047 ?            ?                   
# 
loop_
_pdbx_audit_revision_history.ordinal 
_pdbx_audit_revision_history.data_content_type 
_pdbx_audit_revision_history.major_revision 
_pdbx_audit_revision_history.minor_revision 
_pdbx_audit_revision_history.revision_date 
1 'Structure model' 1 0 1998-11-04 
2 'Structure model' 1 1 2008-04-27 
3 'Structure model' 1 2 2011-07-13 
4 'Structure model' 1 3 2011-12-07 
5 'Structure model' 1 4 2023-12-27 
# 
_pdbx_audit_revision_details.ordinal             1 
_pdbx_audit_revision_details.revision_ordinal    1 
_pdbx_audit_revision_details.data_content_type   'Structure model' 
_pdbx_audit_revision_details.provider            repository 
_pdbx_audit_revision_details.type                'Initial release' 
_pdbx_audit_revision_details.description         ? 
_pdbx_audit_revision_details.details             ? 
# 
loop_
_pdbx_audit_revision_group.ordinal 
_pdbx_audit_revision_group.revision_ordinal 
_pdbx_audit_revision_group.data_content_type 
_pdbx_audit_revision_group.group 
1 2 'Structure model' 'Version format compliance' 
2 3 'Structure model' 'Version format compliance' 
3 4 'Structure model' 'Database references'       
4 5 'Structure model' 'Data collection'           
5 5 'Structure model' 'Database references'       
# 
loop_
_pdbx_audit_revision_category.ordinal 
_pdbx_audit_revision_category.revision_ordinal 
_pdbx_audit_revision_category.data_content_type 
_pdbx_audit_revision_category.category 
1 5 'Structure model' chem_comp_atom    
2 5 'Structure model' chem_comp_bond    
3 5 'Structure model' database_2        
4 5 'Structure model' pdbx_nmr_software 
# 
loop_
_pdbx_audit_revision_item.ordinal 
_pdbx_audit_revision_item.revision_ordinal 
_pdbx_audit_revision_item.data_content_type 
_pdbx_audit_revision_item.item 
1 5 'Structure model' '_database_2.pdbx_DOI'                
2 5 'Structure model' '_database_2.pdbx_database_accession' 
3 5 'Structure model' '_pdbx_nmr_software.name'             
# 
_pdbx_database_status.status_code                     REL 
_pdbx_database_status.entry_id                        2TPK 
_pdbx_database_status.recvd_initial_deposition_date   1998-10-28 
_pdbx_database_status.deposit_site                    BNL 
_pdbx_database_status.process_site                    RCSB 
_pdbx_database_status.SG_entry                        . 
_pdbx_database_status.status_code_sf                  ? 
_pdbx_database_status.status_code_mr                  ? 
_pdbx_database_status.status_code_cs                  ? 
_pdbx_database_status.pdb_format_compatible           Y 
_pdbx_database_status.status_code_nmr_data            ? 
_pdbx_database_status.methods_development_category    ? 
# 
loop_
_audit_author.name 
_audit_author.pdbx_ordinal 
'Holland, J.A.' 1 
'Hansen, M.R.'  2 
'Du, Z.'        3 
'Hoffman, D.W.' 4 
# 
loop_
_citation.id 
_citation.title 
_citation.journal_abbrev 
_citation.journal_volume 
_citation.page_first 
_citation.page_last 
_citation.year 
_citation.journal_id_ASTM 
_citation.country 
_citation.journal_id_ISSN 
_citation.journal_id_CSD 
_citation.book_publisher 
_citation.pdbx_database_id_PubMed 
_citation.pdbx_database_id_DOI 
primary 
;An examination of coaxial stacking of helical stems in a pseudoknot motif: the gene 32 messenger RNA pseudoknot of bacteriophage T2.
;
Rna                  5  257  271 1999 RNARFU UK 1355-8382 2122 ? 10024177 10.1017/S1355838299981360 
1       
;An NMR and Mutational Study of the Pseudoknot within the Gene 32 Mrna of Bacteriophage T2: Insights Into a Family of Structurally Related RNA Pseudoknots
;
'Nucleic Acids Res.' 25 1130 ?   1997 NARHAD UK 0305-1048 0389 ? ?        ?                         
# 
loop_
_citation_author.citation_id 
_citation_author.name 
_citation_author.ordinal 
_citation_author.identifier_ORCID 
primary 'Holland, J.A.' 1 ? 
primary 'Hansen, M.R.'  2 ? 
primary 'Du, Z.'        3 ? 
primary 'Hoffman, D.W.' 4 ? 
1       'Du, Z.'        5 ? 
1       'Hoffman, D.W.' 6 ? 
# 
_entity.id                         1 
_entity.type                       polymer 
_entity.src_method                 syn 
_entity.pdbx_description           'RNA (MRNA PSEUDOKNOT)' 
_entity.formula_weight             11509.891 
_entity.pdbx_number_of_molecules   1 
_entity.pdbx_ec                    ? 
_entity.pdbx_mutation              ? 
_entity.pdbx_fragment              ? 
_entity.details                    ? 
# 
_entity_poly.entity_id                      1 
_entity_poly.type                           polyribonucleotide 
_entity_poly.nstd_linkage                   no 
_entity_poly.nstd_monomer                   no 
_entity_poly.pdbx_seq_one_letter_code       GCUGACCAGCUAUGAGGUCAUACAUCGUCAUAGCAC 
_entity_poly.pdbx_seq_one_letter_code_can   GCUGACCAGCUAUGAGGUCAUACAUCGUCAUAGCAC 
_entity_poly.pdbx_strand_id                 A 
_entity_poly.pdbx_target_identifier         ? 
# 
loop_
_entity_poly_seq.entity_id 
_entity_poly_seq.num 
_entity_poly_seq.mon_id 
_entity_poly_seq.hetero 
1 1  G n 
1 2  C n 
1 3  U n 
1 4  G n 
1 5  A n 
1 6  C n 
1 7  C n 
1 8  A n 
1 9  G n 
1 10 C n 
1 11 U n 
1 12 A n 
1 13 U n 
1 14 G n 
1 15 A n 
1 16 G n 
1 17 G n 
1 18 U n 
1 19 C n 
1 20 A n 
1 21 U n 
1 22 A n 
1 23 C n 
1 24 A n 
1 25 U n 
1 26 C n 
1 27 G n 
1 28 U n 
1 29 C n 
1 30 A n 
1 31 U n 
1 32 A n 
1 33 G n 
1 34 C n 
1 35 A n 
1 36 C n 
# 
_pdbx_entity_src_syn.entity_id              1 
_pdbx_entity_src_syn.pdbx_src_id            1 
_pdbx_entity_src_syn.pdbx_alt_source_flag   sample 
_pdbx_entity_src_syn.pdbx_beg_seq_num       ? 
_pdbx_entity_src_syn.pdbx_end_seq_num       ? 
_pdbx_entity_src_syn.organism_scientific    ? 
_pdbx_entity_src_syn.organism_common_name   ? 
_pdbx_entity_src_syn.ncbi_taxonomy_id       ? 
_pdbx_entity_src_syn.details                'RNA WAS CHEMICALLY SYNTHESIZED FROM GENE 32 OF BACTERIOPHAGE T2.' 
# 
loop_
_chem_comp.id 
_chem_comp.type 
_chem_comp.mon_nstd_flag 
_chem_comp.name 
_chem_comp.pdbx_synonyms 
_chem_comp.formula 
_chem_comp.formula_weight 
A 'RNA linking' y "ADENOSINE-5'-MONOPHOSPHATE" ? 'C10 H14 N5 O7 P' 347.221 
C 'RNA linking' y "CYTIDINE-5'-MONOPHOSPHATE"  ? 'C9 H14 N3 O8 P'  323.197 
G 'RNA linking' y "GUANOSINE-5'-MONOPHOSPHATE" ? 'C10 H14 N5 O8 P' 363.221 
U 'RNA linking' y "URIDINE-5'-MONOPHOSPHATE"   ? 'C9 H13 N2 O9 P'  324.181 
# 
loop_
_pdbx_poly_seq_scheme.asym_id 
_pdbx_poly_seq_scheme.entity_id 
_pdbx_poly_seq_scheme.seq_id 
_pdbx_poly_seq_scheme.mon_id 
_pdbx_poly_seq_scheme.ndb_seq_num 
_pdbx_poly_seq_scheme.pdb_seq_num 
_pdbx_poly_seq_scheme.auth_seq_num 
_pdbx_poly_seq_scheme.pdb_mon_id 
_pdbx_poly_seq_scheme.auth_mon_id 
_pdbx_poly_seq_scheme.pdb_strand_id 
_pdbx_poly_seq_scheme.pdb_ins_code 
_pdbx_poly_seq_scheme.hetero 
A 1 1  G 1  1  1  G G A . n 
A 1 2  C 2  2  2  C C A . n 
A 1 3  U 3  3  3  U U A . n 
A 1 4  G 4  4  4  G G A . n 
A 1 5  A 5  5  5  A A A . n 
A 1 6  C 6  6  6  C C A . n 
A 1 7  C 7  7  7  C C A . n 
A 1 8  A 8  8  8  A A A . n 
A 1 9  G 9  9  9  G G A . n 
A 1 10 C 10 10 10 C C A . n 
A 1 11 U 11 11 11 U U A . n 
A 1 12 A 12 12 12 A A A . n 
A 1 13 U 13 13 13 U U A . n 
A 1 14 G 14 14 14 G G A . n 
A 1 15 A 15 15 15 A A A . n 
A 1 16 G 16 16 16 G G A . n 
A 1 17 G 17 17 17 G G A . n 
A 1 18 U 18 18 18 U U A . n 
A 1 19 C 19 19 19 C C A . n 
A 1 20 A 20 20 20 A A A . n 
A 1 21 U 21 21 21 U U A . n 
A 1 22 A 22 22 22 A A A . n 
A 1 23 C 23 23 23 C C A . n 
A 1 24 A 24 24 24 A A A . n 
A 1 25 U 25 25 25 U U A . n 
A 1 26 C 26 26 26 C C A . n 
A 1 27 G 27 27 27 G G A . n 
A 1 28 U 28 28 28 U U A . n 
A 1 29 C 29 29 29 C C A . n 
A 1 30 A 30 30 30 A A A . n 
A 1 31 U 31 31 31 U U A . n 
A 1 32 A 32 32 32 A A A . n 
A 1 33 G 33 33 33 G G A . n 
A 1 34 C 34 34 34 C C A . n 
A 1 35 A 35 35 35 A A A . n 
A 1 36 C 36 36 36 C C A . n 
# 
_cell.entry_id           2TPK 
_cell.length_a           1.000 
_cell.length_b           1.000 
_cell.length_c           1.000 
_cell.angle_alpha        90.00 
_cell.angle_beta         90.00 
_cell.angle_gamma        90.00 
_cell.Z_PDB              1 
_cell.pdbx_unique_axis   ? 
# 
_symmetry.entry_id                         2TPK 
_symmetry.space_group_name_H-M             'P 1' 
_symmetry.pdbx_full_space_group_name_H-M   ? 
_symmetry.cell_setting                     ? 
_symmetry.Int_Tables_number                1 
# 
_exptl.entry_id          2TPK 
_exptl.method            'SOLUTION NMR' 
_exptl.crystals_number   ? 
# 
_struct.entry_id                  2TPK 
_struct.title                     
;AN INVESTIGATION OF THE STRUCTURE OF THE PSEUDOKNOT WITHIN THE GENE 32 MESSENGER RNA OF BACTERIOPHAGE T2 USING HETERONUCLEAR NMR METHODS
;
_struct.pdbx_model_details        ? 
_struct.pdbx_CASP_flag            ? 
_struct.pdbx_model_type_details   ? 
# 
_struct_keywords.entry_id        2TPK 
_struct_keywords.pdbx_keywords   RNA 
_struct_keywords.text            'PSEUDOKNOT, T2, RNA, RIBONUCLEIC ACID' 
# 
_struct_asym.id                            A 
_struct_asym.pdbx_blank_PDB_chainid_flag   N 
_struct_asym.pdbx_modified                 N 
_struct_asym.entity_id                     1 
_struct_asym.details                       ? 
# 
_struct_ref.id                         1 
_struct_ref.entity_id                  1 
_struct_ref.db_name                    PDB 
_struct_ref.db_code                    2TPK 
_struct_ref.pdbx_db_accession          2TPK 
_struct_ref.pdbx_align_begin           ? 
_struct_ref.pdbx_seq_one_letter_code   ? 
_struct_ref.pdbx_db_isoform            ? 
# 
_struct_ref_seq.align_id                      1 
_struct_ref_seq.ref_id                        1 
_struct_ref_seq.pdbx_PDB_id_code              2TPK 
_struct_ref_seq.pdbx_strand_id                A 
_struct_ref_seq.seq_align_beg                 1 
_struct_ref_seq.pdbx_seq_align_beg_ins_code   ? 
_struct_ref_seq.seq_align_end                 36 
_struct_ref_seq.pdbx_seq_align_end_ins_code   ? 
_struct_ref_seq.pdbx_db_accession             2TPK 
_struct_ref_seq.db_align_beg                  1 
_struct_ref_seq.pdbx_db_align_beg_ins_code    ? 
_struct_ref_seq.db_align_end                  36 
_struct_ref_seq.pdbx_db_align_end_ins_code    ? 
_struct_ref_seq.pdbx_auth_seq_align_beg       1 
_struct_ref_seq.pdbx_auth_seq_align_end       36 
# 
_pdbx_struct_assembly.id                   1 
_pdbx_struct_assembly.details              author_defined_assembly 
_pdbx_struct_assembly.method_details       ? 
_pdbx_struct_assembly.oligomeric_details   monomeric 
_pdbx_struct_assembly.oligomeric_count     1 
# 
_pdbx_struct_assembly_gen.assembly_id       1 
_pdbx_struct_assembly_gen.oper_expression   1 
_pdbx_struct_assembly_gen.asym_id_list      A 
# 
_pdbx_struct_oper_list.id                   1 
_pdbx_struct_oper_list.type                 'identity operation' 
_pdbx_struct_oper_list.name                 1_555 
_pdbx_struct_oper_list.symmetry_operation   x,y,z 
_pdbx_struct_oper_list.matrix[1][1]         1.0000000000 
_pdbx_struct_oper_list.matrix[1][2]         0.0000000000 
_pdbx_struct_oper_list.matrix[1][3]         0.0000000000 
_pdbx_struct_oper_list.vector[1]            0.0000000000 
_pdbx_struct_oper_list.matrix[2][1]         0.0000000000 
_pdbx_struct_oper_list.matrix[2][2]         1.0000000000 
_pdbx_struct_oper_list.matrix[2][3]         0.0000000000 
_pdbx_struct_oper_list.vector[2]            0.0000000000 
_pdbx_struct_oper_list.matrix[3][1]         0.0000000000 
_pdbx_struct_oper_list.matrix[3][2]         0.0000000000 
_pdbx_struct_oper_list.matrix[3][3]         1.0000000000 
_pdbx_struct_oper_list.vector[3]            0.0000000000 
# 
_struct_biol.id        1 
_struct_biol.details   ? 
# 
loop_
_struct_conn.id 
_struct_conn.conn_type_id 
_struct_conn.pdbx_leaving_atom_flag 
_struct_conn.pdbx_PDB_id 
_struct_conn.ptnr1_label_asym_id 
_struct_conn.ptnr1_label_comp_id 
_struct_conn.ptnr1_label_seq_id 
_struct_conn.ptnr1_label_atom_id 
_struct_conn.pdbx_ptnr1_label_alt_id 
_struct_conn.pdbx_ptnr1_PDB_ins_code 
_struct_conn.pdbx_ptnr1_standard_comp_id 
_struct_conn.ptnr1_symmetry 
_struct_conn.ptnr2_label_asym_id 
_struct_conn.ptnr2_label_comp_id 
_struct_conn.ptnr2_label_seq_id 
_struct_conn.ptnr2_label_atom_id 
_struct_conn.pdbx_ptnr2_label_alt_id 
_struct_conn.pdbx_ptnr2_PDB_ins_code 
_struct_conn.ptnr1_auth_asym_id 
_struct_conn.ptnr1_auth_comp_id 
_struct_conn.ptnr1_auth_seq_id 
_struct_conn.ptnr2_auth_asym_id 
_struct_conn.ptnr2_auth_comp_id 
_struct_conn.ptnr2_auth_seq_id 
_struct_conn.ptnr2_symmetry 
_struct_conn.pdbx_ptnr3_label_atom_id 
_struct_conn.pdbx_ptnr3_label_seq_id 
_struct_conn.pdbx_ptnr3_label_comp_id 
_struct_conn.pdbx_ptnr3_label_asym_id 
_struct_conn.pdbx_ptnr3_label_alt_id 
_struct_conn.pdbx_ptnr3_PDB_ins_code 
_struct_conn.details 
_struct_conn.pdbx_dist_value 
_struct_conn.pdbx_value_order 
_struct_conn.pdbx_role 
hydrog1  hydrog ? ? A U 3  N3 ? ? ? 1_555 A A 20 N1 ? ? A U 3  A A 20 1_555 ? ? ? ? ? ? WATSON-CRICK  ? ? ? 
hydrog2  hydrog ? ? A U 3  O4 ? ? ? 1_555 A A 20 N6 ? ? A U 3  A A 20 1_555 ? ? ? ? ? ? WATSON-CRICK  ? ? ? 
hydrog3  hydrog ? ? A U 3  O2 ? ? ? 1_555 A A 22 N6 ? ? A U 3  A A 22 1_555 ? ? ? ? ? ? 'U-A PAIR'    ? ? ? 
hydrog4  hydrog ? ? A G 4  N1 ? ? ? 1_555 A C 19 N3 ? ? A G 4  A C 19 1_555 ? ? ? ? ? ? WATSON-CRICK  ? ? ? 
hydrog5  hydrog ? ? A G 4  N2 ? ? ? 1_555 A C 19 O2 ? ? A G 4  A C 19 1_555 ? ? ? ? ? ? WATSON-CRICK  ? ? ? 
hydrog6  hydrog ? ? A G 4  O6 ? ? ? 1_555 A C 19 N4 ? ? A G 4  A C 19 1_555 ? ? ? ? ? ? WATSON-CRICK  ? ? ? 
hydrog7  hydrog ? ? A A 5  N1 ? ? ? 1_555 A U 18 N3 ? ? A A 5  A U 18 1_555 ? ? ? ? ? ? WATSON-CRICK  ? ? ? 
hydrog8  hydrog ? ? A A 5  N6 ? ? ? 1_555 A U 18 O4 ? ? A A 5  A U 18 1_555 ? ? ? ? ? ? WATSON-CRICK  ? ? ? 
hydrog9  hydrog ? ? A C 6  N3 ? ? ? 1_555 A G 17 N1 ? ? A C 6  A G 17 1_555 ? ? ? ? ? ? WATSON-CRICK  ? ? ? 
hydrog10 hydrog ? ? A C 6  N4 ? ? ? 1_555 A G 17 O6 ? ? A C 6  A G 17 1_555 ? ? ? ? ? ? WATSON-CRICK  ? ? ? 
hydrog11 hydrog ? ? A C 6  O2 ? ? ? 1_555 A G 17 N2 ? ? A C 6  A G 17 1_555 ? ? ? ? ? ? WATSON-CRICK  ? ? ? 
hydrog12 hydrog ? ? A C 7  N3 ? ? ? 1_555 A G 16 N1 ? ? A C 7  A G 16 1_555 ? ? ? ? ? ? WATSON-CRICK  ? ? ? 
hydrog13 hydrog ? ? A C 7  N4 ? ? ? 1_555 A G 16 O6 ? ? A C 7  A G 16 1_555 ? ? ? ? ? ? WATSON-CRICK  ? ? ? 
hydrog14 hydrog ? ? A C 7  O2 ? ? ? 1_555 A G 16 N2 ? ? A C 7  A G 16 1_555 ? ? ? ? ? ? WATSON-CRICK  ? ? ? 
hydrog15 hydrog ? ? A C 7  O2 ? ? ? 1_555 A C 26 N4 ? ? A C 7  A C 26 1_555 ? ? ? ? ? ? 'C-C MISPAIR' ? ? ? 
hydrog16 hydrog ? ? A A 8  N6 ? ? ? 1_555 A U 11 O4 ? ? A A 8  A U 11 1_555 ? ? ? ? ? ? 'A-U PAIR'    ? ? ? 
hydrog17 hydrog ? ? A G 9  N1 ? ? ? 1_555 A C 34 N3 ? ? A G 9  A C 34 1_555 ? ? ? ? ? ? WATSON-CRICK  ? ? ? 
hydrog18 hydrog ? ? A G 9  N2 ? ? ? 1_555 A C 34 O2 ? ? A G 9  A C 34 1_555 ? ? ? ? ? ? WATSON-CRICK  ? ? ? 
hydrog19 hydrog ? ? A G 9  O6 ? ? ? 1_555 A C 34 N4 ? ? A G 9  A C 34 1_555 ? ? ? ? ? ? WATSON-CRICK  ? ? ? 
hydrog20 hydrog ? ? A C 10 N3 ? ? ? 1_555 A G 33 N1 ? ? A C 10 A G 33 1_555 ? ? ? ? ? ? WATSON-CRICK  ? ? ? 
hydrog21 hydrog ? ? A C 10 N4 ? ? ? 1_555 A G 33 O6 ? ? A C 10 A G 33 1_555 ? ? ? ? ? ? WATSON-CRICK  ? ? ? 
hydrog22 hydrog ? ? A C 10 O2 ? ? ? 1_555 A G 33 N2 ? ? A C 10 A G 33 1_555 ? ? ? ? ? ? WATSON-CRICK  ? ? ? 
hydrog23 hydrog ? ? A U 11 N3 ? ? ? 1_555 A A 32 N1 ? ? A U 11 A A 32 1_555 ? ? ? ? ? ? WATSON-CRICK  ? ? ? 
hydrog24 hydrog ? ? A U 11 O4 ? ? ? 1_555 A A 32 N6 ? ? A U 11 A A 32 1_555 ? ? ? ? ? ? WATSON-CRICK  ? ? ? 
hydrog25 hydrog ? ? A A 12 N1 ? ? ? 1_555 A U 31 N3 ? ? A A 12 A U 31 1_555 ? ? ? ? ? ? WATSON-CRICK  ? ? ? 
hydrog26 hydrog ? ? A A 12 N6 ? ? ? 1_555 A U 31 O4 ? ? A A 12 A U 31 1_555 ? ? ? ? ? ? WATSON-CRICK  ? ? ? 
hydrog27 hydrog ? ? A U 13 N3 ? ? ? 1_555 A A 30 N1 ? ? A U 13 A A 30 1_555 ? ? ? ? ? ? WATSON-CRICK  ? ? ? 
hydrog28 hydrog ? ? A U 13 O4 ? ? ? 1_555 A A 30 N6 ? ? A U 13 A A 30 1_555 ? ? ? ? ? ? WATSON-CRICK  ? ? ? 
hydrog29 hydrog ? ? A G 14 N1 ? ? ? 1_555 A C 29 N3 ? ? A G 14 A C 29 1_555 ? ? ? ? ? ? WATSON-CRICK  ? ? ? 
hydrog30 hydrog ? ? A G 14 N2 ? ? ? 1_555 A C 29 O2 ? ? A G 14 A C 29 1_555 ? ? ? ? ? ? WATSON-CRICK  ? ? ? 
hydrog31 hydrog ? ? A G 14 O6 ? ? ? 1_555 A C 29 N4 ? ? A G 14 A C 29 1_555 ? ? ? ? ? ? WATSON-CRICK  ? ? ? 
hydrog32 hydrog ? ? A A 15 N1 ? ? ? 1_555 A U 28 N3 ? ? A A 15 A U 28 1_555 ? ? ? ? ? ? WATSON-CRICK  ? ? ? 
hydrog33 hydrog ? ? A A 15 N6 ? ? ? 1_555 A U 28 O4 ? ? A A 15 A U 28 1_555 ? ? ? ? ? ? WATSON-CRICK  ? ? ? 
hydrog34 hydrog ? ? A G 17 N2 ? ? ? 1_555 A U 25 O4 ? ? A G 17 A U 25 1_555 ? ? ? ? ? ? 'G-U MISPAIR' ? ? ? 
hydrog35 hydrog ? ? A G 17 N2 ? ? ? 1_555 A C 26 N3 ? ? A G 17 A C 26 1_555 ? ? ? ? ? ? 'G-C PAIR'    ? ? ? 
hydrog36 hydrog ? ? A U 18 O2 ? ? ? 1_555 A A 24 N6 ? ? A U 18 A A 24 1_555 ? ? ? ? ? ? 'U-A PAIR'    ? ? ? 
# 
_struct_conn_type.id          hydrog 
_struct_conn_type.criteria    ? 
_struct_conn_type.reference   ? 
# 
_pdbx_validate_close_contact.id               1 
_pdbx_validate_close_contact.PDB_model_num    1 
_pdbx_validate_close_contact.auth_atom_id_1   "HO2'" 
_pdbx_validate_close_contact.auth_asym_id_1   A 
_pdbx_validate_close_contact.auth_comp_id_1   A 
_pdbx_validate_close_contact.auth_seq_id_1    22 
_pdbx_validate_close_contact.PDB_ins_code_1   ? 
_pdbx_validate_close_contact.label_alt_id_1   ? 
_pdbx_validate_close_contact.auth_atom_id_2   "O5'" 
_pdbx_validate_close_contact.auth_asym_id_2   A 
_pdbx_validate_close_contact.auth_comp_id_2   C 
_pdbx_validate_close_contact.auth_seq_id_2    23 
_pdbx_validate_close_contact.PDB_ins_code_2   ? 
_pdbx_validate_close_contact.label_alt_id_2   ? 
_pdbx_validate_close_contact.dist             1.37 
# 
loop_
_pdbx_validate_rmsd_angle.id 
_pdbx_validate_rmsd_angle.PDB_model_num 
_pdbx_validate_rmsd_angle.auth_atom_id_1 
_pdbx_validate_rmsd_angle.auth_asym_id_1 
_pdbx_validate_rmsd_angle.auth_comp_id_1 
_pdbx_validate_rmsd_angle.auth_seq_id_1 
_pdbx_validate_rmsd_angle.PDB_ins_code_1 
_pdbx_validate_rmsd_angle.label_alt_id_1 
_pdbx_validate_rmsd_angle.auth_atom_id_2 
_pdbx_validate_rmsd_angle.auth_asym_id_2 
_pdbx_validate_rmsd_angle.auth_comp_id_2 
_pdbx_validate_rmsd_angle.auth_seq_id_2 
_pdbx_validate_rmsd_angle.PDB_ins_code_2 
_pdbx_validate_rmsd_angle.label_alt_id_2 
_pdbx_validate_rmsd_angle.auth_atom_id_3 
_pdbx_validate_rmsd_angle.auth_asym_id_3 
_pdbx_validate_rmsd_angle.auth_comp_id_3 
_pdbx_validate_rmsd_angle.auth_seq_id_3 
_pdbx_validate_rmsd_angle.PDB_ins_code_3 
_pdbx_validate_rmsd_angle.label_alt_id_3 
_pdbx_validate_rmsd_angle.angle_value 
_pdbx_validate_rmsd_angle.angle_target_value 
_pdbx_validate_rmsd_angle.angle_deviation 
_pdbx_validate_rmsd_angle.angle_standard_deviation 
_pdbx_validate_rmsd_angle.linker_flag 
1  1 N7    A G 1  ? ? C8    A G 1  ? ? N9    A G 1  ? ? 117.73 113.10 4.63  0.50 N 
2  1 C8    A G 1  ? ? N9    A G 1  ? ? C4    A G 1  ? ? 103.67 106.40 -2.73 0.40 N 
3  1 N7    A G 4  ? ? C8    A G 4  ? ? N9    A G 4  ? ? 117.75 113.10 4.65  0.50 N 
4  1 C8    A G 4  ? ? N9    A G 4  ? ? C4    A G 4  ? ? 103.78 106.40 -2.62 0.40 N 
5  1 N7    A A 5  ? ? C8    A A 5  ? ? N9    A A 5  ? ? 117.62 113.80 3.82  0.50 N 
6  1 "C3'" A A 8  ? ? "C2'" A A 8  ? ? "C1'" A A 8  ? ? 106.38 101.50 4.88  0.80 N 
7  1 N7    A A 8  ? ? C8    A A 8  ? ? N9    A A 8  ? ? 117.45 113.80 3.65  0.50 N 
8  1 N7    A G 9  ? ? C8    A G 9  ? ? N9    A G 9  ? ? 117.56 113.10 4.46  0.50 N 
9  1 C8    A G 9  ? ? N9    A G 9  ? ? C4    A G 9  ? ? 103.94 106.40 -2.46 0.40 N 
10 1 N7    A A 12 ? ? C8    A A 12 ? ? N9    A A 12 ? ? 117.51 113.80 3.71  0.50 N 
11 1 N7    A G 14 ? ? C8    A G 14 ? ? N9    A G 14 ? ? 117.71 113.10 4.61  0.50 N 
12 1 C8    A G 14 ? ? N9    A G 14 ? ? C4    A G 14 ? ? 103.70 106.40 -2.70 0.40 N 
13 1 N7    A A 15 ? ? C8    A A 15 ? ? N9    A A 15 ? ? 117.42 113.80 3.62  0.50 N 
14 1 N7    A G 16 ? ? C8    A G 16 ? ? N9    A G 16 ? ? 117.69 113.10 4.59  0.50 N 
15 1 C8    A G 16 ? ? N9    A G 16 ? ? C4    A G 16 ? ? 103.86 106.40 -2.54 0.40 N 
16 1 N7    A G 17 ? ? C8    A G 17 ? ? N9    A G 17 ? ? 117.70 113.10 4.60  0.50 N 
17 1 C8    A G 17 ? ? N9    A G 17 ? ? C4    A G 17 ? ? 103.86 106.40 -2.54 0.40 N 
18 1 N7    A A 20 ? ? C8    A A 20 ? ? N9    A A 20 ? ? 117.58 113.80 3.78  0.50 N 
19 1 N7    A A 22 ? ? C8    A A 22 ? ? N9    A A 22 ? ? 117.56 113.80 3.76  0.50 N 
20 1 N7    A A 24 ? ? C8    A A 24 ? ? N9    A A 24 ? ? 117.56 113.80 3.76  0.50 N 
21 1 "O4'" A G 27 ? ? "C1'" A G 27 ? ? N9    A G 27 ? ? 113.00 108.50 4.50  0.70 N 
22 1 N7    A G 27 ? ? C8    A G 27 ? ? N9    A G 27 ? ? 117.43 113.10 4.33  0.50 N 
23 1 C8    A G 27 ? ? N9    A G 27 ? ? C4    A G 27 ? ? 103.92 106.40 -2.48 0.40 N 
24 1 N7    A A 30 ? ? C8    A A 30 ? ? N9    A A 30 ? ? 117.60 113.80 3.80  0.50 N 
25 1 N7    A A 32 ? ? C8    A A 32 ? ? N9    A A 32 ? ? 117.64 113.80 3.84  0.50 N 
26 1 N7    A G 33 ? ? C8    A G 33 ? ? N9    A G 33 ? ? 117.80 113.10 4.70  0.50 N 
27 1 C8    A G 33 ? ? N9    A G 33 ? ? C4    A G 33 ? ? 103.65 106.40 -2.75 0.40 N 
28 1 N7    A A 35 ? ? C8    A A 35 ? ? N9    A A 35 ? ? 117.56 113.80 3.76  0.50 N 
# 
_pdbx_nmr_ensemble.entry_id                                      2TPK 
_pdbx_nmr_ensemble.conformers_calculated_total_number            19 
_pdbx_nmr_ensemble.conformers_submitted_total_number             1 
_pdbx_nmr_ensemble.conformer_selection_criteria                  ? 
_pdbx_nmr_ensemble.average_constraints_per_residue               ? 
_pdbx_nmr_ensemble.average_constraint_violations_per_residue     ? 
_pdbx_nmr_ensemble.maximum_distance_constraint_violation         ? 
_pdbx_nmr_ensemble.average_distance_constraint_violation         ? 
_pdbx_nmr_ensemble.maximum_upper_distance_constraint_violation   ? 
_pdbx_nmr_ensemble.maximum_lower_distance_constraint_violation   ? 
_pdbx_nmr_ensemble.distance_constraint_violation_method          ? 
_pdbx_nmr_ensemble.maximum_torsion_angle_constraint_violation    ? 
_pdbx_nmr_ensemble.average_torsion_angle_constraint_violation    ? 
_pdbx_nmr_ensemble.torsion_angle_constraint_violation_method     ? 
# 
_pdbx_nmr_exptl_sample_conditions.conditions_id       1 
_pdbx_nmr_exptl_sample_conditions.temperature         293 
_pdbx_nmr_exptl_sample_conditions.pressure            ? 
_pdbx_nmr_exptl_sample_conditions.pH                  6.5 
_pdbx_nmr_exptl_sample_conditions.ionic_strength      ? 
_pdbx_nmr_exptl_sample_conditions.pressure_units      ? 
_pdbx_nmr_exptl_sample_conditions.temperature_units   K 
# 
loop_
_pdbx_nmr_exptl.experiment_id 
_pdbx_nmr_exptl.conditions_id 
_pdbx_nmr_exptl.type 
_pdbx_nmr_exptl.solution_id 
1 1 NOESY       1 
2 1 DQFCOSY     1 
3 1 TOCSY       1 
4 1 NOESY-TOCSY 1 
5 1 CT-HSQC     1 
6 1 HCCH-COSY   1 
7 1 NOESY-HMQC  1 
8 1 HMQC        1 
# 
_pdbx_nmr_details.entry_id   2TPK 
_pdbx_nmr_details.text       
;THE STRUCTURE WAS DETERMINED USING NMR SPECTROSCOPY ON 13C,15N-LABELED AND 
SELECTIVELY DEUTERATED T2 PSEUDOKNOT SAMPLE
;
# 
_pdbx_nmr_refine.entry_id           2TPK 
_pdbx_nmr_refine.method             'DISTANCE GEOMETRY-SIMULATED ANNEALING AND ENERGY MINIZATION PROTOCOLS' 
_pdbx_nmr_refine.details            'REFINEMNET DETAILS CAN BE FOUND IN THE JRNL CITATION ABOVE.' 
_pdbx_nmr_refine.software_ordinal   1 
# 
loop_
_pdbx_nmr_software.classification 
_pdbx_nmr_software.name 
_pdbx_nmr_software.version 
_pdbx_nmr_software.authors 
_pdbx_nmr_software.ordinal 
refinement           X-PLOR 3.1 BRUNGER 1 
'structure solution' Felix  ?   ?       2 
'structure solution' XPLOR  3.1 BRUNGER 3 
# 
loop_
_chem_comp_atom.comp_id 
_chem_comp_atom.atom_id 
_chem_comp_atom.type_symbol 
_chem_comp_atom.pdbx_aromatic_flag 
_chem_comp_atom.pdbx_stereo_config 
_chem_comp_atom.pdbx_ordinal 
A OP3    O N N 1   
A P      P N N 2   
A OP1    O N N 3   
A OP2    O N N 4   
A "O5'"  O N N 5   
A "C5'"  C N N 6   
A "C4'"  C N R 7   
A "O4'"  O N N 8   
A "C3'"  C N S 9   
A "O3'"  O N N 10  
A "C2'"  C N R 11  
A "O2'"  O N N 12  
A "C1'"  C N R 13  
A N9     N Y N 14  
A C8     C Y N 15  
A N7     N Y N 16  
A C5     C Y N 17  
A C6     C Y N 18  
A N6     N N N 19  
A N1     N Y N 20  
A C2     C Y N 21  
A N3     N Y N 22  
A C4     C Y N 23  
A HOP3   H N N 24  
A HOP2   H N N 25  
A "H5'"  H N N 26  
A "H5''" H N N 27  
A "H4'"  H N N 28  
A "H3'"  H N N 29  
A "HO3'" H N N 30  
A "H2'"  H N N 31  
A "HO2'" H N N 32  
A "H1'"  H N N 33  
A H8     H N N 34  
A H61    H N N 35  
A H62    H N N 36  
A H2     H N N 37  
C OP3    O N N 38  
C P      P N N 39  
C OP1    O N N 40  
C OP2    O N N 41  
C "O5'"  O N N 42  
C "C5'"  C N N 43  
C "C4'"  C N R 44  
C "O4'"  O N N 45  
C "C3'"  C N S 46  
C "O3'"  O N N 47  
C "C2'"  C N R 48  
C "O2'"  O N N 49  
C "C1'"  C N R 50  
C N1     N N N 51  
C C2     C N N 52  
C O2     O N N 53  
C N3     N N N 54  
C C4     C N N 55  
C N4     N N N 56  
C C5     C N N 57  
C C6     C N N 58  
C HOP3   H N N 59  
C HOP2   H N N 60  
C "H5'"  H N N 61  
C "H5''" H N N 62  
C "H4'"  H N N 63  
C "H3'"  H N N 64  
C "HO3'" H N N 65  
C "H2'"  H N N 66  
C "HO2'" H N N 67  
C "H1'"  H N N 68  
C H41    H N N 69  
C H42    H N N 70  
C H5     H N N 71  
C H6     H N N 72  
G OP3    O N N 73  
G P      P N N 74  
G OP1    O N N 75  
G OP2    O N N 76  
G "O5'"  O N N 77  
G "C5'"  C N N 78  
G "C4'"  C N R 79  
G "O4'"  O N N 80  
G "C3'"  C N S 81  
G "O3'"  O N N 82  
G "C2'"  C N R 83  
G "O2'"  O N N 84  
G "C1'"  C N R 85  
G N9     N Y N 86  
G C8     C Y N 87  
G N7     N Y N 88  
G C5     C Y N 89  
G C6     C N N 90  
G O6     O N N 91  
G N1     N N N 92  
G C2     C N N 93  
G N2     N N N 94  
G N3     N N N 95  
G C4     C Y N 96  
G HOP3   H N N 97  
G HOP2   H N N 98  
G "H5'"  H N N 99  
G "H5''" H N N 100 
G "H4'"  H N N 101 
G "H3'"  H N N 102 
G "HO3'" H N N 103 
G "H2'"  H N N 104 
G "HO2'" H N N 105 
G "H1'"  H N N 106 
G H8     H N N 107 
G H1     H N N 108 
G H21    H N N 109 
G H22    H N N 110 
U OP3    O N N 111 
U P      P N N 112 
U OP1    O N N 113 
U OP2    O N N 114 
U "O5'"  O N N 115 
U "C5'"  C N N 116 
U "C4'"  C N R 117 
U "O4'"  O N N 118 
U "C3'"  C N S 119 
U "O3'"  O N N 120 
U "C2'"  C N R 121 
U "O2'"  O N N 122 
U "C1'"  C N R 123 
U N1     N N N 124 
U C2     C N N 125 
U O2     O N N 126 
U N3     N N N 127 
U C4     C N N 128 
U O4     O N N 129 
U C5     C N N 130 
U C6     C N N 131 
U HOP3   H N N 132 
U HOP2   H N N 133 
U "H5'"  H N N 134 
U "H5''" H N N 135 
U "H4'"  H N N 136 
U "H3'"  H N N 137 
U "HO3'" H N N 138 
U "H2'"  H N N 139 
U "HO2'" H N N 140 
U "H1'"  H N N 141 
U H3     H N N 142 
U H5     H N N 143 
U H6     H N N 144 
# 
loop_
_chem_comp_bond.comp_id 
_chem_comp_bond.atom_id_1 
_chem_comp_bond.atom_id_2 
_chem_comp_bond.value_order 
_chem_comp_bond.pdbx_aromatic_flag 
_chem_comp_bond.pdbx_stereo_config 
_chem_comp_bond.pdbx_ordinal 
A OP3   P      sing N N 1   
A OP3   HOP3   sing N N 2   
A P     OP1    doub N N 3   
A P     OP2    sing N N 4   
A P     "O5'"  sing N N 5   
A OP2   HOP2   sing N N 6   
A "O5'" "C5'"  sing N N 7   
A "C5'" "C4'"  sing N N 8   
A "C5'" "H5'"  sing N N 9   
A "C5'" "H5''" sing N N 10  
A "C4'" "O4'"  sing N N 11  
A "C4'" "C3'"  sing N N 12  
A "C4'" "H4'"  sing N N 13  
A "O4'" "C1'"  sing N N 14  
A "C3'" "O3'"  sing N N 15  
A "C3'" "C2'"  sing N N 16  
A "C3'" "H3'"  sing N N 17  
A "O3'" "HO3'" sing N N 18  
A "C2'" "O2'"  sing N N 19  
A "C2'" "C1'"  sing N N 20  
A "C2'" "H2'"  sing N N 21  
A "O2'" "HO2'" sing N N 22  
A "C1'" N9     sing N N 23  
A "C1'" "H1'"  sing N N 24  
A N9    C8     sing Y N 25  
A N9    C4     sing Y N 26  
A C8    N7     doub Y N 27  
A C8    H8     sing N N 28  
A N7    C5     sing Y N 29  
A C5    C6     sing Y N 30  
A C5    C4     doub Y N 31  
A C6    N6     sing N N 32  
A C6    N1     doub Y N 33  
A N6    H61    sing N N 34  
A N6    H62    sing N N 35  
A N1    C2     sing Y N 36  
A C2    N3     doub Y N 37  
A C2    H2     sing N N 38  
A N3    C4     sing Y N 39  
C OP3   P      sing N N 40  
C OP3   HOP3   sing N N 41  
C P     OP1    doub N N 42  
C P     OP2    sing N N 43  
C P     "O5'"  sing N N 44  
C OP2   HOP2   sing N N 45  
C "O5'" "C5'"  sing N N 46  
C "C5'" "C4'"  sing N N 47  
C "C5'" "H5'"  sing N N 48  
C "C5'" "H5''" sing N N 49  
C "C4'" "O4'"  sing N N 50  
C "C4'" "C3'"  sing N N 51  
C "C4'" "H4'"  sing N N 52  
C "O4'" "C1'"  sing N N 53  
C "C3'" "O3'"  sing N N 54  
C "C3'" "C2'"  sing N N 55  
C "C3'" "H3'"  sing N N 56  
C "O3'" "HO3'" sing N N 57  
C "C2'" "O2'"  sing N N 58  
C "C2'" "C1'"  sing N N 59  
C "C2'" "H2'"  sing N N 60  
C "O2'" "HO2'" sing N N 61  
C "C1'" N1     sing N N 62  
C "C1'" "H1'"  sing N N 63  
C N1    C2     sing N N 64  
C N1    C6     sing N N 65  
C C2    O2     doub N N 66  
C C2    N3     sing N N 67  
C N3    C4     doub N N 68  
C C4    N4     sing N N 69  
C C4    C5     sing N N 70  
C N4    H41    sing N N 71  
C N4    H42    sing N N 72  
C C5    C6     doub N N 73  
C C5    H5     sing N N 74  
C C6    H6     sing N N 75  
G OP3   P      sing N N 76  
G OP3   HOP3   sing N N 77  
G P     OP1    doub N N 78  
G P     OP2    sing N N 79  
G P     "O5'"  sing N N 80  
G OP2   HOP2   sing N N 81  
G "O5'" "C5'"  sing N N 82  
G "C5'" "C4'"  sing N N 83  
G "C5'" "H5'"  sing N N 84  
G "C5'" "H5''" sing N N 85  
G "C4'" "O4'"  sing N N 86  
G "C4'" "C3'"  sing N N 87  
G "C4'" "H4'"  sing N N 88  
G "O4'" "C1'"  sing N N 89  
G "C3'" "O3'"  sing N N 90  
G "C3'" "C2'"  sing N N 91  
G "C3'" "H3'"  sing N N 92  
G "O3'" "HO3'" sing N N 93  
G "C2'" "O2'"  sing N N 94  
G "C2'" "C1'"  sing N N 95  
G "C2'" "H2'"  sing N N 96  
G "O2'" "HO2'" sing N N 97  
G "C1'" N9     sing N N 98  
G "C1'" "H1'"  sing N N 99  
G N9    C8     sing Y N 100 
G N9    C4     sing Y N 101 
G C8    N7     doub Y N 102 
G C8    H8     sing N N 103 
G N7    C5     sing Y N 104 
G C5    C6     sing N N 105 
G C5    C4     doub Y N 106 
G C6    O6     doub N N 107 
G C6    N1     sing N N 108 
G N1    C2     sing N N 109 
G N1    H1     sing N N 110 
G C2    N2     sing N N 111 
G C2    N3     doub N N 112 
G N2    H21    sing N N 113 
G N2    H22    sing N N 114 
G N3    C4     sing N N 115 
U OP3   P      sing N N 116 
U OP3   HOP3   sing N N 117 
U P     OP1    doub N N 118 
U P     OP2    sing N N 119 
U P     "O5'"  sing N N 120 
U OP2   HOP2   sing N N 121 
U "O5'" "C5'"  sing N N 122 
U "C5'" "C4'"  sing N N 123 
U "C5'" "H5'"  sing N N 124 
U "C5'" "H5''" sing N N 125 
U "C4'" "O4'"  sing N N 126 
U "C4'" "C3'"  sing N N 127 
U "C4'" "H4'"  sing N N 128 
U "O4'" "C1'"  sing N N 129 
U "C3'" "O3'"  sing N N 130 
U "C3'" "C2'"  sing N N 131 
U "C3'" "H3'"  sing N N 132 
U "O3'" "HO3'" sing N N 133 
U "C2'" "O2'"  sing N N 134 
U "C2'" "C1'"  sing N N 135 
U "C2'" "H2'"  sing N N 136 
U "O2'" "HO2'" sing N N 137 
U "C1'" N1     sing N N 138 
U "C1'" "H1'"  sing N N 139 
U N1    C2     sing N N 140 
U N1    C6     sing N N 141 
U C2    O2     doub N N 142 
U C2    N3     sing N N 143 
U N3    C4     sing N N 144 
U N3    H3     sing N N 145 
U C4    O4     doub N N 146 
U C4    C5     sing N N 147 
U C5    C6     doub N N 148 
U C5    H5     sing N N 149 
U C6    H6     sing N N 150 
# 
loop_
_ndb_struct_conf_na.entry_id 
_ndb_struct_conf_na.feature 
2TPK 'double helix'        
2TPK 'a-form double helix' 
2TPK 'triple helix'        
# 
loop_
_ndb_struct_na_base_pair.model_number 
_ndb_struct_na_base_pair.i_label_asym_id 
_ndb_struct_na_base_pair.i_label_comp_id 
_ndb_struct_na_base_pair.i_label_seq_id 
_ndb_struct_na_base_pair.i_symmetry 
_ndb_struct_na_base_pair.j_label_asym_id 
_ndb_struct_na_base_pair.j_label_comp_id 
_ndb_struct_na_base_pair.j_label_seq_id 
_ndb_struct_na_base_pair.j_symmetry 
_ndb_struct_na_base_pair.shear 
_ndb_struct_na_base_pair.stretch 
_ndb_struct_na_base_pair.stagger 
_ndb_struct_na_base_pair.buckle 
_ndb_struct_na_base_pair.propeller 
_ndb_struct_na_base_pair.opening 
_ndb_struct_na_base_pair.pair_number 
_ndb_struct_na_base_pair.pair_name 
_ndb_struct_na_base_pair.i_auth_asym_id 
_ndb_struct_na_base_pair.i_auth_seq_id 
_ndb_struct_na_base_pair.i_PDB_ins_code 
_ndb_struct_na_base_pair.j_auth_asym_id 
_ndb_struct_na_base_pair.j_auth_seq_id 
_ndb_struct_na_base_pair.j_PDB_ins_code 
_ndb_struct_na_base_pair.hbond_type_28 
_ndb_struct_na_base_pair.hbond_type_12 
1 A U 3  1_555 A A 20 1_555 0.018  -0.081 -0.062 0.780  12.950  -5.460 1  A_U3:A20_A  A 3  ? A 20 ? 20 1 
1 A G 4  1_555 A C 19 1_555 -0.185 -0.230 -0.116 -0.561 9.439   -5.915 2  A_G4:C19_A  A 4  ? A 19 ? 19 1 
1 A A 5  1_555 A U 18 1_555 -0.028 -0.092 -0.120 -1.277 11.031  -5.954 3  A_A5:U18_A  A 5  ? A 18 ? 20 1 
1 A C 6  1_555 A G 17 1_555 0.240  -0.248 -0.126 1.371  12.449  -6.554 4  A_C6:G17_A  A 6  ? A 17 ? 19 1 
1 A C 7  1_555 A G 16 1_555 0.446  -0.156 -0.288 18.353 0.743   -2.288 5  A_C7:G16_A  A 7  ? A 16 ? 19 1 
1 A U 28 1_555 A A 15 1_555 0.130  -0.160 -0.473 13.490 -15.948 1.437  6  A_U28:A15_A A 28 ? A 15 ? 20 1 
1 A C 29 1_555 A G 14 1_555 0.220  -0.240 -0.208 0.496  10.978  -6.302 7  A_C29:G14_A A 29 ? A 14 ? 19 1 
1 A A 30 1_555 A U 13 1_555 0.035  -0.071 -0.124 -0.625 11.338  -5.646 8  A_A30:U13_A A 30 ? A 13 ? 20 1 
1 A U 31 1_555 A A 12 1_555 0.006  -0.078 -0.113 1.417  10.556  -5.869 9  A_U31:A12_A A 31 ? A 12 ? 20 1 
1 A A 32 1_555 A U 11 1_555 -0.041 -0.089 -0.148 -1.442 10.965  -5.784 10 A_A32:U11_A A 32 ? A 11 ? 20 1 
1 A G 33 1_555 A C 10 1_555 -0.274 -0.265 -0.225 0.844  11.454  -6.336 11 A_G33:C10_A A 33 ? A 10 ? 19 1 
1 A C 34 1_555 A G 9  1_555 0.420  -0.265 -0.391 -3.306 1.399   -1.340 12 A_C34:G9_A  A 34 ? A 9  ? 19 1 
# 
loop_
_ndb_struct_na_base_pair_step.model_number 
_ndb_struct_na_base_pair_step.i_label_asym_id_1 
_ndb_struct_na_base_pair_step.i_label_comp_id_1 
_ndb_struct_na_base_pair_step.i_label_seq_id_1 
_ndb_struct_na_base_pair_step.i_symmetry_1 
_ndb_struct_na_base_pair_step.j_label_asym_id_1 
_ndb_struct_na_base_pair_step.j_label_comp_id_1 
_ndb_struct_na_base_pair_step.j_label_seq_id_1 
_ndb_struct_na_base_pair_step.j_symmetry_1 
_ndb_struct_na_base_pair_step.i_label_asym_id_2 
_ndb_struct_na_base_pair_step.i_label_comp_id_2 
_ndb_struct_na_base_pair_step.i_label_seq_id_2 
_ndb_struct_na_base_pair_step.i_symmetry_2 
_ndb_struct_na_base_pair_step.j_label_asym_id_2 
_ndb_struct_na_base_pair_step.j_label_comp_id_2 
_ndb_struct_na_base_pair_step.j_label_seq_id_2 
_ndb_struct_na_base_pair_step.j_symmetry_2 
_ndb_struct_na_base_pair_step.shift 
_ndb_struct_na_base_pair_step.slide 
_ndb_struct_na_base_pair_step.rise 
_ndb_struct_na_base_pair_step.tilt 
_ndb_struct_na_base_pair_step.roll 
_ndb_struct_na_base_pair_step.twist 
_ndb_struct_na_base_pair_step.x_displacement 
_ndb_struct_na_base_pair_step.y_displacement 
_ndb_struct_na_base_pair_step.helical_rise 
_ndb_struct_na_base_pair_step.inclination 
_ndb_struct_na_base_pair_step.tip 
_ndb_struct_na_base_pair_step.helical_twist 
_ndb_struct_na_base_pair_step.step_number 
_ndb_struct_na_base_pair_step.step_name 
_ndb_struct_na_base_pair_step.i_auth_asym_id_1 
_ndb_struct_na_base_pair_step.i_auth_seq_id_1 
_ndb_struct_na_base_pair_step.i_PDB_ins_code_1 
_ndb_struct_na_base_pair_step.j_auth_asym_id_1 
_ndb_struct_na_base_pair_step.j_auth_seq_id_1 
_ndb_struct_na_base_pair_step.j_PDB_ins_code_1 
_ndb_struct_na_base_pair_step.i_auth_asym_id_2 
_ndb_struct_na_base_pair_step.i_auth_seq_id_2 
_ndb_struct_na_base_pair_step.i_PDB_ins_code_2 
_ndb_struct_na_base_pair_step.j_auth_asym_id_2 
_ndb_struct_na_base_pair_step.j_auth_seq_id_2 
_ndb_struct_na_base_pair_step.j_PDB_ins_code_2 
1 A U 3  1_555 A A 20 1_555 A G 4  1_555 A C 19 1_555 0.020  -1.736 3.497 0.679  10.132 29.598 -5.114 0.090  2.766 19.137 -1.282  
31.255 1  AA_U3G4:C19A20_AA   A 3  ? A 20 ? A 4  ? A 19 ? 
1 A G 4  1_555 A C 19 1_555 A A 5  1_555 A U 18 1_555 0.038  -1.627 3.465 -0.140 10.311 32.089 -4.467 -0.088 2.822 18.079 0.245   
33.663 2  AA_G4A5:U18C19_AA   A 4  ? A 19 ? A 5  ? A 18 ? 
1 A A 5  1_555 A U 18 1_555 A C 6  1_555 A G 17 1_555 -0.036 -1.630 3.372 0.181  8.210  32.415 -4.156 0.092  2.884 14.420 -0.318  
33.412 3  AA_A5C6:G17U18_AA   A 5  ? A 18 ? A 6  ? A 17 ? 
1 A C 6  1_555 A G 17 1_555 A C 7  1_555 A G 16 1_555 0.821  -1.285 3.423 10.159 17.786 33.427 -4.059 -0.007 2.584 27.907 -15.941 
39.050 4  AA_C6C7:G16G17_AA   A 6  ? A 17 ? A 7  ? A 16 ? 
1 A C 7  1_555 A G 16 1_555 A U 28 1_555 A A 15 1_555 -1.952 -0.430 3.076 -8.164 9.919  41.124 -1.552 1.868  3.207 13.723 11.295  
43.001 5  AA_C7U28:A15G16_AA  A 7  ? A 16 ? A 28 ? A 15 ? 
1 A U 28 1_555 A A 15 1_555 A C 29 1_555 A G 14 1_555 -1.879 -1.753 3.655 -5.343 11.343 30.294 -5.215 2.343  3.096 20.629 9.718   
32.730 6  AA_U28C29:G14A15_AA A 28 ? A 15 ? A 29 ? A 14 ? 
1 A C 29 1_555 A G 14 1_555 A A 30 1_555 A U 13 1_555 -0.016 -1.698 3.503 -0.697 11.122 29.960 -5.071 -0.095 2.715 20.637 1.292   
31.921 7  AA_C29A30:U13G14_AA A 29 ? A 14 ? A 30 ? A 13 ? 
1 A A 30 1_555 A U 13 1_555 A U 31 1_555 A A 12 1_555 -0.014 -1.674 3.372 0.090  8.308  31.075 -4.461 0.041  2.841 15.170 -0.165  
32.140 8  AA_A30U31:A12U13_AA A 30 ? A 13 ? A 31 ? A 12 ? 
1 A U 31 1_555 A A 12 1_555 A A 32 1_555 A U 11 1_555 0.009  -1.676 3.551 0.069  11.623 30.722 -4.961 -0.004 2.752 21.017 -0.125  
32.798 9  AA_U31A32:U11A12_AA A 31 ? A 12 ? A 32 ? A 11 ? 
1 A A 32 1_555 A U 11 1_555 A G 33 1_555 A C 10 1_555 -0.013 -1.693 3.393 -0.017 9.286  29.705 -4.869 0.020  2.751 17.580 0.032   
31.091 10 AA_A32G33:C10U11_AA A 32 ? A 11 ? A 33 ? A 10 ? 
1 A G 33 1_555 A C 10 1_555 A C 34 1_555 A G 9  1_555 1.389  -2.191 4.169 3.401  -3.003 29.685 -3.408 -1.750 4.491 -5.818 -6.590  
30.022 11 AA_G33C34:G9C10_AA  A 33 ? A 10 ? A 34 ? A 9  ? 
# 
_pdbx_nmr_spectrometer.spectrometer_id   1 
_pdbx_nmr_spectrometer.model             ? 
_pdbx_nmr_spectrometer.manufacturer      Varian 
_pdbx_nmr_spectrometer.field_strength    500 
_pdbx_nmr_spectrometer.type              ? 
# 
_atom_sites.entry_id                    2TPK 
_atom_sites.fract_transf_matrix[1][1]   1.000000 
_atom_sites.fract_transf_matrix[1][2]   0.000000 
_atom_sites.fract_transf_matrix[1][3]   0.000000 
_atom_sites.fract_transf_matrix[2][1]   0.000000 
_atom_sites.fract_transf_matrix[2][2]   1.000000 
_atom_sites.fract_transf_matrix[2][3]   0.000000 
_atom_sites.fract_transf_matrix[3][1]   0.000000 
_atom_sites.fract_transf_matrix[3][2]   0.000000 
_atom_sites.fract_transf_matrix[3][3]   1.000000 
_atom_sites.fract_transf_vector[1]      0.00000 
_atom_sites.fract_transf_vector[2]      0.00000 
_atom_sites.fract_transf_vector[3]      0.00000 
# 
loop_
_atom_type.symbol 
C 
H 
N 
O 
P 
# 
loop_
_atom_site.group_PDB 
_atom_site.id 
_atom_site.type_symbol 
_atom_site.label_atom_id 
_atom_site.label_alt_id 
_atom_site.label_comp_id 
_atom_site.label_asym_id 
_atom_site.label_entity_id 
_atom_site.label_seq_id 
_atom_site.pdbx_PDB_ins_code 
_atom_site.Cartn_x 
_atom_site.Cartn_y 
_atom_site.Cartn_z 
_atom_site.occupancy 
_atom_site.B_iso_or_equiv 
_atom_site.pdbx_formal_charge 
_atom_site.auth_seq_id 
_atom_site.auth_comp_id 
_atom_site.auth_asym_id 
_atom_site.auth_atom_id 
_atom_site.pdbx_PDB_model_num 
ATOM 1    O OP3    . G A 1 1  ? 4.362   -17.850 11.698  1.00 0.00 ? 1  G A OP3    1 
ATOM 2    P P      . G A 1 1  ? 3.538   -18.440 12.943  1.00 0.00 ? 1  G A P      1 
ATOM 3    O OP1    . G A 1 1  ? 3.808   -17.590 14.124  1.00 0.00 ? 1  G A OP1    1 
ATOM 4    O OP2    . G A 1 1  ? 3.784   -19.899 13.008  1.00 0.00 ? 1  G A OP2    1 
ATOM 5    O "O5'"  . G A 1 1  ? 2.014   -18.204 12.484  1.00 0.00 ? 1  G A "O5'"  1 
ATOM 6    C "C5'"  . G A 1 1  ? 0.922   -18.516 13.355  1.00 0.00 ? 1  G A "C5'"  1 
ATOM 7    C "C4'"  . G A 1 1  ? -0.399  -18.554 12.594  1.00 0.00 ? 1  G A "C4'"  1 
ATOM 8    O "O4'"  . G A 1 1  ? -1.496  -18.853 13.482  1.00 0.00 ? 1  G A "O4'"  1 
ATOM 9    C "C3'"  . G A 1 1  ? -0.688  -17.214 11.937  1.00 0.00 ? 1  G A "C3'"  1 
ATOM 10   O "O3'"  . G A 1 1  ? -0.343  -17.227 10.541  1.00 0.00 ? 1  G A "O3'"  1 
ATOM 11   C "C2'"  . G A 1 1  ? -2.164  -16.980 12.139  1.00 0.00 ? 1  G A "C2'"  1 
ATOM 12   O "O2'"  . G A 1 1  ? -2.899  -17.270 10.945  1.00 0.00 ? 1  G A "O2'"  1 
ATOM 13   C "C1'"  . G A 1 1  ? -2.576  -17.919 13.266  1.00 0.00 ? 1  G A "C1'"  1 
ATOM 14   N N9     . G A 1 1  ? -2.871  -17.170 14.505  1.00 0.00 ? 1  G A N9     1 
ATOM 15   C C8     . G A 1 1  ? -3.784  -17.429 15.472  1.00 0.00 ? 1  G A C8     1 
ATOM 16   N N7     . G A 1 1  ? -3.845  -16.615 16.474  1.00 0.00 ? 1  G A N7     1 
ATOM 17   C C5     . G A 1 1  ? -2.849  -15.689 16.147  1.00 0.00 ? 1  G A C5     1 
ATOM 18   C C6     . G A 1 1  ? -2.412  -14.531 16.849  1.00 0.00 ? 1  G A C6     1 
ATOM 19   O O6     . G A 1 1  ? -2.820  -14.084 17.914  1.00 0.00 ? 1  G A O6     1 
ATOM 20   N N1     . G A 1 1  ? -1.391  -13.883 16.174  1.00 0.00 ? 1  G A N1     1 
ATOM 21   C C2     . G A 1 1  ? -0.853  -14.287 14.975  1.00 0.00 ? 1  G A C2     1 
ATOM 22   N N2     . G A 1 1  ? 0.122   -13.535 14.485  1.00 0.00 ? 1  G A N2     1 
ATOM 23   N N3     . G A 1 1  ? -1.252  -15.368 14.307  1.00 0.00 ? 1  G A N3     1 
ATOM 24   C C4     . G A 1 1  ? -2.248  -16.022 14.943  1.00 0.00 ? 1  G A C4     1 
ATOM 25   H "H5'"  . G A 1 1  ? 0.861   -17.759 14.139  1.00 0.00 ? 1  G A "H5'"  1 
ATOM 26   H "H5''" . G A 1 1  ? 1.096   -19.490 13.814  1.00 0.00 ? 1  G A "H5''" 1 
ATOM 27   H "H4'"  . G A 1 1  ? -0.345  -19.324 11.825  1.00 0.00 ? 1  G A "H4'"  1 
ATOM 28   H "H3'"  . G A 1 1  ? -0.128  -16.431 12.454  1.00 0.00 ? 1  G A "H3'"  1 
ATOM 29   H "H2'"  . G A 1 1  ? -2.336  -15.944 12.442  1.00 0.00 ? 1  G A "H2'"  1 
ATOM 30   H "HO2'" . G A 1 1  ? -2.289  -17.188 10.205  1.00 0.00 ? 1  G A "HO2'" 1 
ATOM 31   H "H1'"  . G A 1 1  ? -3.467  -18.470 12.963  1.00 0.00 ? 1  G A "H1'"  1 
ATOM 32   H H8     . G A 1 1  ? -4.446  -18.294 15.408  1.00 0.00 ? 1  G A H8     1 
ATOM 33   H H1     . G A 1 1  ? -1.029  -13.055 16.615  1.00 0.00 ? 1  G A H1     1 
ATOM 34   H H21    . G A 1 1  ? 0.429   -12.717 14.985  1.00 0.00 ? 1  G A H21    1 
ATOM 35   H H22    . G A 1 1  ? 0.554   -13.785 13.608  1.00 0.00 ? 1  G A H22    1 
ATOM 36   H "HO5'" . G A 1 1  ? 3.931   -18.169 10.904  1.00 0.00 ? 1  G A "HO5'" 1 
ATOM 37   P P      . C A 1 2  ? 0.711   -16.159 9.946   1.00 0.00 ? 2  C A P      1 
ATOM 38   O OP1    . C A 1 2  ? 2.073   -16.558 10.375  1.00 0.00 ? 2  C A OP1    1 
ATOM 39   O OP2    . C A 1 2  ? 0.213   -14.798 10.256  1.00 0.00 ? 2  C A OP2    1 
ATOM 40   O "O5'"  . C A 1 2  ? 0.604   -16.389 8.351   1.00 0.00 ? 2  C A "O5'"  1 
ATOM 41   C "C5'"  . C A 1 2  ? -0.207  -15.533 7.534   1.00 0.00 ? 2  C A "C5'"  1 
ATOM 42   C "C4'"  . C A 1 2  ? -1.519  -16.207 7.139   1.00 0.00 ? 2  C A "C4'"  1 
ATOM 43   O "O4'"  . C A 1 2  ? -2.242  -16.648 8.311   1.00 0.00 ? 2  C A "O4'"  1 
ATOM 44   C "C3'"  . C A 1 2  ? -2.421  -15.239 6.387   1.00 0.00 ? 2  C A "C3'"  1 
ATOM 45   O "O3'"  . C A 1 2  ? -2.325  -15.391 4.955   1.00 0.00 ? 2  C A "O3'"  1 
ATOM 46   C "C2'"  . C A 1 2  ? -3.809  -15.545 6.886   1.00 0.00 ? 2  C A "C2'"  1 
ATOM 47   O "O2'"  . C A 1 2  ? -4.486  -16.437 5.991   1.00 0.00 ? 2  C A "O2'"  1 
ATOM 48   C "C1'"  . C A 1 2  ? -3.612  -16.187 8.247   1.00 0.00 ? 2  C A "C1'"  1 
ATOM 49   N N1     . C A 1 2  ? -3.896  -15.212 9.329   1.00 0.00 ? 2  C A N1     1 
ATOM 50   C C2     . C A 1 2  ? -5.227  -14.956 9.634   1.00 0.00 ? 2  C A C2     1 
ATOM 51   O O2     . C A 1 2  ? -6.123  -15.547 9.036   1.00 0.00 ? 2  C A O2     1 
ATOM 52   N N3     . C A 1 2  ? -5.504  -14.048 10.608  1.00 0.00 ? 2  C A N3     1 
ATOM 53   C C4     . C A 1 2  ? -4.522  -13.418 11.259  1.00 0.00 ? 2  C A C4     1 
ATOM 54   N N4     . C A 1 2  ? -4.834  -12.537 12.206  1.00 0.00 ? 2  C A N4     1 
ATOM 55   C C5     . C A 1 2  ? -3.149  -13.677 10.954  1.00 0.00 ? 2  C A C5     1 
ATOM 56   C C6     . C A 1 2  ? -2.882  -14.575 9.987   1.00 0.00 ? 2  C A C6     1 
ATOM 57   H "H5'"  . C A 1 2  ? 0.347   -15.276 6.632   1.00 0.00 ? 2  C A "H5'"  1 
ATOM 58   H "H5''" . C A 1 2  ? -0.429  -14.619 8.087   1.00 0.00 ? 2  C A "H5''" 1 
ATOM 59   H "H4'"  . C A 1 2  ? -1.307  -17.067 6.505   1.00 0.00 ? 2  C A "H4'"  1 
ATOM 60   H "H3'"  . C A 1 2  ? -2.158  -14.218 6.672   1.00 0.00 ? 2  C A "H3'"  1 
ATOM 61   H "H2'"  . C A 1 2  ? -4.379  -14.621 6.995   1.00 0.00 ? 2  C A "H2'"  1 
ATOM 62   H "HO2'" . C A 1 2  ? -3.920  -16.547 5.222   1.00 0.00 ? 2  C A "HO2'" 1 
ATOM 63   H "H1'"  . C A 1 2  ? -4.285  -17.039 8.346   1.00 0.00 ? 2  C A "H1'"  1 
ATOM 64   H H41    . C A 1 2  ? -5.802  -12.352 12.422  1.00 0.00 ? 2  C A H41    1 
ATOM 65   H H42    . C A 1 2  ? -4.102  -12.054 12.709  1.00 0.00 ? 2  C A H42    1 
ATOM 66   H H5     . C A 1 2  ? -2.348  -13.167 11.487  1.00 0.00 ? 2  C A H5     1 
ATOM 67   H H6     . C A 1 2  ? -1.847  -14.799 9.730   1.00 0.00 ? 2  C A H6     1 
ATOM 68   P P      . U A 1 3  ? -2.515  -14.102 3.990   1.00 0.00 ? 3  U A P      1 
ATOM 69   O OP1    . U A 1 3  ? -2.946  -14.575 2.655   1.00 0.00 ? 3  U A OP1    1 
ATOM 70   O OP2    . U A 1 3  ? -1.318  -13.244 4.123   1.00 0.00 ? 3  U A OP2    1 
ATOM 71   O "O5'"  . U A 1 3  ? -3.750  -13.353 4.690   1.00 0.00 ? 3  U A "O5'"  1 
ATOM 72   C "C5'"  . U A 1 3  ? -5.065  -13.895 4.582   1.00 0.00 ? 3  U A "C5'"  1 
ATOM 73   C "C4'"  . U A 1 3  ? -6.057  -13.153 5.461   1.00 0.00 ? 3  U A "C4'"  1 
ATOM 74   O "O4'"  . U A 1 3  ? -5.797  -13.367 6.869   1.00 0.00 ? 3  U A "O4'"  1 
ATOM 75   C "C3'"  . U A 1 3  ? -5.995  -11.660 5.245   1.00 0.00 ? 3  U A "C3'"  1 
ATOM 76   O "O3'"  . U A 1 3  ? -6.787  -11.243 4.128   1.00 0.00 ? 3  U A "O3'"  1 
ATOM 77   C "C2'"  . U A 1 3  ? -6.498  -11.124 6.547   1.00 0.00 ? 3  U A "C2'"  1 
ATOM 78   O "O2'"  . U A 1 3  ? -7.931  -11.112 6.570   1.00 0.00 ? 3  U A "O2'"  1 
ATOM 79   C "C1'"  . U A 1 3  ? -5.949  -12.104 7.567   1.00 0.00 ? 3  U A "C1'"  1 
ATOM 80   N N1     . U A 1 3  ? -4.645  -11.644 8.105   1.00 0.00 ? 3  U A N1     1 
ATOM 81   C C2     . U A 1 3  ? -4.655  -10.683 9.102   1.00 0.00 ? 3  U A C2     1 
ATOM 82   O O2     . U A 1 3  ? -5.693  -10.185 9.524   1.00 0.00 ? 3  U A O2     1 
ATOM 83   N N3     . U A 1 3  ? -3.422  -10.307 9.594   1.00 0.00 ? 3  U A N3     1 
ATOM 84   C C4     . U A 1 3  ? -2.198  -10.798 9.188   1.00 0.00 ? 3  U A C4     1 
ATOM 85   O O4     . U A 1 3  ? -1.164  -10.394 9.712   1.00 0.00 ? 3  U A O4     1 
ATOM 86   C C5     . U A 1 3  ? -2.277  -11.791 8.146   1.00 0.00 ? 3  U A C5     1 
ATOM 87   C C6     . U A 1 3  ? -3.474  -12.176 7.644   1.00 0.00 ? 3  U A C6     1 
ATOM 88   H "H5'"  . U A 1 3  ? -5.046  -14.944 4.874   1.00 0.00 ? 3  U A "H5'"  1 
ATOM 89   H "H5''" . U A 1 3  ? -5.391  -13.822 3.544   1.00 0.00 ? 3  U A "H5''" 1 
ATOM 90   H "H4'"  . U A 1 3  ? -7.063  -13.501 5.235   1.00 0.00 ? 3  U A "H4'"  1 
ATOM 91   H "H3'"  . U A 1 3  ? -4.952  -11.357 5.110   1.00 0.00 ? 3  U A "H3'"  1 
ATOM 92   H "H2'"  . U A 1 3  ? -6.100  -10.127 6.730   1.00 0.00 ? 3  U A "H2'"  1 
ATOM 93   H "HO2'" . U A 1 3  ? -8.226  -10.980 5.666   1.00 0.00 ? 3  U A "HO2'" 1 
ATOM 94   H "H1'"  . U A 1 3  ? -6.662  -12.221 8.383   1.00 0.00 ? 3  U A "H1'"  1 
ATOM 95   H H3     . U A 1 3  ? -3.416  -9.608  10.320  1.00 0.00 ? 3  U A H3     1 
ATOM 96   H H5     . U A 1 3  ? -1.361  -12.239 7.760   1.00 0.00 ? 3  U A H5     1 
ATOM 97   H H6     . U A 1 3  ? -3.503  -12.910 6.842   1.00 0.00 ? 3  U A H6     1 
ATOM 98   P P      . G A 1 4  ? -6.376  -9.920  3.306   1.00 0.00 ? 4  G A P      1 
ATOM 99   O OP1    . G A 1 4  ? -7.211  -9.854  2.085   1.00 0.00 ? 4  G A OP1    1 
ATOM 100  O OP2    . G A 1 4  ? -4.900  -9.877  3.196   1.00 0.00 ? 4  G A OP2    1 
ATOM 101  O "O5'"  . G A 1 4  ? -6.841  -8.753  4.302   1.00 0.00 ? 4  G A "O5'"  1 
ATOM 102  C "C5'"  . G A 1 4  ? -8.228  -8.569  4.610   1.00 0.00 ? 4  G A "C5'"  1 
ATOM 103  C "C4'"  . G A 1 4  ? -8.407  -7.512  5.686   1.00 0.00 ? 4  G A "C4'"  1 
ATOM 104  O "O4'"  . G A 1 4  ? -7.760  -7.902  6.910   1.00 0.00 ? 4  G A "O4'"  1 
ATOM 105  C "C3'"  . G A 1 4  ? -7.734  -6.226  5.277   1.00 0.00 ? 4  G A "C3'"  1 
ATOM 106  O "O3'"  . G A 1 4  ? -8.538  -5.449  4.388   1.00 0.00 ? 4  G A "O3'"  1 
ATOM 107  C "C2'"  . G A 1 4  ? -7.487  -5.553  6.584   1.00 0.00 ? 4  G A "C2'"  1 
ATOM 108  O "O2'"  . G A 1 4  ? -8.633  -4.806  7.008   1.00 0.00 ? 4  G A "O2'"  1 
ATOM 109  C "C1'"  . G A 1 4  ? -7.213  -6.710  7.531   1.00 0.00 ? 4  G A "C1'"  1 
ATOM 110  N N9     . G A 1 4  ? -5.757  -6.878  7.703   1.00 0.00 ? 4  G A N9     1 
ATOM 111  C C8     . G A 1 4  ? -4.927  -7.783  7.125   1.00 0.00 ? 4  G A C8     1 
ATOM 112  N N7     . G A 1 4  ? -3.679  -7.744  7.446   1.00 0.00 ? 4  G A N7     1 
ATOM 113  C C5     . G A 1 4  ? -3.656  -6.678  8.351   1.00 0.00 ? 4  G A C5     1 
ATOM 114  C C6     . G A 1 4  ? -2.567  -6.115  9.067   1.00 0.00 ? 4  G A C6     1 
ATOM 115  O O6     . G A 1 4  ? -1.384  -6.443  9.046   1.00 0.00 ? 4  G A O6     1 
ATOM 116  N N1     . G A 1 4  ? -2.976  -5.056  9.862   1.00 0.00 ? 4  G A N1     1 
ATOM 117  C C2     . G A 1 4  ? -4.266  -4.591  9.960   1.00 0.00 ? 4  G A C2     1 
ATOM 118  N N2     . G A 1 4  ? -4.457  -3.567  10.783  1.00 0.00 ? 4  G A N2     1 
ATOM 119  N N3     . G A 1 4  ? -5.296  -5.108  9.296   1.00 0.00 ? 4  G A N3     1 
ATOM 120  C C4     . G A 1 4  ? -4.926  -6.143  8.513   1.00 0.00 ? 4  G A C4     1 
ATOM 121  H "H5'"  . G A 1 4  ? -8.650  -9.510  4.960   1.00 0.00 ? 4  G A "H5'"  1 
ATOM 122  H "H5''" . G A 1 4  ? -8.754  -8.255  3.708   1.00 0.00 ? 4  G A "H5''" 1 
ATOM 123  H "H4'"  . G A 1 4  ? -9.465  -7.338  5.869   1.00 0.00 ? 4  G A "H4'"  1 
ATOM 124  H "H3'"  . G A 1 4  ? -6.771  -6.458  4.810   1.00 0.00 ? 4  G A "H3'"  1 
ATOM 125  H "H2'"  . G A 1 4  ? -6.612  -4.911  6.521   1.00 0.00 ? 4  G A "H2'"  1 
ATOM 126  H "HO2'" . G A 1 4  ? -8.439  -3.876  6.856   1.00 0.00 ? 4  G A "HO2'" 1 
ATOM 127  H "H1'"  . G A 1 4  ? -7.686  -6.532  8.494   1.00 0.00 ? 4  G A "H1'"  1 
ATOM 128  H H8     . G A 1 4  ? -5.300  -8.503  6.398   1.00 0.00 ? 4  G A H8     1 
ATOM 129  H H1     . G A 1 4  ? -2.254  -4.603  10.400  1.00 0.00 ? 4  G A H1     1 
ATOM 130  H H21    . G A 1 4  ? -3.677  -3.173  11.289  1.00 0.00 ? 4  G A H21    1 
ATOM 131  H H22    . G A 1 4  ? -5.382  -3.184  10.900  1.00 0.00 ? 4  G A H22    1 
ATOM 132  P P      . A A 1 5  ? -7.823  -4.446  3.355   1.00 0.00 ? 5  A A P      1 
ATOM 133  O OP1    . A A 1 5  ? -8.845  -3.953  2.403   1.00 0.00 ? 5  A A OP1    1 
ATOM 134  O OP2    . A A 1 5  ? -6.593  -5.094  2.845   1.00 0.00 ? 5  A A OP2    1 
ATOM 135  O "O5'"  . A A 1 5  ? -7.391  -3.227  4.305   1.00 0.00 ? 5  A A "O5'"  1 
ATOM 136  C "C5'"  . A A 1 5  ? -8.383  -2.392  4.907   1.00 0.00 ? 5  A A "C5'"  1 
ATOM 137  C "C4'"  . A A 1 5  ? -7.743  -1.400  5.861   1.00 0.00 ? 5  A A "C4'"  1 
ATOM 138  O "O4'"  . A A 1 5  ? -7.028  -2.083  6.906   1.00 0.00 ? 5  A A "O4'"  1 
ATOM 139  C "C3'"  . A A 1 5  ? -6.701  -0.580  5.144   1.00 0.00 ? 5  A A "C3'"  1 
ATOM 140  O "O3'"  . A A 1 5  ? -7.274  0.513   4.430   1.00 0.00 ? 5  A A "O3'"  1 
ATOM 141  C "C2'"  . A A 1 5  ? -5.794  -0.147  6.245   1.00 0.00 ? 5  A A "C2'"  1 
ATOM 142  O "O2'"  . A A 1 5  ? -6.260  1.060   6.864   1.00 0.00 ? 5  A A "O2'"  1 
ATOM 143  C "C1'"  . A A 1 5  ? -5.836  -1.317  7.211   1.00 0.00 ? 5  A A "C1'"  1 
ATOM 144  N N9     . A A 1 5  ? -4.658  -2.172  7.007   1.00 0.00 ? 5  A A N9     1 
ATOM 145  C C8     . A A 1 5  ? -4.571  -3.360  6.366   1.00 0.00 ? 5  A A C8     1 
ATOM 146  N N7     . A A 1 5  ? -3.426  -3.946  6.350   1.00 0.00 ? 5  A A N7     1 
ATOM 147  C C5     . A A 1 5  ? -2.640  -3.041  7.063   1.00 0.00 ? 5  A A C5     1 
ATOM 148  C C6     . A A 1 5  ? -1.291  -3.038  7.420   1.00 0.00 ? 5  A A C6     1 
ATOM 149  N N6     . A A 1 5  ? -0.452  -4.022  7.101   1.00 0.00 ? 5  A A N6     1 
ATOM 150  N N1     . A A 1 5  ? -0.840  -1.987  8.117   1.00 0.00 ? 5  A A N1     1 
ATOM 151  C C2     . A A 1 5  ? -1.671  -0.992  8.447   1.00 0.00 ? 5  A A C2     1 
ATOM 152  N N3     . A A 1 5  ? -2.965  -0.894  8.163   1.00 0.00 ? 5  A A N3     1 
ATOM 153  C C4     . A A 1 5  ? -3.387  -1.958  7.466   1.00 0.00 ? 5  A A C4     1 
ATOM 154  H "H5'"  . A A 1 5  ? -9.091  -3.010  5.455   1.00 0.00 ? 5  A A "H5'"  1 
ATOM 155  H "H5''" . A A 1 5  ? -8.914  -1.845  4.127   1.00 0.00 ? 5  A A "H5''" 1 
ATOM 156  H "H4'"  . A A 1 5  ? -8.501  -0.751  6.296   1.00 0.00 ? 5  A A "H4'"  1 
ATOM 157  H "H3'"  . A A 1 5  ? -6.145  -1.229  4.460   1.00 0.00 ? 5  A A "H3'"  1 
ATOM 158  H "H2'"  . A A 1 5  ? -4.786  -0.019  5.872   1.00 0.00 ? 5  A A "H2'"  1 
ATOM 159  H "HO2'" . A A 1 5  ? -7.220  1.046   6.829   1.00 0.00 ? 5  A A "HO2'" 1 
ATOM 160  H "H1'"  . A A 1 5  ? -5.866  -0.965  8.237   1.00 0.00 ? 5  A A "H1'"  1 
ATOM 161  H H8     . A A 1 5  ? -5.428  -3.785  5.852   1.00 0.00 ? 5  A A H8     1 
ATOM 162  H H61    . A A 1 5  ? 0.518   -3.969  7.379   1.00 0.00 ? 5  A A H61    1 
ATOM 163  H H62    . A A 1 5  ? -0.783  -4.819  6.576   1.00 0.00 ? 5  A A H62    1 
ATOM 164  H H2     . A A 1 5  ? -1.237  -0.171  9.016   1.00 0.00 ? 5  A A H2     1 
ATOM 165  P P      . C A 1 6  ? -6.519  1.082   3.133   1.00 0.00 ? 6  C A P      1 
ATOM 166  O OP1    . C A 1 6  ? -7.427  2.028   2.444   1.00 0.00 ? 6  C A OP1    1 
ATOM 167  O OP2    . C A 1 6  ? -5.943  -0.060  2.388   1.00 0.00 ? 6  C A OP2    1 
ATOM 168  O "O5'"  . C A 1 6  ? -5.310  1.920   3.774   1.00 0.00 ? 6  C A "O5'"  1 
ATOM 169  C "C5'"  . C A 1 6  ? -5.574  3.114   4.519   1.00 0.00 ? 6  C A "C5'"  1 
ATOM 170  C "C4'"  . C A 1 6  ? -4.302  3.654   5.152   1.00 0.00 ? 6  C A "C4'"  1 
ATOM 171  O "O4'"  . C A 1 6  ? -3.720  2.669   6.021   1.00 0.00 ? 6  C A "O4'"  1 
ATOM 172  C "C3'"  . C A 1 6  ? -3.255  3.933   4.095   1.00 0.00 ? 6  C A "C3'"  1 
ATOM 173  O "O3'"  . C A 1 6  ? -3.418  5.248   3.537   1.00 0.00 ? 6  C A "O3'"  1 
ATOM 174  C "C2'"  . C A 1 6  ? -1.963  3.809   4.852   1.00 0.00 ? 6  C A "C2'"  1 
ATOM 175  O "O2'"  . C A 1 6  ? -1.585  5.066   5.441   1.00 0.00 ? 6  C A "O2'"  1 
ATOM 176  C "C1'"  . C A 1 6  ? -2.278  2.763   5.925   1.00 0.00 ? 6  C A "C1'"  1 
ATOM 177  N N1     . C A 1 6  ? -1.742  1.434   5.545   1.00 0.00 ? 6  C A N1     1 
ATOM 178  C C2     . C A 1 6  ? -0.398  1.197   5.741   1.00 0.00 ? 6  C A C2     1 
ATOM 179  O O2     . C A 1 6  ? 0.319   2.062   6.232   1.00 0.00 ? 6  C A O2     1 
ATOM 180  N N3     . C A 1 6  ? 0.097   -0.022  5.397   1.00 0.00 ? 6  C A N3     1 
ATOM 181  C C4     . C A 1 6  ? -0.692  -0.976  4.890   1.00 0.00 ? 6  C A C4     1 
ATOM 182  N N4     . C A 1 6  ? -0.166  -2.156  4.574   1.00 0.00 ? 6  C A N4     1 
ATOM 183  C C5     . C A 1 6  ? -2.085  -0.740  4.689   1.00 0.00 ? 6  C A C5     1 
ATOM 184  C C6     . C A 1 6  ? -2.564  0.473   5.022   1.00 0.00 ? 6  C A C6     1 
ATOM 185  H "H5'"  . C A 1 6  ? -6.296  2.894   5.305   1.00 0.00 ? 6  C A "H5'"  1 
ATOM 186  H "H5''" . C A 1 6  ? -5.990  3.868   3.852   1.00 0.00 ? 6  C A "H5''" 1 
ATOM 187  H "H4'"  . C A 1 6  ? -4.516  4.560   5.714   1.00 0.00 ? 6  C A "H4'"  1 
ATOM 188  H "H3'"  . C A 1 6  ? -3.301  3.171   3.314   1.00 0.00 ? 6  C A "H3'"  1 
ATOM 189  H "H2'"  . C A 1 6  ? -1.174  3.443   4.190   1.00 0.00 ? 6  C A "H2'"  1 
ATOM 190  H "HO2'" . C A 1 6  ? -2.331  5.371   5.967   1.00 0.00 ? 6  C A "HO2'" 1 
ATOM 191  H "H1'"  . C A 1 6  ? -1.861  3.071   6.881   1.00 0.00 ? 6  C A "H1'"  1 
ATOM 192  H H41    . C A 1 6  ? 0.823   -2.324  4.717   1.00 0.00 ? 6  C A H41    1 
ATOM 193  H H42    . C A 1 6  ? -0.752  -2.886  4.192   1.00 0.00 ? 6  C A H42    1 
ATOM 194  H H5     . C A 1 6  ? -2.735  -1.512  4.279   1.00 0.00 ? 6  C A H5     1 
ATOM 195  H H6     . C A 1 6  ? -3.608  0.709   4.835   1.00 0.00 ? 6  C A H6     1 
ATOM 196  P P      . C A 1 7  ? -3.034  5.557   2.001   1.00 0.00 ? 7  C A P      1 
ATOM 197  O OP1    . C A 1 7  ? -3.348  6.979   1.728   1.00 0.00 ? 7  C A OP1    1 
ATOM 198  O OP2    . C A 1 7  ? -3.627  4.497   1.155   1.00 0.00 ? 7  C A OP2    1 
ATOM 199  O "O5'"  . C A 1 7  ? -1.431  5.377   1.973   1.00 0.00 ? 7  C A "O5'"  1 
ATOM 200  C "C5'"  . C A 1 7  ? -0.555  6.501   2.140   1.00 0.00 ? 7  C A "C5'"  1 
ATOM 201  C "C4'"  . C A 1 7  ? 0.875   6.169   1.705   1.00 0.00 ? 7  C A "C4'"  1 
ATOM 202  O "O4'"  . C A 1 7  ? 1.335   4.995   2.400   1.00 0.00 ? 7  C A "O4'"  1 
ATOM 203  C "C3'"  . C A 1 7  ? 0.940   5.823   0.227   1.00 0.00 ? 7  C A "C3'"  1 
ATOM 204  O "O3'"  . C A 1 7  ? 1.162   6.980   -0.613  1.00 0.00 ? 7  C A "O3'"  1 
ATOM 205  C "C2'"  . C A 1 7  ? 2.137   4.916   0.155   1.00 0.00 ? 7  C A "C2'"  1 
ATOM 206  O "O2'"  . C A 1 7  ? 3.339   5.655   -0.094  1.00 0.00 ? 7  C A "O2'"  1 
ATOM 207  C "C1'"  . C A 1 7  ? 2.188   4.231   1.518   1.00 0.00 ? 7  C A "C1'"  1 
ATOM 208  N N1     . C A 1 7  ? 1.734   2.826   1.444   1.00 0.00 ? 7  C A N1     1 
ATOM 209  C C2     . C A 1 7  ? 2.657   1.826   1.740   1.00 0.00 ? 7  C A C2     1 
ATOM 210  O O2     . C A 1 7  ? 3.813   2.112   2.051   1.00 0.00 ? 7  C A O2     1 
ATOM 211  N N3     . C A 1 7  ? 2.245   0.531   1.685   1.00 0.00 ? 7  C A N3     1 
ATOM 212  C C4     . C A 1 7  ? 0.986   0.225   1.357   1.00 0.00 ? 7  C A C4     1 
ATOM 213  N N4     . C A 1 7  ? 0.620   -1.052  1.310   1.00 0.00 ? 7  C A N4     1 
ATOM 214  C C5     . C A 1 7  ? 0.032   1.246   1.054   1.00 0.00 ? 7  C A C5     1 
ATOM 215  C C6     . C A 1 7  ? 0.446   2.526   1.109   1.00 0.00 ? 7  C A C6     1 
ATOM 216  H "H5'"  . C A 1 7  ? -0.547  6.791   3.192   1.00 0.00 ? 7  C A "H5'"  1 
ATOM 217  H "H5''" . C A 1 7  ? -0.927  7.334   1.546   1.00 0.00 ? 7  C A "H5''" 1 
ATOM 218  H "H4'"  . C A 1 7  ? 1.537   7.004   1.923   1.00 0.00 ? 7  C A "H4'"  1 
ATOM 219  H "H3'"  . C A 1 7  ? 0.042   5.283   -0.078  1.00 0.00 ? 7  C A "H3'"  1 
ATOM 220  H "H2'"  . C A 1 7  ? 1.986   4.168   -0.627  1.00 0.00 ? 7  C A "H2'"  1 
ATOM 221  H "HO2'" . C A 1 7  ? 3.099   6.586   -0.145  1.00 0.00 ? 7  C A "HO2'" 1 
ATOM 222  H "H1'"  . C A 1 7  ? 3.211   4.261   1.895   1.00 0.00 ? 7  C A "H1'"  1 
ATOM 223  H H41    . C A 1 7  ? 1.292   -1.777  1.524   1.00 0.00 ? 7  C A H41    1 
ATOM 224  H H42    . C A 1 7  ? -0.326  -1.298  1.057   1.00 0.00 ? 7  C A H42    1 
ATOM 225  H H5     . C A 1 7  ? -0.996  0.997   0.793   1.00 0.00 ? 7  C A H5     1 
ATOM 226  H H6     . C A 1 7  ? -0.256  3.330   0.885   1.00 0.00 ? 7  C A H6     1 
ATOM 227  P P      . A A 1 8  ? 0.379   8.382   -0.420  1.00 0.00 ? 8  A A P      1 
ATOM 228  O OP1    . A A 1 8  ? 0.448   8.773   1.004   1.00 0.00 ? 8  A A OP1    1 
ATOM 229  O OP2    . A A 1 8  ? -0.933  8.276   -1.097  1.00 0.00 ? 8  A A OP2    1 
ATOM 230  O "O5'"  . A A 1 8  ? 1.305   9.407   -1.255  1.00 0.00 ? 8  A A "O5'"  1 
ATOM 231  C "C5'"  . A A 1 8  ? 0.844   10.031  -2.463  1.00 0.00 ? 8  A A "C5'"  1 
ATOM 232  C "C4'"  . A A 1 8  ? 2.005   10.622  -3.262  1.00 0.00 ? 8  A A "C4'"  1 
ATOM 233  O "O4'"  . A A 1 8  ? 2.896   9.579   -3.705  1.00 0.00 ? 8  A A "O4'"  1 
ATOM 234  C "C3'"  . A A 1 8  ? 1.501   11.370  -4.489  1.00 0.00 ? 8  A A "C3'"  1 
ATOM 235  O "O3'"  . A A 1 8  ? 1.952   12.733  -4.478  1.00 0.00 ? 8  A A "O3'"  1 
ATOM 236  C "C2'"  . A A 1 8  ? 2.047   10.634  -5.689  1.00 0.00 ? 8  A A "C2'"  1 
ATOM 237  O "O2'"  . A A 1 8  ? 2.838   11.505  -6.506  1.00 0.00 ? 8  A A "O2'"  1 
ATOM 238  C "C1'"  . A A 1 8  ? 2.889   9.487   -5.143  1.00 0.00 ? 8  A A "C1'"  1 
ATOM 239  N N9     . A A 1 8  ? 2.341   8.187   -5.579  1.00 0.00 ? 8  A A N9     1 
ATOM 240  C C8     . A A 1 8  ? 1.877   7.151   -4.838  1.00 0.00 ? 8  A A C8     1 
ATOM 241  N N7     . A A 1 8  ? 1.431   6.117   -5.472  1.00 0.00 ? 8  A A N7     1 
ATOM 242  C C5     . A A 1 8  ? 1.619   6.504   -6.804  1.00 0.00 ? 8  A A C5     1 
ATOM 243  C C6     . A A 1 8  ? 1.355   5.868   -8.023  1.00 0.00 ? 8  A A C6     1 
ATOM 244  N N6     . A A 1 8  ? 0.818   4.655   -8.112  1.00 0.00 ? 8  A A N6     1 
ATOM 245  N N1     . A A 1 8  ? 1.663   6.533   -9.149  1.00 0.00 ? 8  A A N1     1 
ATOM 246  C C2     . A A 1 8  ? 2.199   7.752   -9.086  1.00 0.00 ? 8  A A C2     1 
ATOM 247  N N3     . A A 1 8  ? 2.490   8.447   -7.991  1.00 0.00 ? 8  A A N3     1 
ATOM 248  C C4     . A A 1 8  ? 2.172   7.760   -6.875  1.00 0.00 ? 8  A A C4     1 
ATOM 249  H "H5'"  . A A 1 8  ? 0.145   10.827  -2.208  1.00 0.00 ? 8  A A "H5'"  1 
ATOM 250  H "H5''" . A A 1 8  ? 0.331   9.289   -3.075  1.00 0.00 ? 8  A A "H5''" 1 
ATOM 251  H "H4'"  . A A 1 8  ? 2.559   11.313  -2.626  1.00 0.00 ? 8  A A "H4'"  1 
ATOM 252  H "H3'"  . A A 1 8  ? 0.410   11.340  -4.512  1.00 0.00 ? 8  A A "H3'"  1 
ATOM 253  H "H2'"  . A A 1 8  ? 1.218   10.230  -6.274  1.00 0.00 ? 8  A A "H2'"  1 
ATOM 254  H "HO2'" . A A 1 8  ? 3.006   12.299  -5.990  1.00 0.00 ? 8  A A "HO2'" 1 
ATOM 255  H "H1'"  . A A 1 8  ? 3.909   9.584   -5.514  1.00 0.00 ? 8  A A "H1'"  1 
ATOM 256  H H8     . A A 1 8  ? 1.878   7.188   -3.747  1.00 0.00 ? 8  A A H8     1 
ATOM 257  H H61    . A A 1 8  ? 0.646   4.246   -9.019  1.00 0.00 ? 8  A A H61    1 
ATOM 258  H H62    . A A 1 8  ? 0.580   4.146   -7.274  1.00 0.00 ? 8  A A H62    1 
ATOM 259  H H2     . A A 1 8  ? 2.424   8.232   -10.039 1.00 0.00 ? 8  A A H2     1 
ATOM 260  P P      . G A 1 9  ? 1.061   13.893  -3.799  1.00 0.00 ? 9  G A P      1 
ATOM 261  O OP1    . G A 1 9  ? 1.782   15.177  -3.949  1.00 0.00 ? 9  G A OP1    1 
ATOM 262  O OP2    . G A 1 9  ? 0.644   13.435  -2.455  1.00 0.00 ? 9  G A OP2    1 
ATOM 263  O "O5'"  . G A 1 9  ? -0.244  13.934  -4.744  1.00 0.00 ? 9  G A "O5'"  1 
ATOM 264  C "C5'"  . G A 1 9  ? -0.160  14.398  -6.099  1.00 0.00 ? 9  G A "C5'"  1 
ATOM 265  C "C4'"  . G A 1 9  ? -1.400  14.008  -6.900  1.00 0.00 ? 9  G A "C4'"  1 
ATOM 266  O "O4'"  . G A 1 9  ? -1.321  14.480  -8.259  1.00 0.00 ? 9  G A "O4'"  1 
ATOM 267  C "C3'"  . G A 1 9  ? -1.529  12.508  -7.004  1.00 0.00 ? 9  G A "C3'"  1 
ATOM 268  O "O3'"  . G A 1 9  ? -2.161  11.945  -5.850  1.00 0.00 ? 9  G A "O3'"  1 
ATOM 269  C "C2'"  . G A 1 9  ? -2.357  12.320  -8.242  1.00 0.00 ? 9  G A "C2'"  1 
ATOM 270  O "O2'"  . G A 1 9  ? -3.759  12.322  -7.942  1.00 0.00 ? 9  G A "O2'"  1 
ATOM 271  C "C1'"  . G A 1 9  ? -1.977  13.509  -9.120  1.00 0.00 ? 9  G A "C1'"  1 
ATOM 272  N N9     . G A 1 9  ? -1.078  13.065  -10.197 1.00 0.00 ? 9  G A N9     1 
ATOM 273  C C8     . G A 1 9  ? 0.268   13.188  -10.306 1.00 0.00 ? 9  G A C8     1 
ATOM 274  N N7     . G A 1 9  ? 0.838   12.634  -11.322 1.00 0.00 ? 9  G A N7     1 
ATOM 275  C C5     . G A 1 9  ? -0.259  12.070  -11.987 1.00 0.00 ? 9  G A C5     1 
ATOM 276  C C6     . G A 1 9  ? -0.313  11.317  -13.190 1.00 0.00 ? 9  G A C6     1 
ATOM 277  O O6     . G A 1 9  ? 0.610   10.997  -13.931 1.00 0.00 ? 9  G A O6     1 
ATOM 278  N N1     . G A 1 9  ? -1.613  10.942  -13.498 1.00 0.00 ? 9  G A N1     1 
ATOM 279  C C2     . G A 1 9  ? -2.724  11.246  -12.747 1.00 0.00 ? 9  G A C2     1 
ATOM 280  N N2     . G A 1 9  ? -3.884  10.801  -13.206 1.00 0.00 ? 9  G A N2     1 
ATOM 281  N N3     . G A 1 9  ? -2.687  11.950  -11.620 1.00 0.00 ? 9  G A N3     1 
ATOM 282  C C4     . G A 1 9  ? -1.432  12.329  -11.299 1.00 0.00 ? 9  G A C4     1 
ATOM 283  H "H5'"  . G A 1 9  ? 0.720   13.963  -6.573  1.00 0.00 ? 9  G A "H5'"  1 
ATOM 284  H "H5''" . G A 1 9  ? -0.065  15.484  -6.099  1.00 0.00 ? 9  G A "H5''" 1 
ATOM 285  H "H4'"  . G A 1 9  ? -2.289  14.420  -6.426  1.00 0.00 ? 9  G A "H4'"  1 
ATOM 286  H "H3'"  . G A 1 9  ? -0.541  12.062  -7.155  1.00 0.00 ? 9  G A "H3'"  1 
ATOM 287  H "H2'"  . G A 1 9  ? -2.076  11.389  -8.737  1.00 0.00 ? 9  G A "H2'"  1 
ATOM 288  H "HO2'" . G A 1 9  ? -4.042  11.404  -7.898  1.00 0.00 ? 9  G A "HO2'" 1 
ATOM 289  H "H1'"  . G A 1 9  ? -2.878  13.946  -9.552  1.00 0.00 ? 9  G A "H1'"  1 
ATOM 290  H H8     . G A 1 9  ? 0.846   13.738  -9.562  1.00 0.00 ? 9  G A H8     1 
ATOM 291  H H1     . G A 1 9  ? -1.731  10.410  -14.345 1.00 0.00 ? 9  G A H1     1 
ATOM 292  H H21    . G A 1 9  ? -3.919  10.266  -14.062 1.00 0.00 ? 9  G A H21    1 
ATOM 293  H H22    . G A 1 9  ? -4.733  10.998  -12.699 1.00 0.00 ? 9  G A H22    1 
ATOM 294  P P      . C A 1 10 ? -2.005  10.377  -5.530  1.00 0.00 ? 10 C A P      1 
ATOM 295  O OP1    . C A 1 10 ? -2.378  10.154  -4.115  1.00 0.00 ? 10 C A OP1    1 
ATOM 296  O OP2    . C A 1 10 ? -0.685  9.926   -6.026  1.00 0.00 ? 10 C A OP2    1 
ATOM 297  O "O5'"  . C A 1 10 ? -3.133  9.712   -6.459  1.00 0.00 ? 10 C A "O5'"  1 
ATOM 298  C "C5'"  . C A 1 10 ? -4.522  9.976   -6.232  1.00 0.00 ? 10 C A "C5'"  1 
ATOM 299  C "C4'"  . C A 1 10 ? -5.390  9.225   -7.231  1.00 0.00 ? 10 C A "C4'"  1 
ATOM 300  O "O4'"  . C A 1 10 ? -5.047  9.579   -8.586  1.00 0.00 ? 10 C A "O4'"  1 
ATOM 301  C "C3'"  . C A 1 10 ? -5.145  7.738   -7.144  1.00 0.00 ? 10 C A "C3'"  1 
ATOM 302  O "O3'"  . C A 1 10 ? -5.852  7.125   -6.059  1.00 0.00 ? 10 C A "O3'"  1 
ATOM 303  C "C2'"  . C A 1 10 ? -5.598  7.266   -8.484  1.00 0.00 ? 10 C A "C2'"  1 
ATOM 304  O "O2'"  . C A 1 10 ? -7.020  7.083   -8.511  1.00 0.00 ? 10 C A "O2'"  1 
ATOM 305  C "C1'"  . C A 1 10 ? -5.190  8.392   -9.414  1.00 0.00 ? 10 C A "C1'"  1 
ATOM 306  N N1     . C A 1 10 ? -3.872  8.122   -10.038 1.00 0.00 ? 10 C A N1     1 
ATOM 307  C C2     . C A 1 10 ? -3.799  7.259   -11.128 1.00 0.00 ? 10 C A C2     1 
ATOM 308  O O2     . C A 1 10 ? -4.812  6.709   -11.554 1.00 0.00 ? 10 C A O2     1 
ATOM 309  N N3     . C A 1 10 ? -2.579  7.045   -11.702 1.00 0.00 ? 10 C A N3     1 
ATOM 310  C C4     . C A 1 10 ? -1.484  7.653   -11.232 1.00 0.00 ? 10 C A C4     1 
ATOM 311  N N4     . C A 1 10 ? -0.315  7.425   -11.823 1.00 0.00 ? 10 C A N4     1 
ATOM 312  C C5     . C A 1 10 ? -1.551  8.540   -10.116 1.00 0.00 ? 10 C A C5     1 
ATOM 313  C C6     . C A 1 10 ? -2.754  8.743   -9.552  1.00 0.00 ? 10 C A C6     1 
ATOM 314  H "H5'"  . C A 1 10 ? -4.705  11.045  -6.332  1.00 0.00 ? 10 C A "H5'"  1 
ATOM 315  H "H5''" . C A 1 10 ? -4.784  9.661   -5.221  1.00 0.00 ? 10 C A "H5''" 1 
ATOM 316  H "H4'"  . C A 1 10 ? -6.442  9.441   -7.051  1.00 0.00 ? 10 C A "H4'"  1 
ATOM 317  H "H3'"  . C A 1 10 ? -4.070  7.555   -7.047  1.00 0.00 ? 10 C A "H3'"  1 
ATOM 318  H "H2'"  . C A 1 10 ? -5.087  6.352   -8.762  1.00 0.00 ? 10 C A "H2'"  1 
ATOM 319  H "HO2'" . C A 1 10 ? -7.267  6.673   -7.679  1.00 0.00 ? 10 C A "HO2'" 1 
ATOM 320  H "H1'"  . C A 1 10 ? -5.945  8.548   -10.182 1.00 0.00 ? 10 C A "H1'"  1 
ATOM 321  H H41    . C A 1 10 ? -0.262  6.797   -12.614 1.00 0.00 ? 10 C A H41    1 
ATOM 322  H H42    . C A 1 10 ? 0.519   7.880   -11.483 1.00 0.00 ? 10 C A H42    1 
ATOM 323  H H5     . C A 1 10 ? -0.658  9.035   -9.734  1.00 0.00 ? 10 C A H5     1 
ATOM 324  H H6     . C A 1 10 ? -2.840  9.410   -8.693  1.00 0.00 ? 10 C A H6     1 
ATOM 325  P P      . U A 1 11 ? -5.256  5.792   -5.373  1.00 0.00 ? 11 U A P      1 
ATOM 326  O OP1    . U A 1 11 ? -6.036  5.510   -4.147  1.00 0.00 ? 11 U A OP1    1 
ATOM 327  O OP2    . U A 1 11 ? -3.783  5.921   -5.303  1.00 0.00 ? 11 U A OP2    1 
ATOM 328  O "O5'"  . U A 1 11 ? -5.606  4.669   -6.463  1.00 0.00 ? 11 U A "O5'"  1 
ATOM 329  C "C5'"  . U A 1 11 ? -6.968  4.318   -6.731  1.00 0.00 ? 11 U A "C5'"  1 
ATOM 330  C "C4'"  . U A 1 11 ? -7.055  3.348   -7.895  1.00 0.00 ? 11 U A "C4'"  1 
ATOM 331  O "O4'"  . U A 1 11 ? -6.508  3.923   -9.097  1.00 0.00 ? 11 U A "O4'"  1 
ATOM 332  C "C3'"  . U A 1 11 ? -6.212  2.126   -7.627  1.00 0.00 ? 11 U A "C3'"  1 
ATOM 333  O "O3'"  . U A 1 11 ? -6.873  1.182   -6.778  1.00 0.00 ? 11 U A "O3'"  1 
ATOM 334  C "C2'"  . U A 1 11 ? -5.953  1.608   -9.002  1.00 0.00 ? 11 U A "C2'"  1 
ATOM 335  O "O2'"  . U A 1 11 ? -7.044  0.798   -9.458  1.00 0.00 ? 11 U A "O2'"  1 
ATOM 336  C "C1'"  . U A 1 11 ? -5.837  2.871   -9.839  1.00 0.00 ? 11 U A "C1'"  1 
ATOM 337  N N1     . U A 1 11 ? -4.420  3.268   -9.998  1.00 0.00 ? 11 U A N1     1 
ATOM 338  C C2     . U A 1 11 ? -3.653  2.629   -10.951 1.00 0.00 ? 11 U A C2     1 
ATOM 339  O O2     . U A 1 11 ? -4.100  1.744   -11.672 1.00 0.00 ? 11 U A O2     1 
ATOM 340  N N3     . U A 1 11 ? -2.341  3.056   -11.057 1.00 0.00 ? 11 U A N3     1 
ATOM 341  C C4     . U A 1 11 ? -1.746  4.053   -10.311 1.00 0.00 ? 11 U A C4     1 
ATOM 342  O O4     . U A 1 11 ? -0.569  4.346   -10.495 1.00 0.00 ? 11 U A O4     1 
ATOM 343  C C5     . U A 1 11 ? -2.618  4.669   -9.341  1.00 0.00 ? 11 U A C5     1 
ATOM 344  C C6     . U A 1 11 ? -3.900  4.265   -9.213  1.00 0.00 ? 11 U A C6     1 
ATOM 345  H "H5'"  . U A 1 11 ? -7.533  5.217   -6.970  1.00 0.00 ? 11 U A "H5'"  1 
ATOM 346  H "H5''" . U A 1 11 ? -7.397  3.852   -5.844  1.00 0.00 ? 11 U A "H5''" 1 
ATOM 347  H "H4'"  . U A 1 11 ? -8.090  3.058   -8.066  1.00 0.00 ? 11 U A "H4'"  1 
ATOM 348  H "H3'"  . U A 1 11 ? -5.261  2.437   -7.179  1.00 0.00 ? 11 U A "H3'"  1 
ATOM 349  H "H2'"  . U A 1 11 ? -5.023  1.050   -9.032  1.00 0.00 ? 11 U A "H2'"  1 
ATOM 350  H "HO2'" . U A 1 11 ? -7.310  0.244   -8.723  1.00 0.00 ? 11 U A "HO2'" 1 
ATOM 351  H "H1'"  . U A 1 11 ? -6.301  2.730   -10.813 1.00 0.00 ? 11 U A "H1'"  1 
ATOM 352  H H3     . U A 1 11 ? -1.767  2.595   -11.747 1.00 0.00 ? 11 U A H3     1 
ATOM 353  H H5     . U A 1 11 ? -2.237  5.465   -8.701  1.00 0.00 ? 11 U A H5     1 
ATOM 354  H H6     . U A 1 11 ? -4.526  4.713   -8.444  1.00 0.00 ? 11 U A H6     1 
ATOM 355  P P      . A A 1 12 ? -5.995  0.204   -5.847  1.00 0.00 ? 12 A A P      1 
ATOM 356  O OP1    . A A 1 12 ? -6.907  -0.482  -4.903  1.00 0.00 ? 12 A A OP1    1 
ATOM 357  O OP2    . A A 1 12 ? -4.835  0.967   -5.332  1.00 0.00 ? 12 A A OP2    1 
ATOM 358  O "O5'"  . A A 1 12 ? -5.457  -0.871  -6.904  1.00 0.00 ? 12 A A "O5'"  1 
ATOM 359  C "C5'"  . A A 1 12 ? -6.365  -1.766  -7.554  1.00 0.00 ? 12 A A "C5'"  1 
ATOM 360  C "C4'"  . A A 1 12 ? -5.647  -2.585  -8.608  1.00 0.00 ? 12 A A "C4'"  1 
ATOM 361  O "O4'"  . A A 1 12 ? -5.062  -1.739  -9.618  1.00 0.00 ? 12 A A "O4'"  1 
ATOM 362  C "C3'"  . A A 1 12 ? -4.483  -3.321  -7.992  1.00 0.00 ? 12 A A "C3'"  1 
ATOM 363  O "O3'"  . A A 1 12 ? -4.886  -4.523  -7.333  1.00 0.00 ? 12 A A "O3'"  1 
ATOM 364  C "C2'"  . A A 1 12 ? -3.591  -3.560  -9.160  1.00 0.00 ? 12 A A "C2'"  1 
ATOM 365  O "O2'"  . A A 1 12 ? -3.970  -4.748  -9.867  1.00 0.00 ? 12 A A "O2'"  1 
ATOM 366  C "C1'"  . A A 1 12 ? -3.798  -2.326  -10.018 1.00 0.00 ? 12 A A "C1'"  1 
ATOM 367  N N9     . A A 1 12 ? -2.730  -1.347  -9.754  1.00 0.00 ? 12 A A N9     1 
ATOM 368  C C8     . A A 1 12 ? -2.781  -0.214  -9.015  1.00 0.00 ? 12 A A C8     1 
ATOM 369  N N7     . A A 1 12 ? -1.717  0.513   -8.964  1.00 0.00 ? 12 A A N7     1 
ATOM 370  C C5     . A A 1 12 ? -0.838  -0.224  -9.764  1.00 0.00 ? 12 A A C5     1 
ATOM 371  C C6     . A A 1 12 ? 0.495   -0.028  -10.138 1.00 0.00 ? 12 A A C6     1 
ATOM 372  N N6     . A A 1 12 ? 1.213   1.021   -9.749  1.00 0.00 ? 12 A A N6     1 
ATOM 373  N N1     . A A 1 12 ? 1.057   -0.953  -10.929 1.00 0.00 ? 12 A A N1     1 
ATOM 374  C C2     . A A 1 12 ? 0.350   -2.012  -11.331 1.00 0.00 ? 12 A A C2     1 
ATOM 375  N N3     . A A 1 12 ? -0.913  -2.295  -11.038 1.00 0.00 ? 12 A A N3     1 
ATOM 376  C C4     . A A 1 12 ? -1.452  -1.355  -10.247 1.00 0.00 ? 12 A A C4     1 
ATOM 377  H "H5'"  . A A 1 12 ? -7.162  -1.192  -8.025  1.00 0.00 ? 12 A A "H5'"  1 
ATOM 378  H "H5''" . A A 1 12 ? -6.798  -2.437  -6.811  1.00 0.00 ? 12 A A "H5''" 1 
ATOM 379  H "H4'"  . A A 1 12 ? -6.333  -3.290  -9.072  1.00 0.00 ? 12 A A "H4'"  1 
ATOM 380  H "H3'"  . A A 1 12 ? -3.973  -2.657  -7.285  1.00 0.00 ? 12 A A "H3'"  1 
ATOM 381  H "H2'"  . A A 1 12 ? -2.559  -3.615  -8.843  1.00 0.00 ? 12 A A "H2'"  1 
ATOM 382  H "HO2'" . A A 1 12 ? -4.347  -5.352  -9.223  1.00 0.00 ? 12 A A "HO2'" 1 
ATOM 383  H "H1'"  . A A 1 12 ? -3.813  -2.591  -11.074 1.00 0.00 ? 12 A A "H1'"  1 
ATOM 384  H H8     . A A 1 12 ? -3.676  0.056   -8.458  1.00 0.00 ? 12 A A H8     1 
ATOM 385  H H61    . A A 1 12 ? 2.174   1.113   -10.045 1.00 0.00 ? 12 A A H61    1 
ATOM 386  H H62    . A A 1 12 ? 0.799   1.724   -9.155  1.00 0.00 ? 12 A A H62    1 
ATOM 387  H H2     . A A 1 12 ? 0.871   -2.726  -11.970 1.00 0.00 ? 12 A A H2     1 
ATOM 388  P P      . U A 1 13 ? -4.006  -5.087  -6.108  1.00 0.00 ? 13 U A P      1 
ATOM 389  O OP1    . U A 1 13 ? -4.761  -6.182  -5.458  1.00 0.00 ? 13 U A OP1    1 
ATOM 390  O OP2    . U A 1 13 ? -3.532  -3.937  -5.304  1.00 0.00 ? 13 U A OP2    1 
ATOM 391  O "O5'"  . U A 1 13 ? -2.747  -5.722  -6.864  1.00 0.00 ? 13 U A "O5'"  1 
ATOM 392  C "C5'"  . U A 1 13 ? -2.907  -6.872  -7.699  1.00 0.00 ? 13 U A "C5'"  1 
ATOM 393  C "C4'"  . U A 1 13 ? -1.603  -7.213  -8.395  1.00 0.00 ? 13 U A "C4'"  1 
ATOM 394  O "O4'"  . U A 1 13 ? -1.176  -6.128  -9.240  1.00 0.00 ? 13 U A "O4'"  1 
ATOM 395  C "C3'"  . U A 1 13 ? -0.496  -7.388  -7.379  1.00 0.00 ? 13 U A "C3'"  1 
ATOM 396  O "O3'"  . U A 1 13 ? -0.502  -8.689  -6.782  1.00 0.00 ? 13 U A "O3'"  1 
ATOM 397  C "C2'"  . U A 1 13 ? 0.737   -7.109  -8.182  1.00 0.00 ? 13 U A "C2'"  1 
ATOM 398  O "O2'"  . U A 1 13 ? 1.192   -8.290  -8.857  1.00 0.00 ? 13 U A "O2'"  1 
ATOM 399  C "C1'"  . U A 1 13 ? 0.271   -6.046  -9.177  1.00 0.00 ? 13 U A "C1'"  1 
ATOM 400  N N1     . U A 1 13 ? 0.643   -4.694  -8.695  1.00 0.00 ? 13 U A N1     1 
ATOM 401  C C2     . U A 1 13 ? 1.939   -4.270  -8.881  1.00 0.00 ? 13 U A C2     1 
ATOM 402  O O2     . U A 1 13 ? 2.785   -4.961  -9.438  1.00 0.00 ? 13 U A O2     1 
ATOM 403  N N3     . U A 1 13 ? 2.234   -3.007  -8.409  1.00 0.00 ? 13 U A N3     1 
ATOM 404  C C4     . U A 1 13 ? 1.362   -2.138  -7.784  1.00 0.00 ? 13 U A C4     1 
ATOM 405  O O4     . U A 1 13 ? 1.743   -1.031  -7.418  1.00 0.00 ? 13 U A O4     1 
ATOM 406  C C5     . U A 1 13 ? 0.026   -2.658  -7.631  1.00 0.00 ? 13 U A C5     1 
ATOM 407  C C6     . U A 1 13 ? -0.286  -3.896  -8.076  1.00 0.00 ? 13 U A C6     1 
ATOM 408  H "H5'"  . U A 1 13 ? -3.671  -6.671  -8.450  1.00 0.00 ? 13 U A "H5'"  1 
ATOM 409  H "H5''" . U A 1 13 ? -3.220  -7.719  -7.089  1.00 0.00 ? 13 U A "H5''" 1 
ATOM 410  H "H4'"  . U A 1 13 ? -1.717  -8.119  -8.988  1.00 0.00 ? 13 U A "H4'"  1 
ATOM 411  H "H3'"  . U A 1 13 ? -0.596  -6.617  -6.607  1.00 0.00 ? 13 U A "H3'"  1 
ATOM 412  H "H2'"  . U A 1 13 ? 1.519   -6.706  -7.543  1.00 0.00 ? 13 U A "H2'"  1 
ATOM 413  H "HO2'" . U A 1 13 ? 0.585   -8.998  -8.629  1.00 0.00 ? 13 U A "HO2'" 1 
ATOM 414  H "H1'"  . U A 1 13 ? 0.707   -6.226  -10.158 1.00 0.00 ? 13 U A "H1'"  1 
ATOM 415  H H3     . U A 1 13 ? 3.183   -2.690  -8.529  1.00 0.00 ? 13 U A H3     1 
ATOM 416  H H5     . U A 1 13 ? -0.738  -2.049  -7.151  1.00 0.00 ? 13 U A H5     1 
ATOM 417  H H6     . U A 1 13 ? -1.283  -4.287  -7.901  1.00 0.00 ? 13 U A H6     1 
ATOM 418  P P      . G A 1 14 ? 0.112   -8.895  -5.304  1.00 0.00 ? 14 G A P      1 
ATOM 419  O OP1    . G A 1 14 ? -0.244  -10.253 -4.839  1.00 0.00 ? 14 G A OP1    1 
ATOM 420  O OP2    . G A 1 14 ? -0.249  -7.718  -4.485  1.00 0.00 ? 14 G A OP2    1 
ATOM 421  O "O5'"  . G A 1 14 ? 1.692   -8.852  -5.578  1.00 0.00 ? 14 G A "O5'"  1 
ATOM 422  C "C5'"  . G A 1 14 ? 2.317   -9.883  -6.349  1.00 0.00 ? 14 G A "C5'"  1 
ATOM 423  C "C4'"  . G A 1 14 ? 3.778   -9.556  -6.617  1.00 0.00 ? 14 G A "C4'"  1 
ATOM 424  O "O4'"  . G A 1 14 ? 3.885   -8.297  -7.300  1.00 0.00 ? 14 G A "O4'"  1 
ATOM 425  C "C3'"  . G A 1 14 ? 4.550   -9.381  -5.327  1.00 0.00 ? 14 G A "C3'"  1 
ATOM 426  O "O3'"  . G A 1 14 ? 5.014   -10.658 -4.852  1.00 0.00 ? 14 G A "O3'"  1 
ATOM 427  C "C2'"  . G A 1 14 ? 5.675   -8.467  -5.706  1.00 0.00 ? 14 G A "C2'"  1 
ATOM 428  O "O2'"  . G A 1 14 ? 6.827   -9.209  -6.148  1.00 0.00 ? 14 G A "O2'"  1 
ATOM 429  C "C1'"  . G A 1 14 ? 5.074   -7.615  -6.829  1.00 0.00 ? 14 G A "C1'"  1 
ATOM 430  N N9     . G A 1 14 ? 4.687   -6.281  -6.330  1.00 0.00 ? 14 G A N9     1 
ATOM 431  C C8     . G A 1 14 ? 3.451   -5.796  -6.050  1.00 0.00 ? 14 G A C8     1 
ATOM 432  N N7     . G A 1 14 ? 3.361   -4.564  -5.679  1.00 0.00 ? 14 G A N7     1 
ATOM 433  C C5     . G A 1 14 ? 4.699   -4.167  -5.703  1.00 0.00 ? 14 G A C5     1 
ATOM 434  C C6     . G A 1 14 ? 5.283   -2.914  -5.388  1.00 0.00 ? 14 G A C6     1 
ATOM 435  O O6     . G A 1 14 ? 4.730   -1.881  -5.017  1.00 0.00 ? 14 G A O6     1 
ATOM 436  N N1     . G A 1 14 ? 6.658   -2.946  -5.537  1.00 0.00 ? 14 G A N1     1 
ATOM 437  C C2     . G A 1 14 ? 7.384   -4.043  -5.938  1.00 0.00 ? 14 G A C2     1 
ATOM 438  N N2     . G A 1 14 ? 8.698   -3.883  -6.004  1.00 0.00 ? 14 G A N2     1 
ATOM 439  N N3     . G A 1 14 ? 6.850   -5.220  -6.239  1.00 0.00 ? 14 G A N3     1 
ATOM 440  C C4     . G A 1 14 ? 5.512   -5.216  -6.101  1.00 0.00 ? 14 G A C4     1 
ATOM 441  H "H5'"  . G A 1 14 ? 1.795   -9.984  -7.301  1.00 0.00 ? 14 G A "H5'"  1 
ATOM 442  H "H5''" . G A 1 14 ? 2.255   -10.824 -5.803  1.00 0.00 ? 14 G A "H5''" 1 
ATOM 443  H "H4'"  . G A 1 14 ? 4.233   -10.337 -7.221  1.00 0.00 ? 14 G A "H4'"  1 
ATOM 444  H "H3'"  . G A 1 14 ? 3.917   -8.897  -4.578  1.00 0.00 ? 14 G A "H3'"  1 
ATOM 445  H "H2'"  . G A 1 14 ? 5.935   -7.828  -4.858  1.00 0.00 ? 14 G A "H2'"  1 
ATOM 446  H "HO2'" . G A 1 14 ? 7.142   -9.717  -5.395  1.00 0.00 ? 14 G A "HO2'" 1 
ATOM 447  H "H1'"  . G A 1 14 ? 5.791   -7.512  -7.642  1.00 0.00 ? 14 G A "H1'"  1 
ATOM 448  H H8     . G A 1 14 ? 2.572   -6.432  -6.107  1.00 0.00 ? 14 G A H8     1 
ATOM 449  H H1     . G A 1 14 ? 7.147   -2.091  -5.321  1.00 0.00 ? 14 G A H1     1 
ATOM 450  H H21    . G A 1 14 ? 9.112   -2.990  -5.778  1.00 0.00 ? 14 G A H21    1 
ATOM 451  H H22    . G A 1 14 ? 9.284   -4.658  -6.274  1.00 0.00 ? 14 G A H22    1 
ATOM 452  P P      . A A 1 15 ? 5.439   -10.891 -3.317  1.00 0.00 ? 15 A A P      1 
ATOM 453  O OP1    . A A 1 15 ? 5.611   -12.345 -3.098  1.00 0.00 ? 15 A A OP1    1 
ATOM 454  O OP2    . A A 1 15 ? 4.524   -10.114 -2.450  1.00 0.00 ? 15 A A OP2    1 
ATOM 455  O "O5'"  . A A 1 15 ? 6.894   -10.199 -3.281  1.00 0.00 ? 15 A A "O5'"  1 
ATOM 456  C "C5'"  . A A 1 15 ? 7.326   -9.393  -2.181  1.00 0.00 ? 15 A A "C5'"  1 
ATOM 457  C "C4'"  . A A 1 15 ? 8.109   -8.182  -2.678  1.00 0.00 ? 15 A A "C4'"  1 
ATOM 458  O "O4'"  . A A 1 15 ? 7.251   -7.287  -3.406  1.00 0.00 ? 15 A A "O4'"  1 
ATOM 459  C "C3'"  . A A 1 15 ? 8.670   -7.368  -1.531  1.00 0.00 ? 15 A A "C3'"  1 
ATOM 460  O "O3'"  . A A 1 15 ? 9.939   -7.880  -1.094  1.00 0.00 ? 15 A A "O3'"  1 
ATOM 461  C "C2'"  . A A 1 15 ? 8.815   -6.000  -2.133  1.00 0.00 ? 15 A A "C2'"  1 
ATOM 462  O "O2'"  . A A 1 15 ? 10.100  -5.838  -2.746  1.00 0.00 ? 15 A A "O2'"  1 
ATOM 463  C "C1'"  . A A 1 15 ? 7.699   -5.930  -3.172  1.00 0.00 ? 15 A A "C1'"  1 
ATOM 464  N N9     . A A 1 15 ? 6.582   -5.090  -2.704  1.00 0.00 ? 15 A A N9     1 
ATOM 465  C C8     . A A 1 15 ? 5.264   -5.389  -2.585  1.00 0.00 ? 15 A A C8     1 
ATOM 466  N N7     . A A 1 15 ? 4.479   -4.458  -2.151  1.00 0.00 ? 15 A A N7     1 
ATOM 467  C C5     . A A 1 15 ? 5.376   -3.402  -1.954  1.00 0.00 ? 15 A A C5     1 
ATOM 468  C C6     . A A 1 15 ? 5.210   -2.088  -1.496  1.00 0.00 ? 15 A A C6     1 
ATOM 469  N N6     . A A 1 15 ? 4.033   -1.585  -1.137  1.00 0.00 ? 15 A A N6     1 
ATOM 470  N N1     . A A 1 15 ? 6.305   -1.314  -1.422  1.00 0.00 ? 15 A A N1     1 
ATOM 471  C C2     . A A 1 15 ? 7.498   -1.798  -1.775  1.00 0.00 ? 15 A A C2     1 
ATOM 472  N N3     . A A 1 15 ? 7.770   -3.021  -2.221  1.00 0.00 ? 15 A A N3     1 
ATOM 473  C C4     . A A 1 15 ? 6.656   -3.779  -2.286  1.00 0.00 ? 15 A A C4     1 
ATOM 474  H "H5'"  . A A 1 15 ? 7.963   -9.991  -1.530  1.00 0.00 ? 15 A A "H5'"  1 
ATOM 475  H "H5''" . A A 1 15 ? 6.457   -9.053  -1.617  1.00 0.00 ? 15 A A "H5''" 1 
ATOM 476  H "H4'"  . A A 1 15 ? 8.920   -8.510  -3.327  1.00 0.00 ? 15 A A "H4'"  1 
ATOM 477  H "H3'"  . A A 1 15 ? 7.956   -7.339  -0.706  1.00 0.00 ? 15 A A "H3'"  1 
ATOM 478  H "H2'"  . A A 1 15 ? 8.660   -5.237  -1.367  1.00 0.00 ? 15 A A "H2'"  1 
ATOM 479  H "HO2'" . A A 1 15 ? 10.722  -6.371  -2.242  1.00 0.00 ? 15 A A "HO2'" 1 
ATOM 480  H "H1'"  . A A 1 15 ? 8.097   -5.518  -4.099  1.00 0.00 ? 15 A A "H1'"  1 
ATOM 481  H H8     . A A 1 15 ? 4.882   -6.376  -2.847  1.00 0.00 ? 15 A A H8     1 
ATOM 482  H H61    . A A 1 15 ? 3.969   -0.629  -0.817  1.00 0.00 ? 15 A A H61    1 
ATOM 483  H H62    . A A 1 15 ? 3.203   -2.157  -1.184  1.00 0.00 ? 15 A A H62    1 
ATOM 484  H H2     . A A 1 15 ? 8.343   -1.115  -1.687  1.00 0.00 ? 15 A A H2     1 
ATOM 485  P P      . G A 1 16 ? 10.038  -8.983  0.078   1.00 0.00 ? 16 G A P      1 
ATOM 486  O OP1    . G A 1 16 ? 10.995  -10.027 -0.355  1.00 0.00 ? 16 G A OP1    1 
ATOM 487  O OP2    . G A 1 16 ? 8.666   -9.366  0.482   1.00 0.00 ? 16 G A OP2    1 
ATOM 488  O "O5'"  . G A 1 16 ? 10.711  -8.154  1.286   1.00 0.00 ? 16 G A "O5'"  1 
ATOM 489  C "C5'"  . G A 1 16 ? 9.912   -7.568  2.323   1.00 0.00 ? 16 G A "C5'"  1 
ATOM 490  C "C4'"  . G A 1 16 ? 10.021  -6.045  2.328   1.00 0.00 ? 16 G A "C4'"  1 
ATOM 491  O "O4'"  . G A 1 16 ? 9.268   -5.462  1.245   1.00 0.00 ? 16 G A "O4'"  1 
ATOM 492  C "C3'"  . G A 1 16 ? 9.431   -5.460  3.592   1.00 0.00 ? 16 G A "C3'"  1 
ATOM 493  O "O3'"  . G A 1 16 ? 10.374  -5.475  4.678   1.00 0.00 ? 16 G A "O3'"  1 
ATOM 494  C "C2'"  . G A 1 16 ? 9.067   -4.061  3.178   1.00 0.00 ? 16 G A "C2'"  1 
ATOM 495  O "O2'"  . G A 1 16 ? 10.157  -3.153  3.384   1.00 0.00 ? 16 G A "O2'"  1 
ATOM 496  C "C1'"  . G A 1 16 ? 8.726   -4.190  1.695   1.00 0.00 ? 16 G A "C1'"  1 
ATOM 497  N N9     . G A 1 16 ? 7.260   -4.148  1.505   1.00 0.00 ? 16 G A N9     1 
ATOM 498  C C8     . G A 1 16 ? 6.406   -5.153  1.191   1.00 0.00 ? 16 G A C8     1 
ATOM 499  N N7     . G A 1 16 ? 5.149   -4.875  1.140   1.00 0.00 ? 16 G A N7     1 
ATOM 500  C C5     . G A 1 16 ? 5.146   -3.510  1.458   1.00 0.00 ? 16 G A C5     1 
ATOM 501  C C6     . G A 1 16 ? 4.060   -2.599  1.572   1.00 0.00 ? 16 G A C6     1 
ATOM 502  O O6     . G A 1 16 ? 2.863   -2.812  1.408   1.00 0.00 ? 16 G A O6     1 
ATOM 503  N N1     . G A 1 16 ? 4.496   -1.327  1.907   1.00 0.00 ? 16 G A N1     1 
ATOM 504  C C2     . G A 1 16 ? 5.805   -0.965  2.109   1.00 0.00 ? 16 G A C2     1 
ATOM 505  N N2     . G A 1 16 ? 6.019   0.308   2.414   1.00 0.00 ? 16 G A N2     1 
ATOM 506  N N3     . G A 1 16 ? 6.835   -1.806  2.007   1.00 0.00 ? 16 G A N3     1 
ATOM 507  C C4     . G A 1 16 ? 6.438   -3.058  1.680   1.00 0.00 ? 16 G A C4     1 
ATOM 508  H "H5'"  . G A 1 16 ? 10.250  -7.949  3.286   1.00 0.00 ? 16 G A "H5'"  1 
ATOM 509  H "H5''" . G A 1 16 ? 8.868   -7.849  2.176   1.00 0.00 ? 16 G A "H5''" 1 
ATOM 510  H "H4'"  . G A 1 16 ? 11.065  -5.751  2.241   1.00 0.00 ? 16 G A "H4'"  1 
ATOM 511  H "H3'"  . G A 1 16 ? 8.523   -6.006  3.861   1.00 0.00 ? 16 G A "H3'"  1 
ATOM 512  H "H2'"  . G A 1 16 ? 8.187   -3.728  3.727   1.00 0.00 ? 16 G A "H2'"  1 
ATOM 513  H "HO2'" . G A 1 16 ? 10.338  -3.137  4.328   1.00 0.00 ? 16 G A "HO2'" 1 
ATOM 514  H "H1'"  . G A 1 16 ? 9.190   -3.375  1.140   1.00 0.00 ? 16 G A "H1'"  1 
ATOM 515  H H8     . G A 1 16 ? 6.769   -6.161  0.991   1.00 0.00 ? 16 G A H8     1 
ATOM 516  H H1     . G A 1 16 ? 3.778   -0.628  2.010   1.00 0.00 ? 16 G A H1     1 
ATOM 517  H H21    . G A 1 16 ? 5.241   0.949   2.492   1.00 0.00 ? 16 G A H21    1 
ATOM 518  H H22    . G A 1 16 ? 6.960   0.634   2.571   1.00 0.00 ? 16 G A H22    1 
ATOM 519  P P      . G A 1 17 ? 9.901   -5.857  6.175   1.00 0.00 ? 17 G A P      1 
ATOM 520  O OP1    . G A 1 17 ? 11.084  -6.333  6.928   1.00 0.00 ? 17 G A OP1    1 
ATOM 521  O OP2    . G A 1 17 ? 8.695   -6.709  6.080   1.00 0.00 ? 17 G A OP2    1 
ATOM 522  O "O5'"  . G A 1 17 ? 9.465   -4.434  6.775   1.00 0.00 ? 17 G A "O5'"  1 
ATOM 523  C "C5'"  . G A 1 17 ? 10.447  -3.451  7.121   1.00 0.00 ? 17 G A "C5'"  1 
ATOM 524  C "C4'"  . G A 1 17 ? 9.787   -2.140  7.509   1.00 0.00 ? 17 G A "C4'"  1 
ATOM 525  O "O4'"  . G A 1 17 ? 9.078   -1.572  6.392   1.00 0.00 ? 17 G A "O4'"  1 
ATOM 526  C "C3'"  . G A 1 17 ? 8.738   -2.360  8.576   1.00 0.00 ? 17 G A "C3'"  1 
ATOM 527  O "O3'"  . G A 1 17 ? 9.297   -2.431  9.892   1.00 0.00 ? 17 G A "O3'"  1 
ATOM 528  C "C2'"  . G A 1 17 ? 7.850   -1.180  8.392   1.00 0.00 ? 17 G A "C2'"  1 
ATOM 529  O "O2'"  . G A 1 17 ? 8.346   -0.048  9.116   1.00 0.00 ? 17 G A "O2'"  1 
ATOM 530  C "C1'"  . G A 1 17 ? 7.887   -0.927  6.901   1.00 0.00 ? 17 G A "C1'"  1 
ATOM 531  N N9     . G A 1 17 ? 6.709   -1.522  6.253   1.00 0.00 ? 17 G A N9     1 
ATOM 532  C C8     . G A 1 17 ? 6.631   -2.652  5.514   1.00 0.00 ? 17 G A C8     1 
ATOM 533  N N7     . G A 1 17 ? 5.488   -2.953  4.998   1.00 0.00 ? 17 G A N7     1 
ATOM 534  C C5     . G A 1 17 ? 4.689   -1.894  5.447   1.00 0.00 ? 17 G A C5     1 
ATOM 535  C C6     . G A 1 17 ? 3.310   -1.631  5.227   1.00 0.00 ? 17 G A C6     1 
ATOM 536  O O6     . G A 1 17 ? 2.502   -2.283  4.573   1.00 0.00 ? 17 G A O6     1 
ATOM 537  N N1     . G A 1 17 ? 2.910   -0.466  5.858   1.00 0.00 ? 17 G A N1     1 
ATOM 538  C C2     . G A 1 17 ? 3.725   0.349   6.606   1.00 0.00 ? 17 G A C2     1 
ATOM 539  N N2     . G A 1 17 ? 3.156   1.422   7.128   1.00 0.00 ? 17 G A N2     1 
ATOM 540  N N3     . G A 1 17 ? 5.014   0.115   6.820   1.00 0.00 ? 17 G A N3     1 
ATOM 541  C C4     . G A 1 17 ? 5.432   -1.015  6.215   1.00 0.00 ? 17 G A C4     1 
ATOM 542  H "H5'"  . G A 1 17 ? 11.104  -3.281  6.267   1.00 0.00 ? 17 G A "H5'"  1 
ATOM 543  H "H5''" . G A 1 17 ? 11.038  -3.816  7.961   1.00 0.00 ? 17 G A "H5''" 1 
ATOM 544  H "H4'"  . G A 1 17 ? 10.537  -1.434  7.862   1.00 0.00 ? 17 G A "H4'"  1 
ATOM 545  H "H3'"  . G A 1 17 ? 8.178   -3.273  8.349   1.00 0.00 ? 17 G A "H3'"  1 
ATOM 546  H "H2'"  . G A 1 17 ? 6.839   -1.416  8.701   1.00 0.00 ? 17 G A "H2'"  1 
ATOM 547  H "HO2'" . G A 1 17 ? 9.280   -0.198  9.271   1.00 0.00 ? 17 G A "HO2'" 1 
ATOM 548  H "H1'"  . G A 1 17 ? 7.919   0.144   6.700   1.00 0.00 ? 17 G A "H1'"  1 
ATOM 549  H H8     . G A 1 17 ? 7.499   -3.293  5.377   1.00 0.00 ? 17 G A H8     1 
ATOM 550  H H1     . G A 1 17 ? 1.940   -0.214  5.747   1.00 0.00 ? 17 G A H1     1 
ATOM 551  H H21    . G A 1 17 ? 2.176   1.604   6.970   1.00 0.00 ? 17 G A H21    1 
ATOM 552  H H22    . G A 1 17 ? 3.704   2.062   7.686   1.00 0.00 ? 17 G A H22    1 
ATOM 553  P P      . U A 1 18 ? 8.535   -3.264  11.044  1.00 0.00 ? 18 U A P      1 
ATOM 554  O OP1    . U A 1 18 ? 9.437   -3.366  12.214  1.00 0.00 ? 18 U A OP1    1 
ATOM 555  O OP2    . U A 1 18 ? 7.976   -4.493  10.438  1.00 0.00 ? 18 U A OP2    1 
ATOM 556  O "O5'"  . U A 1 18 ? 7.318   -2.295  11.427  1.00 0.00 ? 18 U A "O5'"  1 
ATOM 557  C "C5'"  . U A 1 18 ? 7.561   -1.035  12.056  1.00 0.00 ? 18 U A "C5'"  1 
ATOM 558  C "C4'"  . U A 1 18 ? 6.271   -0.243  12.188  1.00 0.00 ? 18 U A "C4'"  1 
ATOM 559  O "O4'"  . U A 1 18 ? 5.706   0.037   10.897  1.00 0.00 ? 18 U A "O4'"  1 
ATOM 560  C "C3'"  . U A 1 18 ? 5.225   -1.054  12.915  1.00 0.00 ? 18 U A "C3'"  1 
ATOM 561  O "O3'"  . U A 1 18 ? 5.388   -0.987  14.333  1.00 0.00 ? 18 U A "O3'"  1 
ATOM 562  C "C2'"  . U A 1 18 ? 3.949   -0.445  12.437  1.00 0.00 ? 18 U A "C2'"  1 
ATOM 563  O "O2'"  . U A 1 18 ? 3.563   0.678   13.240  1.00 0.00 ? 18 U A "O2'"  1 
ATOM 564  C "C1'"  . U A 1 18 ? 4.261   -0.028  11.011  1.00 0.00 ? 18 U A "C1'"  1 
ATOM 565  N N1     . U A 1 18 ? 3.758   -1.047  10.065  1.00 0.00 ? 18 U A N1     1 
ATOM 566  C C2     . U A 1 18 ? 2.420   -1.037  9.739   1.00 0.00 ? 18 U A C2     1 
ATOM 567  O O2     . U A 1 18 ? 1.623   -0.250  10.239  1.00 0.00 ? 18 U A O2     1 
ATOM 568  N N3     . U A 1 18 ? 2.014   -1.994  8.831   1.00 0.00 ? 18 U A N3     1 
ATOM 569  C C4     . U A 1 18 ? 2.812   -2.946  8.227   1.00 0.00 ? 18 U A C4     1 
ATOM 570  O O4     . U A 1 18 ? 2.331   -3.747  7.433   1.00 0.00 ? 18 U A O4     1 
ATOM 571  C C5     . U A 1 18 ? 4.196   -2.888  8.626   1.00 0.00 ? 18 U A C5     1 
ATOM 572  C C6     . U A 1 18 ? 4.617   -1.963  9.517   1.00 0.00 ? 18 U A C6     1 
ATOM 573  H "H5'"  . U A 1 18 ? 8.274   -0.465  11.458  1.00 0.00 ? 18 U A "H5'"  1 
ATOM 574  H "H5''" . U A 1 18 ? 7.981   -1.205  13.049  1.00 0.00 ? 18 U A "H5''" 1 
ATOM 575  H "H4'"  . U A 1 18 ? 6.455   0.689   12.719  1.00 0.00 ? 18 U A "H4'"  1 
ATOM 576  H "H3'"  . U A 1 18 ? 5.274   -2.093  12.576  1.00 0.00 ? 18 U A "H3'"  1 
ATOM 577  H "H2'"  . U A 1 18 ? 3.164   -1.191  12.429  1.00 0.00 ? 18 U A "H2'"  1 
ATOM 578  H "HO2'" . U A 1 18 ? 3.000   0.344   13.944  1.00 0.00 ? 18 U A "HO2'" 1 
ATOM 579  H "H1'"  . U A 1 18 ? 3.817   0.943   10.792  1.00 0.00 ? 18 U A "H1'"  1 
ATOM 580  H H3     . U A 1 18 ? 1.036   -1.995  8.583   1.00 0.00 ? 18 U A H3     1 
ATOM 581  H H5     . U A 1 18 ? 4.909   -3.596  8.202   1.00 0.00 ? 18 U A H5     1 
ATOM 582  H H6     . U A 1 18 ? 5.656   -1.971  9.840   1.00 0.00 ? 18 U A H6     1 
ATOM 583  P P      . C A 1 19 ? 4.874   -2.202  15.249  1.00 0.00 ? 19 C A P      1 
ATOM 584  O OP1    . C A 1 19 ? 5.374   -1.994  16.628  1.00 0.00 ? 19 C A OP1    1 
ATOM 585  O OP2    . C A 1 19 ? 5.158   -3.472  14.542  1.00 0.00 ? 19 C A OP2    1 
ATOM 586  O "O5'"  . C A 1 19 ? 3.289   -1.972  15.247  1.00 0.00 ? 19 C A "O5'"  1 
ATOM 587  C "C5'"  . C A 1 19 ? 2.721   -0.847  15.922  1.00 0.00 ? 19 C A "C5'"  1 
ATOM 588  C "C4'"  . C A 1 19 ? 1.227   -0.759  15.661  1.00 0.00 ? 19 C A "C4'"  1 
ATOM 589  O "O4'"  . C A 1 19 ? 0.947   -0.621  14.255  1.00 0.00 ? 19 C A "O4'"  1 
ATOM 590  C "C3'"  . C A 1 19 ? 0.546   -2.038  16.079  1.00 0.00 ? 19 C A "C3'"  1 
ATOM 591  O "O3'"  . C A 1 19 ? 0.289   -2.068  17.484  1.00 0.00 ? 19 C A "O3'"  1 
ATOM 592  C "C2'"  . C A 1 19 ? -0.698  -2.049  15.250  1.00 0.00 ? 19 C A "C2'"  1 
ATOM 593  O "O2'"  . C A 1 19 ? -1.767  -1.346  15.897  1.00 0.00 ? 19 C A "O2'"  1 
ATOM 594  C "C1'"  . C A 1 19 ? -0.271  -1.359  13.958  1.00 0.00 ? 19 C A "C1'"  1 
ATOM 595  N N1     . C A 1 19 ? 0.022   -2.370  12.913  1.00 0.00 ? 19 C A N1     1 
ATOM 596  C C2     . C A 1 19 ? -1.036  -2.944  12.231  1.00 0.00 ? 19 C A C2     1 
ATOM 597  O O2     . C A 1 19 ? -2.194  -2.613  12.485  1.00 0.00 ? 19 C A O2     1 
ATOM 598  N N3     . C A 1 19 ? -0.760  -3.877  11.274  1.00 0.00 ? 19 C A N3     1 
ATOM 599  C C4     . C A 1 19 ? 0.499   -4.228  10.992  1.00 0.00 ? 19 C A C4     1 
ATOM 600  N N4     . C A 1 19 ? 0.727   -5.134  10.046  1.00 0.00 ? 19 C A N4     1 
ATOM 601  C C5     . C A 1 19 ? 1.595   -3.638  11.691  1.00 0.00 ? 19 C A C5     1 
ATOM 602  C C6     . C A 1 19 ? 1.312   -2.725  12.639  1.00 0.00 ? 19 C A C6     1 
ATOM 603  H "H5'"  . C A 1 19 ? 3.201   0.067   15.572  1.00 0.00 ? 19 C A "H5'"  1 
ATOM 604  H "H5''" . C A 1 19 ? 2.890   -0.951  16.995  1.00 0.00 ? 19 C A "H5''" 1 
ATOM 605  H "H4'"  . C A 1 19 ? 0.802   0.085   16.203  1.00 0.00 ? 19 C A "H4'"  1 
ATOM 606  H "H3'"  . C A 1 19 ? 1.172   -2.887  15.791  1.00 0.00 ? 19 C A "H3'"  1 
ATOM 607  H "H2'"  . C A 1 19 ? -0.991  -3.070  15.033  1.00 0.00 ? 19 C A "H2'"  1 
ATOM 608  H "HO2'" . C A 1 19 ? -2.303  -2.003  16.347  1.00 0.00 ? 19 C A "HO2'" 1 
ATOM 609  H "H1'"  . C A 1 19 ? -1.051  -0.682  13.615  1.00 0.00 ? 19 C A "H1'"  1 
ATOM 610  H H41    . C A 1 19 ? -0.050  -5.554  9.550   1.00 0.00 ? 19 C A H41    1 
ATOM 611  H H42    . C A 1 19 ? 1.673   -5.405  9.824   1.00 0.00 ? 19 C A H42    1 
ATOM 612  H H5     . C A 1 19 ? 2.622   -3.911  11.461  1.00 0.00 ? 19 C A H5     1 
ATOM 613  H H6     . C A 1 19 ? 2.114   -2.292  13.227  1.00 0.00 ? 19 C A H6     1 
ATOM 614  P P      . A A 1 20 ? 0.216   -3.476  18.253  1.00 0.00 ? 20 A A P      1 
ATOM 615  O OP1    . A A 1 20 ? 0.180   -3.210  19.708  1.00 0.00 ? 20 A A OP1    1 
ATOM 616  O OP2    . A A 1 20 ? 1.250   -4.372  17.689  1.00 0.00 ? 20 A A OP2    1 
ATOM 617  O "O5'"  . A A 1 20 ? -1.225  -4.027  17.801  1.00 0.00 ? 20 A A "O5'"  1 
ATOM 618  C "C5'"  . A A 1 20 ? -2.411  -3.359  18.240  1.00 0.00 ? 20 A A "C5'"  1 
ATOM 619  C "C4'"  . A A 1 20 ? -3.662  -3.942  17.602  1.00 0.00 ? 20 A A "C4'"  1 
ATOM 620  O "O4'"  . A A 1 20 ? -3.673  -3.782  16.167  1.00 0.00 ? 20 A A "O4'"  1 
ATOM 621  C "C3'"  . A A 1 20 ? -3.782  -5.423  17.867  1.00 0.00 ? 20 A A "C3'"  1 
ATOM 622  O "O3'"  . A A 1 20 ? -4.440  -5.678  19.113  1.00 0.00 ? 20 A A "O3'"  1 
ATOM 623  C "C2'"  . A A 1 20 ? -4.558  -5.947  16.692  1.00 0.00 ? 20 A A "C2'"  1 
ATOM 624  O "O2'"  . A A 1 20 ? -5.966  -5.937  16.952  1.00 0.00 ? 20 A A "O2'"  1 
ATOM 625  C "C1'"  . A A 1 20 ? -4.202  -4.991  15.562  1.00 0.00 ? 20 A A "C1'"  1 
ATOM 626  N N9     . A A 1 20 ? -3.204  -5.611  14.673  1.00 0.00 ? 20 A A N9     1 
ATOM 627  C C8     . A A 1 20 ? -1.872  -5.399  14.587  1.00 0.00 ? 20 A A C8     1 
ATOM 628  N N7     . A A 1 20 ? -1.218  -6.061  13.692  1.00 0.00 ? 20 A A N7     1 
ATOM 629  C C5     . A A 1 20 ? -2.234  -6.822  13.110  1.00 0.00 ? 20 A A C5     1 
ATOM 630  C C6     . A A 1 20 ? -2.241  -7.766  12.082  1.00 0.00 ? 20 A A C6     1 
ATOM 631  N N6     . A A 1 20 ? -1.154  -8.108  11.396  1.00 0.00 ? 20 A A N6     1 
ATOM 632  N N1     . A A 1 20 ? -3.417  -8.328  11.770  1.00 0.00 ? 20 A A N1     1 
ATOM 633  C C2     . A A 1 20 ? -4.524  -7.980  12.431  1.00 0.00 ? 20 A A C2     1 
ATOM 634  N N3     . A A 1 20 ? -4.631  -7.097  13.415  1.00 0.00 ? 20 A A N3     1 
ATOM 635  C C4     . A A 1 20 ? -3.445  -6.554  13.707  1.00 0.00 ? 20 A A C4     1 
ATOM 636  H "H5'"  . A A 1 20 ? -2.341  -2.303  17.981  1.00 0.00 ? 20 A A "H5'"  1 
ATOM 637  H "H5''" . A A 1 20 ? -2.491  -3.453  19.324  1.00 0.00 ? 20 A A "H5''" 1 
ATOM 638  H "H4'"  . A A 1 20 ? -4.537  -3.439  18.015  1.00 0.00 ? 20 A A "H4'"  1 
ATOM 639  H "H3'"  . A A 1 20 ? -2.785  -5.872  17.868  1.00 0.00 ? 20 A A "H3'"  1 
ATOM 640  H "H2'"  . A A 1 20 ? -4.223  -6.957  16.444  1.00 0.00 ? 20 A A "H2'"  1 
ATOM 641  H "HO2'" . A A 1 20 ? -6.152  -5.166  17.493  1.00 0.00 ? 20 A A "HO2'" 1 
ATOM 642  H "H1'"  . A A 1 20 ? -5.099  -4.752  14.991  1.00 0.00 ? 20 A A "H1'"  1 
ATOM 643  H H8     . A A 1 20 ? -1.367  -4.733  15.274  1.00 0.00 ? 20 A A H8     1 
ATOM 644  H H61    . A A 1 20 ? -1.217  -8.796  10.657  1.00 0.00 ? 20 A A H61    1 
ATOM 645  H H62    . A A 1 20 ? -0.268  -7.676  11.608  1.00 0.00 ? 20 A A H62    1 
ATOM 646  H H2     . A A 1 20 ? -5.444  -8.479  12.129  1.00 0.00 ? 20 A A H2     1 
ATOM 647  P P      . U A 1 21 ? -4.207  -7.072  19.883  1.00 0.00 ? 21 U A P      1 
ATOM 648  O OP1    . U A 1 21 ? -4.823  -6.970  21.225  1.00 0.00 ? 21 U A OP1    1 
ATOM 649  O OP2    . U A 1 21 ? -2.776  -7.441  19.757  1.00 0.00 ? 21 U A OP2    1 
ATOM 650  O "O5'"  . U A 1 21 ? -5.077  -8.100  19.003  1.00 0.00 ? 21 U A "O5'"  1 
ATOM 651  C "C5'"  . U A 1 21 ? -4.538  -9.356  18.574  1.00 0.00 ? 21 U A "C5'"  1 
ATOM 652  C "C4'"  . U A 1 21 ? -4.764  -9.577  17.080  1.00 0.00 ? 21 U A "C4'"  1 
ATOM 653  O "O4'"  . U A 1 21 ? -3.856  -8.772  16.298  1.00 0.00 ? 21 U A "O4'"  1 
ATOM 654  C "C3'"  . U A 1 21 ? -4.547  -11.035 16.703  1.00 0.00 ? 21 U A "C3'"  1 
ATOM 655  O "O3'"  . U A 1 21 ? -5.728  -11.576 16.086  1.00 0.00 ? 21 U A "O3'"  1 
ATOM 656  C "C2'"  . U A 1 21 ? -3.389  -11.045 15.738  1.00 0.00 ? 21 U A "C2'"  1 
ATOM 657  O "O2'"  . U A 1 21 ? -3.673  -11.874 14.607  1.00 0.00 ? 21 U A "O2'"  1 
ATOM 658  C "C1'"  . U A 1 21 ? -3.185  -9.596  15.327  1.00 0.00 ? 21 U A "C1'"  1 
ATOM 659  N N1     . U A 1 21 ? -1.746  -9.259  15.251  1.00 0.00 ? 21 U A N1     1 
ATOM 660  C C2     . U A 1 21 ? -1.007  -9.841  14.237  1.00 0.00 ? 21 U A C2     1 
ATOM 661  O O2     . U A 1 21 ? -1.503  -10.608 13.418  1.00 0.00 ? 21 U A O2     1 
ATOM 662  N N3     . U A 1 21 ? 0.328   -9.506  14.191  1.00 0.00 ? 21 U A N3     1 
ATOM 663  C C4     . U A 1 21 ? 0.986   -8.655  15.057  1.00 0.00 ? 21 U A C4     1 
ATOM 664  O O4     . U A 1 21 ? 2.185   -8.440  14.923  1.00 0.00 ? 21 U A O4     1 
ATOM 665  C C5     . U A 1 21 ? 0.142   -8.089  16.085  1.00 0.00 ? 21 U A C5     1 
ATOM 666  C C6     . U A 1 21 ? -1.174  -8.403  16.152  1.00 0.00 ? 21 U A C6     1 
ATOM 667  H "H5'"  . U A 1 21 ? -5.028  -10.158 19.129  1.00 0.00 ? 21 U A "H5'"  1 
ATOM 668  H "H5''" . U A 1 21 ? -3.468  -9.381  18.780  1.00 0.00 ? 21 U A "H5''" 1 
ATOM 669  H "H4'"  . U A 1 21 ? -5.782  -9.298  16.831  1.00 0.00 ? 21 U A "H4'"  1 
ATOM 670  H "H3'"  . U A 1 21 ? -4.290  -11.614 17.593  1.00 0.00 ? 21 U A "H3'"  1 
ATOM 671  H "H2'"  . U A 1 21 ? -2.497  -11.404 16.253  1.00 0.00 ? 21 U A "H2'"  1 
ATOM 672  H "HO2'" . U A 1 21 ? -4.537  -12.268 14.758  1.00 0.00 ? 21 U A "HO2'" 1 
ATOM 673  H "H1'"  . U A 1 21 ? -3.639  -9.438  14.350  1.00 0.00 ? 21 U A "H1'"  1 
ATOM 674  H H3     . U A 1 21 ? 0.876   -9.921  13.454  1.00 0.00 ? 21 U A H3     1 
ATOM 675  H H5     . U A 1 21 ? 0.568   -7.399  16.813  1.00 0.00 ? 21 U A H5     1 
ATOM 676  H H6     . U A 1 21 ? -1.786  -7.967  16.941  1.00 0.00 ? 21 U A H6     1 
ATOM 677  P P      . A A 1 22 ? -7.029  -11.972 16.960  1.00 0.00 ? 22 A A P      1 
ATOM 678  O OP1    . A A 1 22 ? -6.616  -12.963 17.977  1.00 0.00 ? 22 A A OP1    1 
ATOM 679  O OP2    . A A 1 22 ? -8.129  -12.300 16.024  1.00 0.00 ? 22 A A OP2    1 
ATOM 680  O "O5'"  . A A 1 22 ? -7.401  -10.599 17.725  1.00 0.00 ? 22 A A "O5'"  1 
ATOM 681  C "C5'"  . A A 1 22 ? -8.467  -9.746  17.274  1.00 0.00 ? 22 A A "C5'"  1 
ATOM 682  C "C4'"  . A A 1 22 ? -7.925  -8.485  16.603  1.00 0.00 ? 22 A A "C4'"  1 
ATOM 683  O "O4'"  . A A 1 22 ? -7.322  -8.797  15.316  1.00 0.00 ? 22 A A "O4'"  1 
ATOM 684  C "C3'"  . A A 1 22 ? -9.027  -7.463  16.344  1.00 0.00 ? 22 A A "C3'"  1 
ATOM 685  O "O3'"  . A A 1 22 ? -8.518  -6.152  16.720  1.00 0.00 ? 22 A A "O3'"  1 
ATOM 686  C "C2'"  . A A 1 22 ? -9.325  -7.656  14.873  1.00 0.00 ? 22 A A "C2'"  1 
ATOM 687  O "O2'"  . A A 1 22 ? -9.899  -6.502  14.248  1.00 0.00 ? 22 A A "O2'"  1 
ATOM 688  C "C1'"  . A A 1 22 ? -7.976  -8.013  14.294  1.00 0.00 ? 22 A A "C1'"  1 
ATOM 689  N N9     . A A 1 22 ? -8.114  -8.787  13.044  1.00 0.00 ? 22 A A N9     1 
ATOM 690  C C8     . A A 1 22 ? -7.794  -10.080 12.784  1.00 0.00 ? 22 A A C8     1 
ATOM 691  N N7     . A A 1 22 ? -8.030  -10.527 11.596  1.00 0.00 ? 22 A A N7     1 
ATOM 692  C C5     . A A 1 22 ? -8.576  -9.399  10.976  1.00 0.00 ? 22 A A C5     1 
ATOM 693  C C6     . A A 1 22 ? -9.056  -9.167  9.682   1.00 0.00 ? 22 A A C6     1 
ATOM 694  N N6     . A A 1 22 ? -9.070  -10.096 8.730   1.00 0.00 ? 22 A A N6     1 
ATOM 695  N N1     . A A 1 22 ? -9.525  -7.938  9.405   1.00 0.00 ? 22 A A N1     1 
ATOM 696  C C2     . A A 1 22 ? -9.523  -6.990  10.343  1.00 0.00 ? 22 A A C2     1 
ATOM 697  N N3     . A A 1 22 ? -9.093  -7.097  11.596  1.00 0.00 ? 22 A A N3     1 
ATOM 698  C C4     . A A 1 22 ? -8.630  -8.337  11.849  1.00 0.00 ? 22 A A C4     1 
ATOM 699  H "H5'"  . A A 1 22 ? -9.074  -9.458  18.134  1.00 0.00 ? 22 A A "H5'"  1 
ATOM 700  H "H5''" . A A 1 22 ? -9.089  -10.290 16.565  1.00 0.00 ? 22 A A "H5''" 1 
ATOM 701  H "H4'"  . A A 1 22 ? -7.170  -8.035  17.246  1.00 0.00 ? 22 A A "H4'"  1 
ATOM 702  H "H3'"  . A A 1 22 ? -9.910  -7.714  16.938  1.00 0.00 ? 22 A A "H3'"  1 
ATOM 703  H "H2'"  . A A 1 22 ? -9.996  -8.514  14.758  1.00 0.00 ? 22 A A "H2'"  1 
ATOM 704  H "HO2'" . A A 1 22 ? -9.183  -5.874  14.094  1.00 0.00 ? 22 A A "HO2'" 1 
ATOM 705  H "H1'"  . A A 1 22 ? -7.405  -7.104  14.104  1.00 0.00 ? 22 A A "H1'"  1 
ATOM 706  H H8     . A A 1 22 ? -7.354  -10.717 13.551  1.00 0.00 ? 22 A A H8     1 
ATOM 707  H H61    . A A 1 22 ? -9.420  -9.871  7.811   1.00 0.00 ? 22 A A H61    1 
ATOM 708  H H62    . A A 1 22 ? -8.721  -11.024 8.925   1.00 0.00 ? 22 A A H62    1 
ATOM 709  H H2     . A A 1 22 ? -9.916  -6.016  10.050  1.00 0.00 ? 22 A A H2     1 
ATOM 710  P P      . C A 1 23 ? -8.812  -4.759  15.955  1.00 0.00 ? 23 C A P      1 
ATOM 711  O OP1    . C A 1 23 ? -8.011  -3.711  16.631  1.00 0.00 ? 23 C A OP1    1 
ATOM 712  O OP2    . C A 1 23 ? -10.277 -4.594  15.822  1.00 0.00 ? 23 C A OP2    1 
ATOM 713  O "O5'"  . C A 1 23 ? -8.182  -5.018  14.486  1.00 0.00 ? 23 C A "O5'"  1 
ATOM 714  C "C5'"  . C A 1 23 ? -7.604  -3.968  13.689  1.00 0.00 ? 23 C A "C5'"  1 
ATOM 715  C "C4'"  . C A 1 23 ? -8.493  -2.724  13.609  1.00 0.00 ? 23 C A "C4'"  1 
ATOM 716  O "O4'"  . C A 1 23 ? -8.413  -1.958  14.830  1.00 0.00 ? 23 C A "O4'"  1 
ATOM 717  C "C3'"  . C A 1 23 ? -8.058  -1.820  12.462  1.00 0.00 ? 23 C A "C3'"  1 
ATOM 718  O "O3'"  . C A 1 23 ? -8.997  -1.882  11.375  1.00 0.00 ? 23 C A "O3'"  1 
ATOM 719  C "C2'"  . C A 1 23 ? -7.974  -0.428  13.041  1.00 0.00 ? 23 C A "C2'"  1 
ATOM 720  O "O2'"  . C A 1 23 ? -9.046  0.400   12.570  1.00 0.00 ? 23 C A "O2'"  1 
ATOM 721  C "C1'"  . C A 1 23 ? -8.045  -0.589  14.546  1.00 0.00 ? 23 C A "C1'"  1 
ATOM 722  N N1     . C A 1 23 ? -6.741  -0.248  15.157  1.00 0.00 ? 23 C A N1     1 
ATOM 723  C C2     . C A 1 23 ? -6.484  1.092   15.418  1.00 0.00 ? 23 C A C2     1 
ATOM 724  O O2     . C A 1 23 ? -7.336  1.944   15.180  1.00 0.00 ? 23 C A O2     1 
ATOM 725  N N3     . C A 1 23 ? -5.271  1.429   15.936  1.00 0.00 ? 23 C A N3     1 
ATOM 726  C C4     . C A 1 23 ? -4.349  0.494   16.186  1.00 0.00 ? 23 C A C4     1 
ATOM 727  N N4     . C A 1 23 ? -3.170  0.862   16.677  1.00 0.00 ? 23 C A N4     1 
ATOM 728  C C5     . C A 1 23 ? -4.609  -0.886  15.923  1.00 0.00 ? 23 C A C5     1 
ATOM 729  C C6     . C A 1 23 ? -5.809  -1.212  15.413  1.00 0.00 ? 23 C A C6     1 
ATOM 730  H "H5'"  . C A 1 23 ? -7.450  -4.351  12.680  1.00 0.00 ? 23 C A "H5'"  1 
ATOM 731  H "H5''" . C A 1 23 ? -6.640  -3.691  14.111  1.00 0.00 ? 23 C A "H5''" 1 
ATOM 732  H "H4'"  . C A 1 23 ? -9.526  -3.034  13.449  1.00 0.00 ? 23 C A "H4'"  1 
ATOM 733  H "H3'"  . C A 1 23 ? -7.066  -2.124  12.116  1.00 0.00 ? 23 C A "H3'"  1 
ATOM 734  H "H2'"  . C A 1 23 ? -7.014  0.019   12.774  1.00 0.00 ? 23 C A "H2'"  1 
ATOM 735  H "HO2'" . C A 1 23 ? -8.928  1.270   12.961  1.00 0.00 ? 23 C A "HO2'" 1 
ATOM 736  H "H1'"  . C A 1 23 ? -8.811  0.078   14.942  1.00 0.00 ? 23 C A "H1'"  1 
ATOM 737  H H41    . C A 1 23 ? -2.983  1.836   16.864  1.00 0.00 ? 23 C A H41    1 
ATOM 738  H H42    . C A 1 23 ? -2.456  0.167   16.857  1.00 0.00 ? 23 C A H42    1 
ATOM 739  H H5     . C A 1 23 ? -3.860  -1.650  16.126  1.00 0.00 ? 23 C A H5     1 
ATOM 740  H H6     . C A 1 23 ? -6.041  -2.254  15.208  1.00 0.00 ? 23 C A H6     1 
ATOM 741  P P      . A A 1 24 ? -8.708  -1.143  9.965   1.00 0.00 ? 24 A A P      1 
ATOM 742  O OP1    . A A 1 24 ? -9.541  0.078   9.898   1.00 0.00 ? 24 A A OP1    1 
ATOM 743  O OP2    . A A 1 24 ? -8.815  -2.156  8.892   1.00 0.00 ? 24 A A OP2    1 
ATOM 744  O "O5'"  . A A 1 24 ? -7.158  -0.700  10.090  1.00 0.00 ? 24 A A "O5'"  1 
ATOM 745  C "C5'"  . A A 1 24 ? -6.735  0.631   9.752   1.00 0.00 ? 24 A A "C5'"  1 
ATOM 746  C "C4'"  . A A 1 24 ? -6.711  1.547   10.972  1.00 0.00 ? 24 A A "C4'"  1 
ATOM 747  O "O4'"  . A A 1 24 ? -5.799  1.044   11.975  1.00 0.00 ? 24 A A "O4'"  1 
ATOM 748  C "C3'"  . A A 1 24 ? -6.252  2.942   10.584  1.00 0.00 ? 24 A A "C3'"  1 
ATOM 749  O "O3'"  . A A 1 24 ? -7.358  3.850   10.499  1.00 0.00 ? 24 A A "O3'"  1 
ATOM 750  C "C2'"  . A A 1 24 ? -5.274  3.363   11.657  1.00 0.00 ? 24 A A "C2'"  1 
ATOM 751  O "O2'"  . A A 1 24 ? -5.871  4.313   12.549  1.00 0.00 ? 24 A A "O2'"  1 
ATOM 752  C "C1'"  . A A 1 24 ? -4.897  2.088   12.400  1.00 0.00 ? 24 A A "C1'"  1 
ATOM 753  N N9     . A A 1 24 ? -3.496  1.723   12.115  1.00 0.00 ? 24 A A N9     1 
ATOM 754  C C8     . A A 1 24 ? -2.993  0.835   11.223  1.00 0.00 ? 24 A A C8     1 
ATOM 755  N N7     . A A 1 24 ? -1.708  0.716   11.158  1.00 0.00 ? 24 A A N7     1 
ATOM 756  C C5     . A A 1 24 ? -1.292  1.635   12.127  1.00 0.00 ? 24 A A C5     1 
ATOM 757  C C6     . A A 1 24 ? -0.028  2.025   12.586  1.00 0.00 ? 24 A A C6     1 
ATOM 758  N N6     . A A 1 24 ? 1.108   1.526   12.107  1.00 0.00 ? 24 A A N6     1 
ATOM 759  N N1     . A A 1 24 ? 0.020   2.956   13.551  1.00 0.00 ? 24 A A N1     1 
ATOM 760  C C2     . A A 1 24 ? -1.105  3.479   14.039  1.00 0.00 ? 24 A A C2     1 
ATOM 761  N N3     . A A 1 24 ? -2.350  3.187   13.681  1.00 0.00 ? 24 A A N3     1 
ATOM 762  C C4     . A A 1 24 ? -2.374  2.251   12.713  1.00 0.00 ? 24 A A C4     1 
ATOM 763  H "H5'"  . A A 1 24 ? -7.418  1.046   9.010   1.00 0.00 ? 24 A A "H5'"  1 
ATOM 764  H "H5''" . A A 1 24 ? -5.733  0.590   9.326   1.00 0.00 ? 24 A A "H5''" 1 
ATOM 765  H "H4'"  . A A 1 24 ? -7.715  1.605   11.398  1.00 0.00 ? 24 A A "H4'"  1 
ATOM 766  H "H3'"  . A A 1 24 ? -5.730  2.901   9.624   1.00 0.00 ? 24 A A "H3'"  1 
ATOM 767  H "H2'"  . A A 1 24 ? -4.384  3.794   11.193  1.00 0.00 ? 24 A A "H2'"  1 
ATOM 768  H "HO2'" . A A 1 24 ? -6.793  4.063   12.658  1.00 0.00 ? 24 A A "HO2'" 1 
ATOM 769  H "H1'"  . A A 1 24 ? -5.011  2.248   13.472  1.00 0.00 ? 24 A A "H1'"  1 
ATOM 770  H H8     . A A 1 24 ? -3.646  0.240   10.588  1.00 0.00 ? 24 A A H8     1 
ATOM 771  H H61    . A A 1 24 ? 1.993   1.835   12.482  1.00 0.00 ? 24 A A H61    1 
ATOM 772  H H62    . A A 1 24 ? 1.086   0.831   11.371  1.00 0.00 ? 24 A A H62    1 
ATOM 773  H H2     . A A 1 24 ? -0.990  4.227   14.823  1.00 0.00 ? 24 A A H2     1 
ATOM 774  P P      . U A 1 25 ? -7.265  5.155   9.560   1.00 0.00 ? 25 U A P      1 
ATOM 775  O OP1    . U A 1 25 ? -8.464  5.989   9.803   1.00 0.00 ? 25 U A OP1    1 
ATOM 776  O OP2    . U A 1 25 ? -6.943  4.713   8.186   1.00 0.00 ? 25 U A OP2    1 
ATOM 777  O "O5'"  . U A 1 25 ? -5.981  5.920   10.166  1.00 0.00 ? 25 U A "O5'"  1 
ATOM 778  C "C5'"  . U A 1 25 ? -4.826  6.193   9.361   1.00 0.00 ? 25 U A "C5'"  1 
ATOM 779  C "C4'"  . U A 1 25 ? -3.707  6.824   10.190  1.00 0.00 ? 25 U A "C4'"  1 
ATOM 780  O "O4'"  . U A 1 25 ? -2.922  5.821   10.868  1.00 0.00 ? 25 U A "O4'"  1 
ATOM 781  C "C3'"  . U A 1 25 ? -2.755  7.623   9.318   1.00 0.00 ? 25 U A "C3'"  1 
ATOM 782  O "O3'"  . U A 1 25 ? -3.112  9.014   9.315   1.00 0.00 ? 25 U A "O3'"  1 
ATOM 783  C "C2'"  . U A 1 25 ? -1.386  7.402   9.915   1.00 0.00 ? 25 U A "C2'"  1 
ATOM 784  O "O2'"  . U A 1 25 ? -0.947  8.564   10.628  1.00 0.00 ? 25 U A "O2'"  1 
ATOM 785  C "C1'"  . U A 1 25 ? -1.527  6.209   10.853  1.00 0.00 ? 25 U A "C1'"  1 
ATOM 786  N N1     . U A 1 25 ? -0.667  5.089   10.411  1.00 0.00 ? 25 U A N1     1 
ATOM 787  C C2     . U A 1 25 ? 0.640   5.067   10.869  1.00 0.00 ? 25 U A C2     1 
ATOM 788  O O2     . U A 1 25 ? 1.084   5.917   11.632  1.00 0.00 ? 25 U A O2     1 
ATOM 789  N N3     . U A 1 25 ? 1.422   4.024   10.420  1.00 0.00 ? 25 U A N3     1 
ATOM 790  C C4     . U A 1 25 ? 1.023   3.012   9.572   1.00 0.00 ? 25 U A C4     1 
ATOM 791  O O4     . U A 1 25 ? 1.811   2.137   9.236   1.00 0.00 ? 25 U A O4     1 
ATOM 792  C C5     . U A 1 25 ? -0.352  3.107   9.146   1.00 0.00 ? 25 U A C5     1 
ATOM 793  C C6     . U A 1 25 ? -1.143  4.122   9.568   1.00 0.00 ? 25 U A C6     1 
ATOM 794  H "H5'"  . U A 1 25 ? -5.109  6.879   8.562   1.00 0.00 ? 25 U A "H5'"  1 
ATOM 795  H "H5''" . U A 1 25 ? -4.465  5.263   8.920   1.00 0.00 ? 25 U A "H5''" 1 
ATOM 796  H "H4'"  . U A 1 25 ? -4.148  7.487   10.936  1.00 0.00 ? 25 U A "H4'"  1 
ATOM 797  H "H3'"  . U A 1 25 ? -2.772  7.228   8.300   1.00 0.00 ? 25 U A "H3'"  1 
ATOM 798  H "H2'"  . U A 1 25 ? -0.676  7.162   9.120   1.00 0.00 ? 25 U A "H2'"  1 
ATOM 799  H "HO2'" . U A 1 25 ? -1.731  9.074   10.845  1.00 0.00 ? 25 U A "HO2'" 1 
ATOM 800  H "H1'"  . U A 1 25 ? -1.231  6.509   11.858  1.00 0.00 ? 25 U A "H1'"  1 
ATOM 801  H H3     . U A 1 25 ? 2.378   3.999   10.743  1.00 0.00 ? 25 U A H3     1 
ATOM 802  H H5     . U A 1 25 ? -0.760  2.350   8.478   1.00 0.00 ? 25 U A H5     1 
ATOM 803  H H6     . U A 1 25 ? -2.176  4.171   9.225   1.00 0.00 ? 25 U A H6     1 
ATOM 804  P P      . C A 1 26 ? -2.595  10.005  8.152   1.00 0.00 ? 26 C A P      1 
ATOM 805  O OP1    . C A 1 26 ? -1.495  10.825  8.704   1.00 0.00 ? 26 C A OP1    1 
ATOM 806  O OP2    . C A 1 26 ? -3.776  10.670  7.557   1.00 0.00 ? 26 C A OP2    1 
ATOM 807  O "O5'"  . C A 1 26 ? -1.978  8.993   7.053   1.00 0.00 ? 26 C A "O5'"  1 
ATOM 808  C "C5'"  . C A 1 26 ? -0.706  9.251   6.438   1.00 0.00 ? 26 C A "C5'"  1 
ATOM 809  C "C4'"  . C A 1 26 ? 0.448   9.065   7.425   1.00 0.00 ? 26 C A "C4'"  1 
ATOM 810  O "O4'"  . C A 1 26 ? 0.462   7.724   7.956   1.00 0.00 ? 26 C A "O4'"  1 
ATOM 811  C "C3'"  . C A 1 26 ? 1.790   9.299   6.753   1.00 0.00 ? 26 C A "C3'"  1 
ATOM 812  O "O3'"  . C A 1 26 ? 2.277   10.626  6.994   1.00 0.00 ? 26 C A "O3'"  1 
ATOM 813  C "C2'"  . C A 1 26 ? 2.712   8.263   7.342   1.00 0.00 ? 26 C A "C2'"  1 
ATOM 814  O "O2'"  . C A 1 26 ? 3.509   8.822   8.392   1.00 0.00 ? 26 C A "O2'"  1 
ATOM 815  C "C1'"  . C A 1 26 ? 1.796   7.172   7.874   1.00 0.00 ? 26 C A "C1'"  1 
ATOM 816  N N1     . C A 1 26 ? 1.824   6.012   6.968   1.00 0.00 ? 26 C A N1     1 
ATOM 817  C C2     . C A 1 26 ? 2.743   5.007   7.229   1.00 0.00 ? 26 C A C2     1 
ATOM 818  O O2     . C A 1 26 ? 3.441   5.054   8.238   1.00 0.00 ? 26 C A O2     1 
ATOM 819  N N3     . C A 1 26 ? 2.836   3.978   6.348   1.00 0.00 ? 26 C A N3     1 
ATOM 820  C C4     . C A 1 26 ? 2.061   3.935   5.262   1.00 0.00 ? 26 C A C4     1 
ATOM 821  N N4     . C A 1 26 ? 2.205   2.937   4.399   1.00 0.00 ? 26 C A N4     1 
ATOM 822  C C5     . C A 1 26 ? 1.108   4.961   4.997   1.00 0.00 ? 26 C A C5     1 
ATOM 823  C C6     . C A 1 26 ? 1.022   5.973   5.869   1.00 0.00 ? 26 C A C6     1 
ATOM 824  H "H5'"  . C A 1 26 ? -0.690  10.274  6.065   1.00 0.00 ? 26 C A "H5'"  1 
ATOM 825  H "H5''" . C A 1 26 ? -0.571  8.567   5.601   1.00 0.00 ? 26 C A "H5''" 1 
ATOM 826  H "H4'"  . C A 1 26 ? 0.334   9.770   8.247   1.00 0.00 ? 26 C A "H4'"  1 
ATOM 827  H "H3'"  . C A 1 26 ? 1.692   9.124   5.679   1.00 0.00 ? 26 C A "H3'"  1 
ATOM 828  H "H2'"  . C A 1 26 ? 3.355   7.853   6.560   1.00 0.00 ? 26 C A "H2'"  1 
ATOM 829  H "HO2'" . C A 1 26 ? 2.985   9.506   8.814   1.00 0.00 ? 26 C A "HO2'" 1 
ATOM 830  H "H1'"  . C A 1 26 ? 2.128   6.868   8.866   1.00 0.00 ? 26 C A "H1'"  1 
ATOM 831  H H41    . C A 1 26 ? 2.876   2.207   4.579   1.00 0.00 ? 26 C A H41    1 
ATOM 832  H H42    . C A 1 26 ? 1.645   2.916   3.558   1.00 0.00 ? 26 C A H42    1 
ATOM 833  H H5     . C A 1 26 ? 0.470   4.924   4.115   1.00 0.00 ? 26 C A H5     1 
ATOM 834  H H6     . C A 1 26 ? 0.303   6.772   5.697   1.00 0.00 ? 26 C A H6     1 
ATOM 835  P P      . G A 1 27 ? 3.131   11.399  5.869   1.00 0.00 ? 27 G A P      1 
ATOM 836  O OP1    . G A 1 27 ? 3.862   12.506  6.524   1.00 0.00 ? 27 G A OP1    1 
ATOM 837  O OP2    . G A 1 27 ? 2.233   11.683  4.724   1.00 0.00 ? 27 G A OP2    1 
ATOM 838  O "O5'"  . G A 1 27 ? 4.206   10.287  5.406   1.00 0.00 ? 27 G A "O5'"  1 
ATOM 839  C "C5'"  . G A 1 27 ? 3.984   9.489   4.235   1.00 0.00 ? 27 G A "C5'"  1 
ATOM 840  C "C4'"  . G A 1 27 ? 5.301   9.027   3.615   1.00 0.00 ? 27 G A "C4'"  1 
ATOM 841  O "O4'"  . G A 1 27 ? 5.965   8.060   4.467   1.00 0.00 ? 27 G A "O4'"  1 
ATOM 842  C "C3'"  . G A 1 27 ? 5.072   8.360   2.256   1.00 0.00 ? 27 G A "C3'"  1 
ATOM 843  O "O3'"  . G A 1 27 ? 5.927   8.954   1.260   1.00 0.00 ? 27 G A "O3'"  1 
ATOM 844  C "C2'"  . G A 1 27 ? 5.420   6.911   2.485   1.00 0.00 ? 27 G A "C2'"  1 
ATOM 845  O "O2'"  . G A 1 27 ? 6.017   6.303   1.337   1.00 0.00 ? 27 G A "O2'"  1 
ATOM 846  C "C1'"  . G A 1 27 ? 6.367   6.939   3.660   1.00 0.00 ? 27 G A "C1'"  1 
ATOM 847  N N9     . G A 1 27 ? 6.321   5.663   4.387   1.00 0.00 ? 27 G A N9     1 
ATOM 848  C C8     . G A 1 27 ? 5.431   5.206   5.301   1.00 0.00 ? 27 G A C8     1 
ATOM 849  N N7     . G A 1 27 ? 5.557   3.982   5.693   1.00 0.00 ? 27 G A N7     1 
ATOM 850  C C5     . G A 1 27 ? 6.671   3.561   4.959   1.00 0.00 ? 27 G A C5     1 
ATOM 851  C C6     . G A 1 27 ? 7.332   2.306   4.931   1.00 0.00 ? 27 G A C6     1 
ATOM 852  O O6     . G A 1 27 ? 7.058   1.287   5.541   1.00 0.00 ? 27 G A O6     1 
ATOM 853  N N1     . G A 1 27 ? 8.409   2.314   4.059   1.00 0.00 ? 27 G A N1     1 
ATOM 854  C C2     . G A 1 27 ? 8.809   3.392   3.305   1.00 0.00 ? 27 G A C2     1 
ATOM 855  N N2     . G A 1 27 ? 9.879   3.215   2.546   1.00 0.00 ? 27 G A N2     1 
ATOM 856  N N3     . G A 1 27 ? 8.197   4.571   3.318   1.00 0.00 ? 27 G A N3     1 
ATOM 857  C C4     . G A 1 27 ? 7.143   4.589   4.162   1.00 0.00 ? 27 G A C4     1 
ATOM 858  H "H5'"  . G A 1 27 ? 3.431   10.077  3.501   1.00 0.00 ? 27 G A "H5'"  1 
ATOM 859  H "H5''" . G A 1 27 ? 3.394   8.613   4.507   1.00 0.00 ? 27 G A "H5''" 1 
ATOM 860  H "H4'"  . G A 1 27 ? 5.953   9.889   3.485   1.00 0.00 ? 27 G A "H4'"  1 
ATOM 861  H "H3'"  . G A 1 27 ? 4.023   8.450   1.961   1.00 0.00 ? 27 G A "H3'"  1 
ATOM 862  H "H2'"  . G A 1 27 ? 4.512   6.367   2.766   1.00 0.00 ? 27 G A "H2'"  1 
ATOM 863  H "HO2'" . G A 1 27 ? 6.970   6.353   1.445   1.00 0.00 ? 27 G A "HO2'" 1 
ATOM 864  H "H1'"  . G A 1 27 ? 7.381   7.108   3.296   1.00 0.00 ? 27 G A "H1'"  1 
ATOM 865  H H8     . G A 1 27 ? 4.638   5.846   5.685   1.00 0.00 ? 27 G A H8     1 
ATOM 866  H H1     . G A 1 27 ? 8.926   1.454   3.990   1.00 0.00 ? 27 G A H1     1 
ATOM 867  H H21    . G A 1 27 ? 10.345  2.322   2.532   1.00 0.00 ? 27 G A H21    1 
ATOM 868  H H22    . G A 1 27 ? 10.226  3.978   1.982   1.00 0.00 ? 27 G A H22    1 
ATOM 869  P P      . U A 1 28 ? 5.752   8.629   -0.312  1.00 0.00 ? 28 U A P      1 
ATOM 870  O OP1    . U A 1 28 ? 6.169   9.824   -1.079  1.00 0.00 ? 28 U A OP1    1 
ATOM 871  O OP2    . U A 1 28 ? 4.404   8.051   -0.521  1.00 0.00 ? 28 U A OP2    1 
ATOM 872  O "O5'"  . U A 1 28 ? 6.847   7.466   -0.564  1.00 0.00 ? 28 U A "O5'"  1 
ATOM 873  C "C5'"  . U A 1 28 ? 8.206   7.627   -0.134  1.00 0.00 ? 28 U A "C5'"  1 
ATOM 874  C "C4'"  . U A 1 28 ? 9.017   6.342   -0.303  1.00 0.00 ? 28 U A "C4'"  1 
ATOM 875  O "O4'"  . U A 1 28 ? 8.504   5.270   0.514   1.00 0.00 ? 28 U A "O4'"  1 
ATOM 876  C "C3'"  . U A 1 28 ? 8.967   5.852   -1.731  1.00 0.00 ? 28 U A "C3'"  1 
ATOM 877  O "O3'"  . U A 1 28 ? 10.031  6.372   -2.524  1.00 0.00 ? 28 U A "O3'"  1 
ATOM 878  C "C2'"  . U A 1 28 ? 9.044   4.359   -1.634  1.00 0.00 ? 28 U A "C2'"  1 
ATOM 879  O "O2'"  . U A 1 28 ? 10.378  3.891   -1.867  1.00 0.00 ? 28 U A "O2'"  1 
ATOM 880  C "C1'"  . U A 1 28 ? 8.590   4.027   -0.225  1.00 0.00 ? 28 U A "C1'"  1 
ATOM 881  N N1     . U A 1 28 ? 7.294   3.334   -0.284  1.00 0.00 ? 28 U A N1     1 
ATOM 882  C C2     . U A 1 28 ? 7.318   1.953   -0.354  1.00 0.00 ? 28 U A C2     1 
ATOM 883  O O2     . U A 1 28 ? 8.359   1.308   -0.279  1.00 0.00 ? 28 U A O2     1 
ATOM 884  N N3     . U A 1 28 ? 6.101   1.331   -0.514  1.00 0.00 ? 28 U A N3     1 
ATOM 885  C C4     . U A 1 28 ? 4.876   1.954   -0.607  1.00 0.00 ? 28 U A C4     1 
ATOM 886  O O4     . U A 1 28 ? 3.852   1.294   -0.761  1.00 0.00 ? 28 U A O4     1 
ATOM 887  C C5     . U A 1 28 ? 4.940   3.396   -0.517  1.00 0.00 ? 28 U A C5     1 
ATOM 888  C C6     . U A 1 28 ? 6.121   4.033   -0.359  1.00 0.00 ? 28 U A C6     1 
ATOM 889  H "H5'"  . U A 1 28 ? 8.219   7.917   0.917   1.00 0.00 ? 28 U A "H5'"  1 
ATOM 890  H "H5''" . U A 1 28 ? 8.672   8.417   -0.727  1.00 0.00 ? 28 U A "H5''" 1 
ATOM 891  H "H4'"  . U A 1 28 ? 10.054  6.534   -0.029  1.00 0.00 ? 28 U A "H4'"  1 
ATOM 892  H "H3'"  . U A 1 28 ? 8.004   6.129   -2.171  1.00 0.00 ? 28 U A "H3'"  1 
ATOM 893  H "H2'"  . U A 1 28 ? 8.358   3.911   -2.354  1.00 0.00 ? 28 U A "H2'"  1 
ATOM 894  H "HO2'" . U A 1 28 ? 10.313  3.044   -2.315  1.00 0.00 ? 28 U A "HO2'" 1 
ATOM 895  H "H1'"  . U A 1 28 ? 9.323   3.373   0.246   1.00 0.00 ? 28 U A "H1'"  1 
ATOM 896  H H3     . U A 1 28 ? 6.108   0.322   -0.577  1.00 0.00 ? 28 U A H3     1 
ATOM 897  H H5     . U A 1 28 ? 4.027   3.978   -0.591  1.00 0.00 ? 28 U A H5     1 
ATOM 898  H H6     . U A 1 28 ? 6.137   5.121   -0.288  1.00 0.00 ? 28 U A H6     1 
ATOM 899  P P      . C A 1 29 ? 9.843   6.438   -4.115  1.00 0.00 ? 29 C A P      1 
ATOM 900  O OP1    . C A 1 29 ? 10.728  7.505   -4.638  1.00 0.00 ? 29 C A OP1    1 
ATOM 901  O OP2    . C A 1 29 ? 8.392   6.476   -4.413  1.00 0.00 ? 29 C A OP2    1 
ATOM 902  O "O5'"  . C A 1 29 ? 10.414  5.018   -4.618  1.00 0.00 ? 29 C A "O5'"  1 
ATOM 903  C "C5'"  . C A 1 29 ? 11.821  4.746   -4.612  1.00 0.00 ? 29 C A "C5'"  1 
ATOM 904  C "C4'"  . C A 1 29 ? 12.125  3.332   -5.099  1.00 0.00 ? 29 C A "C4'"  1 
ATOM 905  O "O4'"  . C A 1 29 ? 11.610  2.337   -4.189  1.00 0.00 ? 29 C A "O4'"  1 
ATOM 906  C "C3'"  . C A 1 29 ? 11.450  3.046   -6.425  1.00 0.00 ? 29 C A "C3'"  1 
ATOM 907  O "O3'"  . C A 1 29 ? 12.173  3.588   -7.542  1.00 0.00 ? 29 C A "O3'"  1 
ATOM 908  C "C2'"  . C A 1 29 ? 11.387  1.555   -6.432  1.00 0.00 ? 29 C A "C2'"  1 
ATOM 909  O "O2'"  . C A 1 29 ? 12.609  0.987   -6.915  1.00 0.00 ? 29 C A "O2'"  1 
ATOM 910  C "C1'"  . C A 1 29 ? 11.162  1.197   -4.971  1.00 0.00 ? 29 C A "C1'"  1 
ATOM 911  N N1     . C A 1 29 ? 9.721   0.979   -4.693  1.00 0.00 ? 29 C A N1     1 
ATOM 912  C C2     . C A 1 29 ? 9.143   -0.238  -5.039  1.00 0.00 ? 29 C A C2     1 
ATOM 913  O O2     . C A 1 29 ? 9.809   -1.110  -5.590  1.00 0.00 ? 29 C A O2     1 
ATOM 914  N N3     . C A 1 29 ? 7.822   -0.433  -4.745  1.00 0.00 ? 29 C A N3     1 
ATOM 915  C C4     . C A 1 29 ? 7.110   0.519   -4.136  1.00 0.00 ? 29 C A C4     1 
ATOM 916  N N4     . C A 1 29 ? 5.832   0.283   -3.846  1.00 0.00 ? 29 C A N4     1 
ATOM 917  C C5     . C A 1 29 ? 7.696   1.769   -3.779  1.00 0.00 ? 29 C A C5     1 
ATOM 918  C C6     . C A 1 29 ? 8.994   1.958   -4.076  1.00 0.00 ? 29 C A C6     1 
ATOM 919  H "H5'"  . C A 1 29 ? 12.204  4.866   -3.598  1.00 0.00 ? 29 C A "H5'"  1 
ATOM 920  H "H5''" . C A 1 29 ? 12.324  5.462   -5.268  1.00 0.00 ? 29 C A "H5''" 1 
ATOM 921  H "H4'"  . C A 1 29 ? 13.201  3.202   -5.201  1.00 0.00 ? 29 C A "H4'"  1 
ATOM 922  H "H3'"  . C A 1 29 ? 10.431  3.445   -6.402  1.00 0.00 ? 29 C A "H3'"  1 
ATOM 923  H "H2'"  . C A 1 29 ? 10.546  1.215   -7.030  1.00 0.00 ? 29 C A "H2'"  1 
ATOM 924  H "HO2'" . C A 1 29 ? 12.888  1.517   -7.663  1.00 0.00 ? 29 C A "HO2'" 1 
ATOM 925  H "H1'"  . C A 1 29 ? 11.732  0.307   -4.705  1.00 0.00 ? 29 C A "H1'"  1 
ATOM 926  H H41    . C A 1 29 ? 5.412   -0.602  -4.102  1.00 0.00 ? 29 C A H41    1 
ATOM 927  H H42    . C A 1 29 ? 5.283   0.987   -3.378  1.00 0.00 ? 29 C A H42    1 
ATOM 928  H H5     . C A 1 29 ? 7.111   2.544   -3.283  1.00 0.00 ? 29 C A H5     1 
ATOM 929  H H6     . C A 1 29 ? 9.471   2.905   -3.827  1.00 0.00 ? 29 C A H6     1 
ATOM 930  P P      . A A 1 30 ? 11.382  4.024   -8.885  1.00 0.00 ? 30 A A P      1 
ATOM 931  O OP1    . A A 1 30 ? 12.322  4.759   -9.761  1.00 0.00 ? 30 A A OP1    1 
ATOM 932  O OP2    . A A 1 30 ? 10.098  4.646   -8.491  1.00 0.00 ? 30 A A OP2    1 
ATOM 933  O "O5'"  . A A 1 30 ? 11.064  2.610   -9.559  1.00 0.00 ? 30 A A "O5'"  1 
ATOM 934  C "C5'"  . A A 1 30 ? 12.126  1.809   -10.076 1.00 0.00 ? 30 A A "C5'"  1 
ATOM 935  C "C4'"  . A A 1 30 ? 11.605  0.460   -10.527 1.00 0.00 ? 30 A A "C4'"  1 
ATOM 936  O "O4'"  . A A 1 30 ? 11.008  -0.260  -9.432  1.00 0.00 ? 30 A A "O4'"  1 
ATOM 937  C "C3'"  . A A 1 30 ? 10.500  0.634   -11.541 1.00 0.00 ? 30 A A "C3'"  1 
ATOM 938  O "O3'"  . A A 1 30 ? 11.005  0.875   -12.860 1.00 0.00 ? 30 A A "O3'"  1 
ATOM 939  C "C2'"  . A A 1 30 ? 9.758   -0.651  -11.421 1.00 0.00 ? 30 A A "C2'"  1 
ATOM 940  O "O2'"  . A A 1 30 ? 10.347  -1.668  -12.240 1.00 0.00 ? 30 A A "O2'"  1 
ATOM 941  C "C1'"  . A A 1 30 ? 9.876   -0.999  -9.949  1.00 0.00 ? 30 A A "C1'"  1 
ATOM 942  N N9     . A A 1 30 ? 8.670   -0.563  -9.225  1.00 0.00 ? 30 A A N9     1 
ATOM 943  C C8     . A A 1 30 ? 8.508   0.513   -8.418  1.00 0.00 ? 30 A A C8     1 
ATOM 944  N N7     . A A 1 30 ? 7.363   0.663   -7.846  1.00 0.00 ? 30 A A N7     1 
ATOM 945  C C5     . A A 1 30 ? 6.661   -0.447  -8.332  1.00 0.00 ? 30 A A C5     1 
ATOM 946  C C6     . A A 1 30 ? 5.353   -0.909  -8.131  1.00 0.00 ? 30 A A C6     1 
ATOM 947  N N6     . A A 1 30 ? 4.474   -0.289  -7.347  1.00 0.00 ? 30 A A N6     1 
ATOM 948  N N1     . A A 1 30 ? 4.988   -2.032  -8.770  1.00 0.00 ? 30 A A N1     1 
ATOM 949  C C2     . A A 1 30 ? 5.859   -2.668  -9.562  1.00 0.00 ? 30 A A C2     1 
ATOM 950  N N3     . A A 1 30 ? 7.116   -2.321  -9.822  1.00 0.00 ? 30 A A N3     1 
ATOM 951  C C4     . A A 1 30 ? 7.455   -1.196  -9.172  1.00 0.00 ? 30 A A C4     1 
ATOM 952  H "H5'"  . A A 1 30 ? 12.877  1.661   -9.301  1.00 0.00 ? 30 A A "H5'"  1 
ATOM 953  H "H5''" . A A 1 30 ? 12.582  2.319   -10.924 1.00 0.00 ? 30 A A "H5''" 1 
ATOM 954  H "H4'"  . A A 1 30 ? 12.413  -0.130  -10.955 1.00 0.00 ? 30 A A "H4'"  1 
ATOM 955  H "H3'"  . A A 1 30 ? 9.846   1.455   -11.228 1.00 0.00 ? 30 A A "H3'"  1 
ATOM 956  H "H2'"  . A A 1 30 ? 8.717   -0.510  -11.680 1.00 0.00 ? 30 A A "H2'"  1 
ATOM 957  H "HO2'" . A A 1 30 ? 10.713  -1.232  -13.012 1.00 0.00 ? 30 A A "HO2'" 1 
ATOM 958  H "H1'"  . A A 1 30 ? 10.025  -2.069  -9.821  1.00 0.00 ? 30 A A "H1'"  1 
ATOM 959  H H8     . A A 1 30 ? 9.304   1.242   -8.286  1.00 0.00 ? 30 A A H8     1 
ATOM 960  H H61    . A A 1 30 ? 3.543   -0.666  -7.234  1.00 0.00 ? 30 A A H61    1 
ATOM 961  H H62    . A A 1 30 ? 4.738   0.556   -6.863  1.00 0.00 ? 30 A A H62    1 
ATOM 962  H H2     . A A 1 30 ? 5.497   -3.573  -10.049 1.00 0.00 ? 30 A A H2     1 
ATOM 963  P P      . U A 1 31 ? 10.125  1.716   -13.920 1.00 0.00 ? 31 U A P      1 
ATOM 964  O OP1    . U A 1 31 ? 10.974  2.016   -15.094 1.00 0.00 ? 31 U A OP1    1 
ATOM 965  O OP2    . U A 1 31 ? 9.447   2.815   -13.197 1.00 0.00 ? 31 U A OP2    1 
ATOM 966  O "O5'"  . U A 1 31 ? 9.019   0.648   -14.359 1.00 0.00 ? 31 U A "O5'"  1 
ATOM 967  C "C5'"  . U A 1 31 ? 9.392   -0.508  -15.109 1.00 0.00 ? 31 U A "C5'"  1 
ATOM 968  C "C4'"  . U A 1 31 ? 8.211   -1.442  -15.276 1.00 0.00 ? 31 U A "C4'"  1 
ATOM 969  O "O4'"  . U A 1 31 ? 7.728   -1.898  -14.001 1.00 0.00 ? 31 U A "O4'"  1 
ATOM 970  C "C3'"  . U A 1 31 ? 7.048   -0.716  -15.909 1.00 0.00 ? 31 U A "C3'"  1 
ATOM 971  O "O3'"  . U A 1 31 ? 7.176   -0.638  -17.332 1.00 0.00 ? 31 U A "O3'"  1 
ATOM 972  C "C2'"  . U A 1 31 ? 5.877   -1.530  -15.466 1.00 0.00 ? 31 U A "C2'"  1 
ATOM 973  O "O2'"  . U A 1 31 ? 5.648   -2.635  -16.346 1.00 0.00 ? 31 U A "O2'"  1 
ATOM 974  C "C1'"  . U A 1 31 ? 6.284   -2.013  -14.077 1.00 0.00 ? 31 U A "C1'"  1 
ATOM 975  N N1     . U A 1 31 ? 5.689   -1.149  -13.034 1.00 0.00 ? 31 U A N1     1 
ATOM 976  C C2     . U A 1 31 ? 4.374   -1.360  -12.686 1.00 0.00 ? 31 U A C2     1 
ATOM 977  O O2     . U A 1 31 ? 3.687   -2.231  -13.206 1.00 0.00 ? 31 U A O2     1 
ATOM 978  N N3     . U A 1 31 ? 3.871   -0.534  -11.702 1.00 0.00 ? 31 U A N3     1 
ATOM 979  C C4     . U A 1 31 ? 4.557   0.465   -11.039 1.00 0.00 ? 31 U A C4     1 
ATOM 980  O O4     . U A 1 31 ? 3.999   1.132   -10.174 1.00 0.00 ? 31 U A O4     1 
ATOM 981  C C5     . U A 1 31 ? 5.925   0.619   -11.464 1.00 0.00 ? 31 U A C5     1 
ATOM 982  C C6     . U A 1 31 ? 6.440   -0.173  -12.431 1.00 0.00 ? 31 U A C6     1 
ATOM 983  H "H5'"  . U A 1 31 ? 10.193  -1.033  -14.588 1.00 0.00 ? 31 U A "H5'"  1 
ATOM 984  H "H5''" . U A 1 31 ? 9.747   -0.199  -16.091 1.00 0.00 ? 31 U A "H5''" 1 
ATOM 985  H "H4'"  . U A 1 31 ? 8.494   -2.299  -15.888 1.00 0.00 ? 31 U A "H4'"  1 
ATOM 986  H "H3'"  . U A 1 31 ? 6.971   0.288   -15.478 1.00 0.00 ? 31 U A "H3'"  1 
ATOM 987  H "H2'"  . U A 1 31 ? 4.991   -0.909  -15.395 1.00 0.00 ? 31 U A "H2'"  1 
ATOM 988  H "HO2'" . U A 1 31 ? 5.668   -2.290  -17.239 1.00 0.00 ? 31 U A "HO2'" 1 
ATOM 989  H "H1'"  . U A 1 31 ? 5.977   -3.046  -13.930 1.00 0.00 ? 31 U A "H1'"  1 
ATOM 990  H H3     . U A 1 31 ? 2.908   -0.675  -11.440 1.00 0.00 ? 31 U A H3     1 
ATOM 991  H H5     . U A 1 31 ? 6.550   1.384   -11.004 1.00 0.00 ? 31 U A H5     1 
ATOM 992  H H6     . U A 1 31 ? 7.459   -0.004  -12.770 1.00 0.00 ? 31 U A H6     1 
ATOM 993  P P      . A A 1 32 ? 6.495   0.584   -18.130 1.00 0.00 ? 32 A A P      1 
ATOM 994  O OP1    . A A 1 32 ? 6.982   0.553   -19.527 1.00 0.00 ? 32 A A OP1    1 
ATOM 995  O OP2    . A A 1 32 ? 6.651   1.814   -17.320 1.00 0.00 ? 32 A A OP2    1 
ATOM 996  O "O5'"  . A A 1 32 ? 4.951   0.165   -18.121 1.00 0.00 ? 32 A A "O5'"  1 
ATOM 997  C "C5'"  . A A 1 32 ? 4.504   -0.955  -18.888 1.00 0.00 ? 32 A A "C5'"  1 
ATOM 998  C "C4'"  . A A 1 32 ? 3.044   -1.249  -18.606 1.00 0.00 ? 32 A A "C4'"  1 
ATOM 999  O "O4'"  . A A 1 32 ? 2.827   -1.534  -17.211 1.00 0.00 ? 32 A A "O4'"  1 
ATOM 1000 C "C3'"  . A A 1 32 ? 2.200   -0.034  -18.902 1.00 0.00 ? 32 A A "C3'"  1 
ATOM 1001 O "O3'"  . A A 1 32 ? 1.900   0.083   -20.297 1.00 0.00 ? 32 A A "O3'"  1 
ATOM 1002 C "C2'"  . A A 1 32 ? 0.989   -0.250  -18.052 1.00 0.00 ? 32 A A "C2'"  1 
ATOM 1003 O "O2'"  . A A 1 32 ? 0.006   -1.039  -18.731 1.00 0.00 ? 32 A A "O2'"  1 
ATOM 1004 C "C1'"  . A A 1 32 ? 1.539   -0.981  -16.833 1.00 0.00 ? 32 A A "C1'"  1 
ATOM 1005 N N9     . A A 1 32 ? 1.731   -0.028  -15.723 1.00 0.00 ? 32 A A N9     1 
ATOM 1006 C C8     . A A 1 32 ? 2.875   0.532   -15.264 1.00 0.00 ? 32 A A C8     1 
ATOM 1007 N N7     . A A 1 32 ? 2.790   1.315   -14.242 1.00 0.00 ? 32 A A N7     1 
ATOM 1008 C C5     . A A 1 32 ? 1.420   1.287   -13.985 1.00 0.00 ? 32 A A C5     1 
ATOM 1009 C C6     . A A 1 32 ? 0.626   1.918   -13.026 1.00 0.00 ? 32 A A C6     1 
ATOM 1010 N N6     . A A 1 32 ? 1.112   2.735   -12.097 1.00 0.00 ? 32 A A N6     1 
ATOM 1011 N N1     . A A 1 32 ? -0.692  1.675   -13.062 1.00 0.00 ? 32 A A N1     1 
ATOM 1012 C C2     . A A 1 32 ? -1.200  0.859   -13.992 1.00 0.00 ? 32 A A C2     1 
ATOM 1013 N N3     . A A 1 32 ? -0.543  0.211   -14.944 1.00 0.00 ? 32 A A N3     1 
ATOM 1014 C C4     . A A 1 32 ? 0.770   0.470   -14.884 1.00 0.00 ? 32 A A C4     1 
ATOM 1015 H "H5'"  . A A 1 32 ? 5.102   -1.829  -18.635 1.00 0.00 ? 32 A A "H5'"  1 
ATOM 1016 H "H5''" . A A 1 32 ? 4.626   -0.733  -19.949 1.00 0.00 ? 32 A A "H5''" 1 
ATOM 1017 H "H4'"  . A A 1 32 ? 2.708   -2.090  -19.209 1.00 0.00 ? 32 A A "H4'"  1 
ATOM 1018 H "H3'"  . A A 1 32 ? 2.726   0.861   -18.553 1.00 0.00 ? 32 A A "H3'"  1 
ATOM 1019 H "H2'"  . A A 1 32 ? 0.568   0.708   -17.749 1.00 0.00 ? 32 A A "H2'"  1 
ATOM 1020 H "HO2'" . A A 1 32 ? -0.510  -0.440  -19.275 1.00 0.00 ? 32 A A "HO2'" 1 
ATOM 1021 H "H1'"  . A A 1 32 ? 0.860   -1.776  -16.529 1.00 0.00 ? 32 A A "H1'"  1 
ATOM 1022 H H8     . A A 1 32 ? 3.825   0.357   -15.760 1.00 0.00 ? 32 A A H8     1 
ATOM 1023 H H61    . A A 1 32 ? 0.490   3.170   -11.430 1.00 0.00 ? 32 A A H61    1 
ATOM 1024 H H62    . A A 1 32 ? 2.102   2.926   -12.061 1.00 0.00 ? 32 A A H62    1 
ATOM 1025 H H2     . A A 1 32 ? -2.279  0.709   -13.963 1.00 0.00 ? 32 A A H2     1 
ATOM 1026 P P      . G A 1 33 ? 1.622   1.532   -20.943 1.00 0.00 ? 33 G A P      1 
ATOM 1027 O OP1    . G A 1 33 ? 1.579   1.385   -22.415 1.00 0.00 ? 33 G A OP1    1 
ATOM 1028 O OP2    . G A 1 33 ? 2.549   2.507   -20.325 1.00 0.00 ? 33 G A OP2    1 
ATOM 1029 O "O5'"  . G A 1 33 ? 0.138   1.849   -20.423 1.00 0.00 ? 33 G A "O5'"  1 
ATOM 1030 C "C5'"  . G A 1 33 ? -0.970  1.081   -20.904 1.00 0.00 ? 33 G A "C5'"  1 
ATOM 1031 C "C4'"  . G A 1 33 ? -2.249  1.427   -20.157 1.00 0.00 ? 33 G A "C4'"  1 
ATOM 1032 O "O4'"  . G A 1 33 ? -2.075  1.211   -18.746 1.00 0.00 ? 33 G A "O4'"  1 
ATOM 1033 C "C3'"  . G A 1 33 ? -2.600  2.890   -20.297 1.00 0.00 ? 33 G A "C3'"  1 
ATOM 1034 O "O3'"  . G A 1 33 ? -3.349  3.112   -21.504 1.00 0.00 ? 33 G A "O3'"  1 
ATOM 1035 C "C2'"  . G A 1 33 ? -3.409  3.178   -19.068 1.00 0.00 ? 33 G A "C2'"  1 
ATOM 1036 O "O2'"  . G A 1 33 ? -4.804  2.931   -19.292 1.00 0.00 ? 33 G A "O2'"  1 
ATOM 1037 C "C1'"  . G A 1 33 ? -2.833  2.220   -18.027 1.00 0.00 ? 33 G A "C1'"  1 
ATOM 1038 N N9     . G A 1 33 ? -1.941  2.931   -17.089 1.00 0.00 ? 33 G A N9     1 
ATOM 1039 C C8     . G A 1 33 ? -0.587  2.934   -17.025 1.00 0.00 ? 33 G A C8     1 
ATOM 1040 N N7     . G A 1 33 ? -0.033  3.589   -16.063 1.00 0.00 ? 33 G A N7     1 
ATOM 1041 C C5     . G A 1 33 ? -1.146  4.100   -15.393 1.00 0.00 ? 33 G A C5     1 
ATOM 1042 C C6     . G A 1 33 ? -1.216  4.919   -14.237 1.00 0.00 ? 33 G A C6     1 
ATOM 1043 O O6     . G A 1 33 ? -0.299  5.370   -13.557 1.00 0.00 ? 33 G A O6     1 
ATOM 1044 N N1     . G A 1 33 ? -2.529  5.206   -13.904 1.00 0.00 ? 33 G A N1     1 
ATOM 1045 C C2     . G A 1 33 ? -3.636  4.764   -14.591 1.00 0.00 ? 33 G A C2     1 
ATOM 1046 N N2     . G A 1 33 ? -4.811  5.154   -14.116 1.00 0.00 ? 33 G A N2     1 
ATOM 1047 N N3     . G A 1 33 ? -3.585  3.996   -15.675 1.00 0.00 ? 33 G A N3     1 
ATOM 1048 C C4     . G A 1 33 ? -2.318  3.700   -16.021 1.00 0.00 ? 33 G A C4     1 
ATOM 1049 H "H5'"  . G A 1 33 ? -0.755  0.021   -20.774 1.00 0.00 ? 33 G A "H5'"  1 
ATOM 1050 H "H5''" . G A 1 33 ? -1.112  1.287   -21.965 1.00 0.00 ? 33 G A "H5''" 1 
ATOM 1051 H "H4'"  . G A 1 33 ? -3.070  0.811   -20.518 1.00 0.00 ? 33 G A "H4'"  1 
ATOM 1052 H "H3'"  . G A 1 33 ? -1.690  3.495   -20.291 1.00 0.00 ? 33 G A "H3'"  1 
ATOM 1053 H "H2'"  . G A 1 33 ? -3.250  4.211   -18.750 1.00 0.00 ? 33 G A "H2'"  1 
ATOM 1054 H "HO2'" . G A 1 33 ? -5.127  3.629   -19.868 1.00 0.00 ? 33 G A "HO2'" 1 
ATOM 1055 H "H1'"  . G A 1 33 ? -3.644  1.748   -17.475 1.00 0.00 ? 33 G A "H1'"  1 
ATOM 1056 H H8     . G A 1 33 ? 0.011   2.423   -17.775 1.00 0.00 ? 33 G A H8     1 
ATOM 1057 H H1     . G A 1 33 ? -2.662  5.789   -13.092 1.00 0.00 ? 33 G A H1     1 
ATOM 1058 H H21    . G A 1 33 ? -4.857  5.738   -13.293 1.00 0.00 ? 33 G A H21    1 
ATOM 1059 H H22    . G A 1 33 ? -5.660  4.867   -14.580 1.00 0.00 ? 33 G A H22    1 
ATOM 1060 P P      . C A 1 34 ? -3.451  4.569   -22.175 1.00 0.00 ? 34 C A P      1 
ATOM 1061 O OP1    . C A 1 34 ? -4.063  4.424   -23.515 1.00 0.00 ? 34 C A OP1    1 
ATOM 1062 O OP2    . C A 1 34 ? -2.143  5.247   -22.025 1.00 0.00 ? 34 C A OP2    1 
ATOM 1063 O "O5'"  . C A 1 34 ? -4.515  5.291   -21.204 1.00 0.00 ? 34 C A "O5'"  1 
ATOM 1064 C "C5'"  . C A 1 34 ? -4.518  6.707   -21.011 1.00 0.00 ? 34 C A "C5'"  1 
ATOM 1065 C "C4'"  . C A 1 34 ? -5.127  7.071   -19.661 1.00 0.00 ? 34 C A "C4'"  1 
ATOM 1066 O "O4'"  . C A 1 34 ? -4.349  6.510   -18.585 1.00 0.00 ? 34 C A "O4'"  1 
ATOM 1067 C "C3'"  . C A 1 34 ? -5.109  8.566   -19.441 1.00 0.00 ? 34 C A "C3'"  1 
ATOM 1068 O "O3'"  . C A 1 34 ? -6.246  9.213   -20.033 1.00 0.00 ? 34 C A "O3'"  1 
ATOM 1069 C "C2'"  . C A 1 34 ? -5.116  8.684   -17.945 1.00 0.00 ? 34 C A "C2'"  1 
ATOM 1070 O "O2'"  . C A 1 34 ? -6.452  8.717   -17.429 1.00 0.00 ? 34 C A "O2'"  1 
ATOM 1071 C "C1'"  . C A 1 34 ? -4.376  7.437   -17.470 1.00 0.00 ? 34 C A "C1'"  1 
ATOM 1072 N N1     . C A 1 34 ? -3.000  7.797   -17.073 1.00 0.00 ? 34 C A N1     1 
ATOM 1073 C C2     . C A 1 34 ? -2.842  8.603   -15.955 1.00 0.00 ? 34 C A C2     1 
ATOM 1074 O O2     . C A 1 34 ? -3.815  8.927   -15.283 1.00 0.00 ? 34 C A O2     1 
ATOM 1075 N N3     . C A 1 34 ? -1.587  9.014   -15.628 1.00 0.00 ? 34 C A N3     1 
ATOM 1076 C C4     . C A 1 34 ? -0.531  8.644   -16.360 1.00 0.00 ? 34 C A C4     1 
ATOM 1077 N N4     . C A 1 34 ? 0.679   9.066   -16.013 1.00 0.00 ? 34 C A N4     1 
ATOM 1078 C C5     . C A 1 34 ? -0.685  7.803   -17.504 1.00 0.00 ? 34 C A C5     1 
ATOM 1079 C C6     . C A 1 34 ? -1.929  7.405   -17.824 1.00 0.00 ? 34 C A C6     1 
ATOM 1080 H "H5'"  . C A 1 34 ? -5.101  7.176   -21.806 1.00 0.00 ? 34 C A "H5'"  1 
ATOM 1081 H "H5''" . C A 1 34 ? -3.494  7.077   -21.052 1.00 0.00 ? 34 C A "H5''" 1 
ATOM 1082 H "H4'"  . C A 1 34 ? -6.149  6.701   -19.602 1.00 0.00 ? 34 C A "H4'"  1 
ATOM 1083 H "H3'"  . C A 1 34 ? -4.179  8.986   -19.835 1.00 0.00 ? 34 C A "H3'"  1 
ATOM 1084 H "H2'"  . C A 1 34 ? -4.571  9.575   -17.641 1.00 0.00 ? 34 C A "H2'"  1 
ATOM 1085 H "HO2'" . C A 1 34 ? -6.615  9.612   -17.123 1.00 0.00 ? 34 C A "HO2'" 1 
ATOM 1086 H "H1'"  . C A 1 34 ? -4.904  6.996   -16.624 1.00 0.00 ? 34 C A "H1'"  1 
ATOM 1087 H H41    . C A 1 34 ? 0.792   9.662   -15.204 1.00 0.00 ? 34 C A H41    1 
ATOM 1088 H H42    . C A 1 34 ? 1.486   8.792   -16.554 1.00 0.00 ? 34 C A H42    1 
ATOM 1089 H H5     . C A 1 34 ? 0.175   7.495   -18.096 1.00 0.00 ? 34 C A H5     1 
ATOM 1090 H H6     . C A 1 34 ? -2.084  6.761   -18.691 1.00 0.00 ? 34 C A H6     1 
ATOM 1091 P P      . A A 1 35 ? -6.186  10.778  -20.423 1.00 0.00 ? 35 A A P      1 
ATOM 1092 O OP1    . A A 1 35 ? -7.420  11.119  -21.167 1.00 0.00 ? 35 A A OP1    1 
ATOM 1093 O OP2    . A A 1 35 ? -4.860  11.053  -21.026 1.00 0.00 ? 35 A A OP2    1 
ATOM 1094 O "O5'"  . A A 1 35 ? -6.241  11.510  -18.986 1.00 0.00 ? 35 A A "O5'"  1 
ATOM 1095 C "C5'"  . A A 1 35 ? -7.452  11.523  -18.218 1.00 0.00 ? 35 A A "C5'"  1 
ATOM 1096 C "C4'"  . A A 1 35 ? -7.325  12.393  -16.968 1.00 0.00 ? 35 A A "C4'"  1 
ATOM 1097 O "O4'"  . A A 1 35 ? -6.235  11.949  -16.133 1.00 0.00 ? 35 A A "O4'"  1 
ATOM 1098 C "C3'"  . A A 1 35 ? -7.058  13.844  -17.332 1.00 0.00 ? 35 A A "C3'"  1 
ATOM 1099 O "O3'"  . A A 1 35 ? -8.262  14.623  -17.302 1.00 0.00 ? 35 A A "O3'"  1 
ATOM 1100 C "C2'"  . A A 1 35 ? -6.068  14.336  -16.309 1.00 0.00 ? 35 A A "C2'"  1 
ATOM 1101 O "O2'"  . A A 1 35 ? -6.718  15.141  -15.318 1.00 0.00 ? 35 A A "O2'"  1 
ATOM 1102 C "C1'"  . A A 1 35 ? -5.465  13.088  -15.682 1.00 0.00 ? 35 A A "C1'"  1 
ATOM 1103 N N9     . A A 1 35 ? -4.046  12.948  -16.065 1.00 0.00 ? 35 A A N9     1 
ATOM 1104 C C8     . A A 1 35 ? -3.460  12.058  -16.899 1.00 0.00 ? 35 A A C8     1 
ATOM 1105 N N7     . A A 1 35 ? -2.181  12.139  -17.057 1.00 0.00 ? 35 A A N7     1 
ATOM 1106 C C5     . A A 1 35 ? -1.866  13.221  -16.229 1.00 0.00 ? 35 A A C5     1 
ATOM 1107 C C6     . A A 1 35 ? -0.660  13.862  -15.919 1.00 0.00 ? 35 A A C6     1 
ATOM 1108 N N6     . A A 1 35 ? 0.513   13.488  -16.422 1.00 0.00 ? 35 A A N6     1 
ATOM 1109 N N1     . A A 1 35 ? -0.709  14.899  -15.070 1.00 0.00 ? 35 A A N1     1 
ATOM 1110 C C2     . A A 1 35 ? -1.874  15.288  -14.548 1.00 0.00 ? 35 A A C2     1 
ATOM 1111 N N3     . A A 1 35 ? -3.072  14.755  -14.768 1.00 0.00 ? 35 A A N3     1 
ATOM 1112 C C4     . A A 1 35 ? -2.996  13.718  -15.623 1.00 0.00 ? 35 A A C4     1 
ATOM 1113 H "H5'"  . A A 1 35 ? -7.693  10.504  -17.916 1.00 0.00 ? 35 A A "H5'"  1 
ATOM 1114 H "H5''" . A A 1 35 ? -8.261  11.910  -18.839 1.00 0.00 ? 35 A A "H5''" 1 
ATOM 1115 H "H4'"  . A A 1 35 ? -8.252  12.334  -16.399 1.00 0.00 ? 35 A A "H4'"  1 
ATOM 1116 H "H3'"  . A A 1 35 ? -6.604  13.891  -18.324 1.00 0.00 ? 35 A A "H3'"  1 
ATOM 1117 H "H2'"  . A A 1 35 ? -5.286  14.914  -16.803 1.00 0.00 ? 35 A A "H2'"  1 
ATOM 1118 H "HO2'" . A A 1 35 ? -7.622  14.822  -15.242 1.00 0.00 ? 35 A A "HO2'" 1 
ATOM 1119 H "H1'"  . A A 1 35 ? -5.535  13.163  -14.598 1.00 0.00 ? 35 A A "H1'"  1 
ATOM 1120 H H8     . A A 1 35 ? -4.048  11.316  -17.431 1.00 0.00 ? 35 A A H8     1 
ATOM 1121 H H61    . A A 1 35 ? 1.354   13.984  -16.165 1.00 0.00 ? 35 A A H61    1 
ATOM 1122 H H62    . A A 1 35 ? 0.563   12.706  -17.059 1.00 0.00 ? 35 A A H62    1 
ATOM 1123 H H2     . A A 1 35 ? -1.842  16.144  -13.875 1.00 0.00 ? 35 A A H2     1 
ATOM 1124 P P      . C A 1 36 ? -8.399  15.954  -18.203 1.00 0.00 ? 36 C A P      1 
ATOM 1125 O OP1    . C A 1 36 ? -9.611  16.686  -17.765 1.00 0.00 ? 36 C A OP1    1 
ATOM 1126 O OP2    . C A 1 36 ? -8.244  15.569  -19.623 1.00 0.00 ? 36 C A OP2    1 
ATOM 1127 O "O5'"  . C A 1 36 ? -7.102  16.814  -17.772 1.00 0.00 ? 36 C A "O5'"  1 
ATOM 1128 C "C5'"  . C A 1 36 ? -7.209  17.896  -16.838 1.00 0.00 ? 36 C A "C5'"  1 
ATOM 1129 C "C4'"  . C A 1 36 ? -6.180  18.990  -17.117 1.00 0.00 ? 36 C A "C4'"  1 
ATOM 1130 O "O4'"  . C A 1 36 ? -4.839  18.535  -16.860 1.00 0.00 ? 36 C A "O4'"  1 
ATOM 1131 C "C3'"  . C A 1 36 ? -6.236  19.433  -18.570 1.00 0.00 ? 36 C A "C3'"  1 
ATOM 1132 O "O3'"  . C A 1 36 ? -7.008  20.632  -18.717 1.00 0.00 ? 36 C A "O3'"  1 
ATOM 1133 C "C2'"  . C A 1 36 ? -4.798  19.637  -18.991 1.00 0.00 ? 36 C A "C2'"  1 
ATOM 1134 O "O2'"  . C A 1 36 ? -4.516  21.022  -19.231 1.00 0.00 ? 36 C A "O2'"  1 
ATOM 1135 C "C1'"  . C A 1 36 ? -3.948  19.104  -17.843 1.00 0.00 ? 36 C A "C1'"  1 
ATOM 1136 N N1     . C A 1 36 ? -2.980  18.099  -18.330 1.00 0.00 ? 36 C A N1     1 
ATOM 1137 C C2     . C A 1 36 ? -1.782  18.566  -18.851 1.00 0.00 ? 36 C A C2     1 
ATOM 1138 O O2     . C A 1 36 ? -1.559  19.774  -18.903 1.00 0.00 ? 36 C A O2     1 
ATOM 1139 N N3     . C A 1 36 ? -0.877  17.658  -19.301 1.00 0.00 ? 36 C A N3     1 
ATOM 1140 C C4     . C A 1 36 ? -1.132  16.348  -19.244 1.00 0.00 ? 36 C A C4     1 
ATOM 1141 N N4     . C A 1 36 ? -0.222  15.491  -19.697 1.00 0.00 ? 36 C A N4     1 
ATOM 1142 C C5     . C A 1 36 ? -2.365  15.859  -18.710 1.00 0.00 ? 36 C A C5     1 
ATOM 1143 C C6     . C A 1 36 ? -3.258  16.765  -18.265 1.00 0.00 ? 36 C A C6     1 
ATOM 1144 H "H5'"  . C A 1 36 ? -7.056  17.513  -15.829 1.00 0.00 ? 36 C A "H5'"  1 
ATOM 1145 H "H5''" . C A 1 36 ? -8.210  18.326  -16.905 1.00 0.00 ? 36 C A "H5''" 1 
ATOM 1146 H "H4'"  . C A 1 36 ? -6.390  19.847  -16.478 1.00 0.00 ? 36 C A "H4'"  1 
ATOM 1147 H "H3'"  . C A 1 36 ? -6.671  18.632  -19.172 1.00 0.00 ? 36 C A "H3'"  1 
ATOM 1148 H "HO3'" . C A 1 36 ? -7.886  20.451  -18.377 1.00 0.00 ? 36 C A "HO3'" 1 
ATOM 1149 H "H2'"  . C A 1 36 ? -4.599  19.054  -19.892 1.00 0.00 ? 36 C A "H2'"  1 
ATOM 1150 H "HO2'" . C A 1 36 ? -3.576  21.094  -19.419 1.00 0.00 ? 36 C A "HO2'" 1 
ATOM 1151 H "H1'"  . C A 1 36 ? -3.403  19.934  -17.391 1.00 0.00 ? 36 C A "H1'"  1 
ATOM 1152 H H41    . C A 1 36 ? 0.649   15.836  -20.074 1.00 0.00 ? 36 C A H41    1 
ATOM 1153 H H42    . C A 1 36 ? -0.401  14.499  -19.664 1.00 0.00 ? 36 C A H42    1 
ATOM 1154 H H5     . C A 1 36 ? -2.574  14.790  -18.664 1.00 0.00 ? 36 C A H5     1 
ATOM 1155 H H6     . C A 1 36 ? -4.211  16.431  -17.856 1.00 0.00 ? 36 C A H6     1 
# 
